data_7QFX
#
_entry.id   7QFX
#
_cell.length_a   157.533
_cell.length_b   65.388
_cell.length_c   181.417
_cell.angle_alpha   90.000
_cell.angle_beta   107.760
_cell.angle_gamma   90.000
#
_symmetry.space_group_name_H-M   'C 1 2 1'
#
loop_
_entity.id
_entity.type
_entity.pdbx_description
1 polymer 'NADH-dependent flavin oxidoreductase'
2 non-polymer 'SULFATE ION'
3 non-polymer 'FLAVIN MONONUCLEOTIDE'
4 non-polymer (4S)-2-METHYL-2,4-PENTANEDIOL
5 water water
#
_entity_poly.entity_id   1
_entity_poly.type   'polypeptide(L)'
_entity_poly.pdbx_seq_one_letter_code
;MKDIKVEPAKGISYFTPAQETPAGTAANPQTSGKAIPKLFQPITIRGLTFQNRLGVSPMCQYSAEDGHMTDYHLAHLGGI
AQRGPGLIMIEATAVQPEGRISPQDVGLWKDSQIAPIARVIEFAHSQGQKIGIQLAHAGRKASTTVPWMLNHGSIATENV
GGWPDNVKGPSDIPFSETFPRPRAMTQDDIREFKEAWVAAAKRALVAGADFIEIHNAHGYLLASFLTPYANKRTDEYGGS
FENRMRLPLKIAQLTRDTVGEHVPVFLRLSASDWLGSTSTETWDLQHAVRFAEALADQGAIDLVDVSSGGLHSSQEVKSG
PGFQAPFGIAVKKAVGERMLVATVGHIRDGKLANRLLEEEGLDVVLVGRGFQKDPGLVWTFAQHLDVEVAMPGQIRWGFS
KQGRRGTPFVDPSVYKPSVIEP
;
_entity_poly.pdbx_strand_id   B,C,E,G
#
# COMPACT_ATOMS: atom_id res chain seq x y z
N ASP A 3 3.19 17.69 -18.48
CA ASP A 3 4.63 17.44 -18.63
C ASP A 3 5.14 16.56 -17.49
N ILE A 4 4.92 15.26 -17.63
CA ILE A 4 5.27 14.32 -16.57
C ILE A 4 6.62 13.70 -16.90
N LYS A 5 7.18 13.12 -15.88
CA LYS A 5 8.48 12.51 -15.86
C LYS A 5 8.33 11.02 -15.59
N VAL A 6 9.19 10.22 -16.19
CA VAL A 6 9.21 8.81 -15.87
C VAL A 6 10.26 8.61 -14.78
N GLU A 7 9.77 8.35 -13.56
CA GLU A 7 10.61 8.26 -12.36
C GLU A 7 11.42 6.98 -12.34
N PRO A 8 12.70 7.02 -11.98
CA PRO A 8 13.43 5.77 -11.73
C PRO A 8 12.88 5.07 -10.51
N ALA A 9 13.17 3.77 -10.39
CA ALA A 9 12.78 3.07 -9.17
C ALA A 9 13.71 3.55 -8.07
N LYS A 10 13.49 3.15 -6.82
CA LYS A 10 14.22 3.75 -5.70
C LYS A 10 15.17 2.72 -5.07
N GLY A 11 16.41 3.10 -4.82
CA GLY A 11 17.28 2.25 -4.03
C GLY A 11 18.08 1.24 -4.82
N ILE A 12 18.08 1.36 -6.14
CA ILE A 12 18.66 0.43 -7.13
C ILE A 12 19.89 0.99 -7.83
N SER A 13 20.84 0.09 -8.11
CA SER A 13 22.02 0.42 -8.91
C SER A 13 21.67 1.20 -10.17
N TYR A 14 20.71 0.70 -10.94
CA TYR A 14 20.46 1.08 -12.32
C TYR A 14 19.08 1.71 -12.47
N PHE A 15 18.89 2.37 -13.60
CA PHE A 15 17.60 2.96 -13.89
C PHE A 15 16.61 1.87 -14.31
N THR A 16 15.35 2.04 -13.88
CA THR A 16 14.28 1.19 -14.38
C THR A 16 13.00 1.91 -14.00
N PRO A 17 12.07 2.08 -14.95
CA PRO A 17 10.80 2.76 -14.63
C PRO A 17 10.21 2.29 -13.31
N ALA A 18 9.80 3.20 -12.44
CA ALA A 18 9.30 2.79 -11.13
C ALA A 18 7.86 2.31 -11.23
N GLN A 19 7.51 1.36 -10.38
CA GLN A 19 6.19 0.72 -10.40
C GLN A 19 5.37 1.22 -9.22
N GLU A 20 4.51 2.23 -9.44
CA GLU A 20 3.76 2.82 -8.34
C GLU A 20 2.83 1.83 -7.68
N THR A 21 2.07 1.09 -8.48
CA THR A 21 1.26 0.04 -7.88
C THR A 21 1.94 -1.28 -8.21
N PRO A 22 2.42 -2.03 -7.20
CA PRO A 22 3.07 -3.30 -7.50
C PRO A 22 2.20 -4.23 -8.32
N ALA A 23 2.83 -5.14 -9.06
CA ALA A 23 2.03 -6.11 -9.83
C ALA A 23 1.37 -7.09 -8.85
N GLY A 24 0.27 -7.72 -9.26
CA GLY A 24 -0.43 -8.66 -8.38
C GLY A 24 -1.27 -7.91 -7.37
N THR A 25 -1.18 -6.59 -7.39
CA THR A 25 -2.00 -5.74 -6.49
C THR A 25 -3.36 -5.52 -7.14
N ALA A 26 -4.41 -6.06 -6.53
CA ALA A 26 -5.78 -5.90 -7.07
C ALA A 26 -6.19 -4.44 -6.99
N ALA A 27 -7.41 -4.13 -7.44
CA ALA A 27 -7.93 -2.75 -7.32
C ALA A 27 -8.73 -2.66 -6.03
N ASN A 28 -8.28 -1.82 -5.08
CA ASN A 28 -9.00 -1.64 -3.78
C ASN A 28 -10.49 -1.48 -4.07
N PRO A 29 -10.93 -0.49 -4.87
CA PRO A 29 -12.31 -0.39 -5.29
C PRO A 29 -12.36 -1.14 -6.63
N GLN A 30 -12.71 -2.43 -6.60
CA GLN A 30 -12.85 -3.21 -7.86
C GLN A 30 -13.95 -2.60 -8.72
N THR A 31 -13.61 -2.19 -9.94
CA THR A 31 -14.60 -1.59 -10.86
C THR A 31 -15.91 -2.37 -10.84
N SER A 32 -15.85 -3.70 -10.85
CA SER A 32 -17.08 -4.48 -10.92
C SER A 32 -17.95 -4.38 -9.68
N GLY A 33 -17.36 -3.94 -8.56
CA GLY A 33 -18.10 -3.92 -7.29
C GLY A 33 -17.93 -5.24 -6.57
N LYS A 34 -17.43 -6.25 -7.29
CA LYS A 34 -17.21 -7.59 -6.68
C LYS A 34 -16.15 -7.47 -5.58
N ALA A 35 -16.28 -8.28 -4.53
CA ALA A 35 -15.34 -8.20 -3.39
C ALA A 35 -14.05 -8.93 -3.74
N ILE A 36 -12.91 -8.32 -3.41
CA ILE A 36 -11.60 -8.96 -3.69
C ILE A 36 -11.59 -10.34 -3.04
N PRO A 37 -11.33 -11.43 -3.79
CA PRO A 37 -11.25 -12.75 -3.20
C PRO A 37 -10.08 -12.74 -2.20
N LYS A 38 -10.12 -13.65 -1.24
CA LYS A 38 -9.00 -13.73 -0.27
C LYS A 38 -7.67 -13.82 -1.04
N LEU A 39 -7.59 -14.69 -2.05
CA LEU A 39 -6.33 -14.89 -2.81
C LEU A 39 -5.67 -13.54 -3.12
N PHE A 40 -6.45 -12.56 -3.57
CA PHE A 40 -5.87 -11.26 -3.98
C PHE A 40 -6.01 -10.26 -2.82
N GLN A 41 -6.19 -10.78 -1.59
CA GLN A 41 -6.24 -9.90 -0.40
C GLN A 41 -4.83 -9.87 0.21
N PRO A 42 -4.31 -8.69 0.60
CA PRO A 42 -2.93 -8.59 1.10
C PRO A 42 -2.74 -9.24 2.47
N ILE A 43 -1.52 -9.70 2.77
CA ILE A 43 -1.21 -10.31 4.10
C ILE A 43 -0.04 -9.55 4.71
N THR A 44 -0.09 -9.32 6.01
CA THR A 44 1.01 -8.59 6.70
C THR A 44 1.59 -9.48 7.80
N ILE A 45 2.85 -9.86 7.65
CA ILE A 45 3.53 -10.65 8.71
C ILE A 45 4.59 -9.72 9.31
N ARG A 46 4.69 -9.66 10.63
CA ARG A 46 5.61 -8.68 11.24
C ARG A 46 5.25 -7.33 10.61
N GLY A 47 6.24 -6.61 10.08
CA GLY A 47 5.93 -5.34 9.39
C GLY A 47 5.83 -5.54 7.89
N LEU A 48 6.09 -6.76 7.41
CA LEU A 48 6.10 -7.02 5.95
C LEU A 48 4.67 -7.20 5.44
N THR A 49 4.35 -6.57 4.31
CA THR A 49 3.00 -6.70 3.71
C THR A 49 3.09 -7.28 2.29
N PHE A 50 2.41 -8.39 2.03
CA PHE A 50 2.38 -9.02 0.69
C PHE A 50 1.10 -8.58 -0.01
N GLN A 51 1.15 -8.31 -1.32
CA GLN A 51 -0.03 -7.75 -2.05
C GLN A 51 -1.05 -8.84 -2.39
N ASN A 52 -0.65 -10.11 -2.31
CA ASN A 52 -1.61 -11.21 -2.59
C ASN A 52 -1.16 -12.49 -1.89
N ARG A 53 -2.03 -13.50 -1.85
CA ARG A 53 -1.72 -14.76 -1.15
C ARG A 53 -1.24 -15.81 -2.15
N LEU A 54 -0.87 -15.39 -3.36
CA LEU A 54 -0.31 -16.34 -4.35
C LEU A 54 1.21 -16.14 -4.39
N GLY A 55 1.95 -17.17 -3.97
CA GLY A 55 3.41 -17.04 -3.89
C GLY A 55 4.16 -18.09 -4.68
N VAL A 56 5.39 -17.77 -5.10
CA VAL A 56 6.24 -18.73 -5.86
C VAL A 56 6.95 -19.64 -4.86
N SER A 57 6.58 -20.91 -4.82
CA SER A 57 7.21 -21.91 -3.91
C SER A 57 8.68 -22.07 -4.28
N PRO A 58 9.57 -22.37 -3.30
CA PRO A 58 10.98 -22.56 -3.57
C PRO A 58 11.19 -23.64 -4.64
N MET A 59 11.93 -23.33 -5.70
CA MET A 59 12.24 -24.34 -6.75
C MET A 59 13.72 -24.27 -7.14
N CYS A 60 14.45 -25.37 -6.93
CA CYS A 60 15.89 -25.43 -7.25
C CYS A 60 16.07 -25.43 -8.76
N GLN A 61 17.19 -24.90 -9.25
CA GLN A 61 17.39 -24.76 -10.72
C GLN A 61 18.65 -25.52 -11.13
N TYR A 62 19.40 -26.05 -10.17
CA TYR A 62 20.63 -26.82 -10.45
C TYR A 62 21.43 -26.11 -11.54
N SER A 63 21.57 -24.78 -11.42
CA SER A 63 22.28 -23.98 -12.45
C SER A 63 23.27 -23.05 -11.77
N ALA A 64 23.76 -23.44 -10.60
CA ALA A 64 24.70 -22.59 -9.83
C ALA A 64 26.12 -23.14 -9.90
N GLU A 65 27.12 -22.26 -9.71
CA GLU A 65 28.53 -22.68 -9.74
C GLU A 65 29.20 -22.28 -8.42
N ASP A 66 29.54 -23.25 -7.59
CA ASP A 66 30.14 -22.97 -6.26
C ASP A 66 29.14 -22.20 -5.38
N GLY A 67 27.86 -22.59 -5.45
CA GLY A 67 26.83 -21.93 -4.64
C GLY A 67 26.54 -20.53 -5.14
N HIS A 68 27.13 -20.17 -6.28
CA HIS A 68 26.97 -18.80 -6.84
C HIS A 68 25.84 -18.78 -7.88
N MET A 69 25.01 -17.73 -7.84
CA MET A 69 23.89 -17.60 -8.79
C MET A 69 24.42 -16.89 -10.04
N THR A 70 23.77 -17.05 -11.19
CA THR A 70 24.30 -16.48 -12.45
C THR A 70 23.23 -15.63 -13.14
N ASP A 71 23.52 -15.17 -14.36
CA ASP A 71 22.54 -14.36 -15.14
C ASP A 71 21.27 -15.18 -15.36
N TYR A 72 21.34 -16.50 -15.16
CA TYR A 72 20.18 -17.40 -15.36
C TYR A 72 19.09 -17.07 -14.36
N HIS A 73 19.44 -17.04 -13.08
CA HIS A 73 18.44 -16.82 -12.01
C HIS A 73 17.75 -15.47 -12.16
N LEU A 74 18.40 -14.51 -12.82
CA LEU A 74 17.79 -13.18 -13.06
C LEU A 74 16.74 -13.31 -14.15
N ALA A 75 17.02 -14.09 -15.18
CA ALA A 75 16.04 -14.32 -16.25
C ALA A 75 14.95 -15.27 -15.74
N HIS A 76 15.30 -16.16 -14.83
CA HIS A 76 14.34 -17.15 -14.29
C HIS A 76 13.34 -16.46 -13.36
N LEU A 77 13.79 -15.98 -12.20
CA LEU A 77 12.86 -15.38 -11.20
C LEU A 77 12.41 -14.01 -11.71
N GLY A 78 13.27 -13.29 -12.42
CA GLY A 78 12.94 -11.95 -12.92
C GLY A 78 11.57 -11.88 -13.57
N GLY A 79 11.37 -12.60 -14.68
CA GLY A 79 10.09 -12.56 -15.39
C GLY A 79 8.94 -12.96 -14.48
N ILE A 80 9.11 -14.05 -13.73
CA ILE A 80 8.07 -14.49 -12.77
C ILE A 80 7.74 -13.32 -11.85
N ALA A 81 8.75 -12.69 -11.25
CA ALA A 81 8.53 -11.57 -10.32
C ALA A 81 7.83 -10.40 -11.04
N GLN A 82 8.21 -10.14 -12.28
CA GLN A 82 7.63 -9.00 -13.04
C GLN A 82 6.12 -9.18 -13.15
N ARG A 83 5.62 -10.42 -12.97
CA ARG A 83 4.18 -10.67 -13.16
C ARG A 83 3.46 -10.64 -11.81
N GLY A 84 4.12 -10.11 -10.78
CA GLY A 84 3.45 -9.87 -9.48
C GLY A 84 3.05 -11.07 -8.66
N PRO A 85 3.98 -11.97 -8.27
CA PRO A 85 3.61 -13.05 -7.36
C PRO A 85 3.68 -12.46 -5.93
N GLY A 86 2.65 -12.69 -5.13
CA GLY A 86 2.60 -12.11 -3.77
C GLY A 86 3.94 -12.17 -3.09
N LEU A 87 4.55 -13.34 -3.09
CA LEU A 87 5.90 -13.50 -2.53
C LEU A 87 6.70 -14.47 -3.41
N ILE A 88 8.02 -14.30 -3.48
CA ILE A 88 8.88 -15.22 -4.27
C ILE A 88 9.92 -15.81 -3.32
N MET A 89 9.97 -17.14 -3.24
CA MET A 89 10.99 -17.81 -2.39
C MET A 89 12.15 -18.26 -3.24
N ILE A 90 13.37 -17.89 -2.85
CA ILE A 90 14.58 -18.36 -3.58
C ILE A 90 14.79 -19.83 -3.19
N GLU A 91 15.26 -20.65 -4.14
CA GLU A 91 15.44 -22.10 -3.89
C GLU A 91 16.28 -22.37 -2.64
N ALA A 92 16.31 -23.63 -2.23
CA ALA A 92 17.11 -24.01 -1.05
C ALA A 92 18.53 -23.47 -1.17
N THR A 93 18.90 -22.52 -0.31
CA THR A 93 20.30 -22.02 -0.28
C THR A 93 21.03 -22.77 0.83
N ALA A 94 22.12 -23.47 0.50
CA ALA A 94 22.82 -24.33 1.48
C ALA A 94 23.63 -23.49 2.47
N VAL A 95 23.54 -23.86 3.75
CA VAL A 95 24.30 -23.14 4.82
C VAL A 95 25.71 -23.73 4.88
N GLN A 96 25.88 -24.96 4.40
CA GLN A 96 27.21 -25.63 4.36
C GLN A 96 27.41 -26.30 3.00
N PRO A 97 28.64 -26.31 2.44
CA PRO A 97 28.90 -26.93 1.15
C PRO A 97 28.43 -28.39 1.08
N GLU A 98 28.62 -29.13 2.17
CA GLU A 98 28.25 -30.57 2.20
C GLU A 98 26.74 -30.69 2.38
N GLY A 99 26.05 -29.58 2.64
CA GLY A 99 24.60 -29.61 2.84
C GLY A 99 23.87 -29.31 1.54
N ARG A 100 24.62 -29.09 0.47
CA ARG A 100 24.00 -28.86 -0.86
C ARG A 100 23.38 -30.17 -1.34
N ILE A 101 22.22 -30.11 -1.98
CA ILE A 101 21.62 -31.33 -2.55
C ILE A 101 22.48 -31.76 -3.73
N SER A 102 22.89 -30.81 -4.57
CA SER A 102 23.72 -31.14 -5.76
C SER A 102 24.90 -30.18 -5.84
N PRO A 103 25.97 -30.52 -6.57
CA PRO A 103 27.11 -29.62 -6.75
C PRO A 103 26.70 -28.34 -7.47
N GLN A 104 25.45 -28.26 -7.93
CA GLN A 104 24.96 -27.07 -8.69
C GLN A 104 23.92 -26.31 -7.88
N ASP A 105 23.90 -26.53 -6.57
CA ASP A 105 22.93 -25.85 -5.68
C ASP A 105 23.40 -24.43 -5.36
N VAL A 106 22.47 -23.55 -5.01
CA VAL A 106 22.84 -22.16 -4.62
C VAL A 106 23.28 -22.21 -3.16
N GLY A 107 24.28 -21.40 -2.79
CA GLY A 107 24.82 -21.50 -1.43
C GLY A 107 24.96 -20.15 -0.75
N LEU A 108 25.10 -20.17 0.57
CA LEU A 108 25.29 -18.93 1.36
C LEU A 108 26.20 -19.29 2.54
N TRP A 109 27.24 -20.09 2.28
CA TRP A 109 28.22 -20.48 3.33
C TRP A 109 29.44 -19.56 3.22
N LYS A 110 29.58 -18.87 2.09
CA LYS A 110 30.67 -17.87 1.96
C LYS A 110 30.04 -16.50 1.71
N ASP A 111 30.86 -15.48 1.46
CA ASP A 111 30.32 -14.11 1.31
C ASP A 111 30.39 -13.68 -0.16
N SER A 112 31.01 -14.51 -1.00
CA SER A 112 31.04 -14.22 -2.46
C SER A 112 29.71 -14.67 -3.06
N GLN A 113 28.91 -15.37 -2.27
CA GLN A 113 27.63 -15.93 -2.76
C GLN A 113 26.47 -14.98 -2.45
N ILE A 114 26.77 -13.74 -2.06
CA ILE A 114 25.70 -12.78 -1.66
C ILE A 114 25.32 -11.93 -2.86
N ALA A 115 26.28 -11.20 -3.42
CA ALA A 115 25.98 -10.29 -4.54
C ALA A 115 25.21 -11.05 -5.61
N PRO A 116 25.62 -12.26 -6.05
CA PRO A 116 24.81 -13.03 -6.97
C PRO A 116 23.35 -13.03 -6.53
N ILE A 117 23.07 -13.56 -5.34
CA ILE A 117 21.67 -13.67 -4.83
C ILE A 117 21.03 -12.29 -4.67
N ALA A 118 21.82 -11.24 -4.50
CA ALA A 118 21.26 -9.90 -4.24
C ALA A 118 20.84 -9.19 -5.53
N ARG A 119 21.51 -9.47 -6.64
CA ARG A 119 21.19 -8.81 -7.93
C ARG A 119 19.75 -9.12 -8.32
N VAL A 120 19.33 -10.35 -8.04
CA VAL A 120 17.94 -10.78 -8.42
C VAL A 120 16.97 -10.13 -7.45
N ILE A 121 17.28 -10.15 -6.15
CA ILE A 121 16.42 -9.49 -5.13
C ILE A 121 16.30 -8.01 -5.52
N GLU A 122 17.39 -7.41 -5.96
CA GLU A 122 17.38 -5.98 -6.36
C GLU A 122 16.30 -5.77 -7.42
N PHE A 123 16.25 -6.63 -8.43
CA PHE A 123 15.24 -6.49 -9.52
C PHE A 123 13.84 -6.64 -8.94
N ALA A 124 13.63 -7.71 -8.16
CA ALA A 124 12.32 -7.91 -7.53
C ALA A 124 11.90 -6.62 -6.83
N HIS A 125 12.83 -6.02 -6.09
CA HIS A 125 12.53 -4.78 -5.34
C HIS A 125 12.19 -3.66 -6.31
N SER A 126 13.00 -3.49 -7.36
CA SER A 126 12.69 -2.48 -8.41
C SER A 126 11.24 -2.63 -8.88
N GLN A 127 10.69 -3.83 -8.77
CA GLN A 127 9.32 -4.08 -9.32
C GLN A 127 8.27 -3.87 -8.22
N GLY A 128 8.69 -3.84 -6.96
CA GLY A 128 7.75 -3.69 -5.82
C GLY A 128 7.41 -5.05 -5.23
N GLN A 129 8.23 -6.05 -5.51
CA GLN A 129 7.85 -7.43 -5.08
C GLN A 129 8.66 -7.83 -3.85
N LYS A 130 8.14 -8.78 -3.08
CA LYS A 130 8.82 -9.24 -1.85
C LYS A 130 9.42 -10.61 -2.11
N ILE A 131 10.74 -10.71 -2.00
CA ILE A 131 11.43 -12.01 -2.28
C ILE A 131 12.17 -12.46 -1.02
N GLY A 132 12.18 -13.76 -0.76
CA GLY A 132 12.88 -14.30 0.41
C GLY A 132 13.77 -15.47 0.04
N ILE A 133 14.34 -16.15 1.02
CA ILE A 133 15.31 -17.25 0.74
C ILE A 133 15.03 -18.43 1.66
N GLN A 134 15.12 -19.65 1.12
CA GLN A 134 14.93 -20.87 1.94
C GLN A 134 16.30 -21.46 2.28
N LEU A 135 16.80 -21.20 3.49
CA LEU A 135 18.09 -21.77 3.91
C LEU A 135 17.88 -23.26 4.13
N ALA A 136 18.91 -24.08 3.90
CA ALA A 136 18.65 -25.54 3.99
C ALA A 136 19.92 -26.39 4.12
N HIS A 137 19.76 -27.68 4.45
CA HIS A 137 20.89 -28.65 4.53
C HIS A 137 20.33 -29.99 4.04
N ALA A 138 20.96 -30.62 3.05
CA ALA A 138 20.39 -31.86 2.46
C ALA A 138 20.60 -33.09 3.34
N GLY A 139 21.41 -32.97 4.39
CA GLY A 139 21.63 -34.10 5.31
C GLY A 139 22.08 -35.34 4.59
N ARG A 140 21.31 -36.42 4.69
CA ARG A 140 21.72 -37.72 4.09
C ARG A 140 21.39 -37.75 2.59
N LYS A 141 20.73 -36.71 2.08
CA LYS A 141 20.31 -36.71 0.66
C LYS A 141 21.21 -35.78 -0.14
N ALA A 142 22.40 -35.47 0.37
CA ALA A 142 23.30 -34.51 -0.29
C ALA A 142 24.28 -35.26 -1.21
N SER A 143 25.12 -34.53 -1.94
CA SER A 143 26.05 -35.15 -2.91
C SER A 143 25.24 -36.07 -3.83
N THR A 144 24.13 -35.55 -4.38
CA THR A 144 23.28 -36.34 -5.30
C THR A 144 23.29 -35.67 -6.68
N THR A 145 22.81 -36.37 -7.71
CA THR A 145 22.88 -35.82 -9.09
C THR A 145 21.69 -34.91 -9.38
N VAL A 146 21.79 -34.06 -10.41
CA VAL A 146 20.66 -33.16 -10.77
C VAL A 146 19.48 -34.01 -11.24
N PRO A 147 18.22 -33.53 -11.16
CA PRO A 147 17.05 -34.35 -11.47
C PRO A 147 16.71 -34.58 -12.95
N TRP A 148 17.29 -33.79 -13.85
CA TRP A 148 16.99 -33.92 -15.29
C TRP A 148 18.04 -34.81 -15.96
N MET A 149 19.08 -35.20 -15.21
CA MET A 149 20.17 -36.04 -15.77
C MET A 149 19.75 -37.51 -15.68
N LEU A 150 20.21 -38.33 -16.63
CA LEU A 150 19.80 -39.76 -16.67
C LEU A 150 20.21 -40.47 -15.37
N ASN A 151 21.34 -40.06 -14.78
CA ASN A 151 21.81 -40.67 -13.51
C ASN A 151 21.02 -40.03 -12.35
N HIS A 152 19.77 -39.67 -12.59
CA HIS A 152 18.92 -39.07 -11.52
C HIS A 152 18.67 -40.11 -10.43
N GLY A 153 18.57 -39.66 -9.17
CA GLY A 153 18.39 -40.60 -8.04
C GLY A 153 19.68 -41.34 -7.74
N SER A 154 20.82 -40.71 -8.05
CA SER A 154 22.13 -41.39 -7.85
C SER A 154 23.10 -40.47 -7.11
N ILE A 155 24.29 -40.98 -6.79
CA ILE A 155 25.26 -40.18 -5.99
C ILE A 155 26.18 -39.39 -6.91
N ALA A 156 26.54 -38.17 -6.48
CA ALA A 156 27.48 -37.34 -7.26
C ALA A 156 28.89 -37.59 -6.73
N THR A 157 29.75 -38.20 -7.55
CA THR A 157 31.15 -38.48 -7.15
C THR A 157 31.97 -37.18 -7.23
N GLU A 158 33.15 -37.18 -6.60
CA GLU A 158 34.05 -36.01 -6.68
C GLU A 158 34.29 -35.69 -8.17
N ASN A 159 34.21 -36.71 -9.02
CA ASN A 159 34.38 -36.52 -10.48
C ASN A 159 33.41 -35.42 -10.92
N VAL A 160 32.12 -35.60 -10.61
CA VAL A 160 31.08 -34.58 -10.96
C VAL A 160 31.29 -33.35 -10.08
N GLY A 161 32.04 -33.51 -8.98
CA GLY A 161 32.24 -32.39 -8.03
C GLY A 161 31.50 -32.67 -6.75
N GLY A 162 31.19 -33.95 -6.49
CA GLY A 162 30.40 -34.31 -5.30
C GLY A 162 31.28 -34.61 -4.09
N TRP A 163 30.66 -34.92 -2.96
CA TRP A 163 31.41 -35.23 -1.72
C TRP A 163 30.85 -36.52 -1.15
N PRO A 164 30.94 -37.67 -1.86
CA PRO A 164 30.29 -38.89 -1.39
C PRO A 164 30.72 -39.37 0.00
N ASP A 165 31.70 -38.69 0.60
CA ASP A 165 32.22 -39.13 1.92
C ASP A 165 31.84 -38.10 2.98
N ASN A 166 31.81 -36.81 2.62
CA ASN A 166 31.48 -35.74 3.61
C ASN A 166 29.96 -35.56 3.71
N VAL A 167 29.19 -36.65 3.56
CA VAL A 167 27.70 -36.58 3.69
C VAL A 167 27.37 -36.78 5.17
N LYS A 168 26.85 -35.74 5.82
CA LYS A 168 26.57 -35.82 7.28
C LYS A 168 25.06 -35.75 7.54
N GLY A 169 24.52 -36.75 8.24
CA GLY A 169 23.09 -36.77 8.60
C GLY A 169 22.90 -37.19 10.06
N PRO A 170 21.65 -37.32 10.55
CA PRO A 170 21.41 -37.64 11.94
C PRO A 170 21.93 -39.03 12.35
N SER A 171 22.29 -39.86 11.36
CA SER A 171 22.79 -41.23 11.65
C SER A 171 23.42 -41.78 10.36
N ASP A 172 24.05 -42.95 10.45
CA ASP A 172 24.68 -43.58 9.25
C ASP A 172 23.59 -44.30 8.46
N ILE A 173 22.31 -44.06 8.79
CA ILE A 173 21.18 -44.67 8.05
C ILE A 173 21.03 -43.98 6.69
N PRO A 174 21.44 -44.62 5.57
CA PRO A 174 21.35 -44.00 4.25
C PRO A 174 19.91 -44.00 3.73
N PHE A 175 19.64 -43.13 2.75
CA PHE A 175 18.27 -43.02 2.19
C PHE A 175 17.95 -44.30 1.42
N SER A 176 18.89 -44.75 0.59
CA SER A 176 18.67 -45.97 -0.21
C SER A 176 20.00 -46.47 -0.77
N GLU A 177 20.02 -47.70 -1.27
CA GLU A 177 21.26 -48.29 -1.85
C GLU A 177 21.85 -47.31 -2.87
N THR A 178 20.98 -46.62 -3.61
CA THR A 178 21.44 -45.64 -4.62
C THR A 178 21.98 -44.40 -3.92
N PHE A 179 21.35 -44.02 -2.81
CA PHE A 179 21.76 -42.78 -2.09
C PHE A 179 23.10 -43.00 -1.38
N PRO A 180 23.83 -41.93 -1.03
CA PRO A 180 25.16 -42.06 -0.43
C PRO A 180 25.18 -42.61 1.00
N ARG A 181 26.37 -42.97 1.50
CA ARG A 181 26.51 -43.50 2.89
C ARG A 181 26.87 -42.34 3.81
N PRO A 182 25.97 -41.90 4.72
CA PRO A 182 26.24 -40.73 5.56
C PRO A 182 26.93 -41.03 6.89
N ARG A 183 27.62 -40.03 7.46
CA ARG A 183 28.27 -40.20 8.78
C ARG A 183 27.42 -39.50 9.83
N ALA A 184 27.11 -40.18 10.94
CA ALA A 184 26.34 -39.54 12.04
C ALA A 184 27.13 -38.32 12.51
N MET A 185 26.46 -37.18 12.68
CA MET A 185 27.19 -35.93 13.02
C MET A 185 27.62 -35.93 14.48
N THR A 186 28.81 -35.41 14.76
CA THR A 186 29.23 -35.25 16.18
C THR A 186 28.45 -34.09 16.76
N GLN A 187 28.41 -33.96 18.08
CA GLN A 187 27.73 -32.77 18.68
C GLN A 187 28.49 -31.53 18.21
N ASP A 188 29.81 -31.64 18.07
CA ASP A 188 30.60 -30.49 17.55
C ASP A 188 30.15 -30.22 16.11
N ASP A 189 29.74 -31.27 15.40
CA ASP A 189 29.21 -31.09 14.03
C ASP A 189 27.93 -30.27 14.12
N ILE A 190 26.98 -30.71 14.94
CA ILE A 190 25.69 -29.98 15.11
C ILE A 190 26.00 -28.53 15.49
N ARG A 191 26.94 -28.33 16.41
CA ARG A 191 27.32 -26.95 16.82
C ARG A 191 27.76 -26.19 15.58
N GLU A 192 28.71 -26.73 14.82
CA GLU A 192 29.20 -26.08 13.58
C GLU A 192 28.01 -25.81 12.65
N PHE A 193 27.08 -26.75 12.56
CA PHE A 193 25.90 -26.59 11.68
C PHE A 193 25.07 -25.39 12.12
N LYS A 194 24.63 -25.39 13.38
CA LYS A 194 23.85 -24.26 13.92
C LYS A 194 24.60 -22.96 13.65
N GLU A 195 25.91 -22.99 13.87
CA GLU A 195 26.72 -21.77 13.68
C GLU A 195 26.65 -21.34 12.21
N ALA A 196 26.75 -22.31 11.30
CA ALA A 196 26.67 -22.02 9.85
C ALA A 196 25.32 -21.38 9.53
N TRP A 197 24.25 -21.94 10.05
CA TRP A 197 22.90 -21.40 9.80
C TRP A 197 22.85 -19.91 10.11
N VAL A 198 23.26 -19.54 11.33
CA VAL A 198 23.23 -18.11 11.75
C VAL A 198 23.99 -17.28 10.71
N ALA A 199 25.20 -17.72 10.34
CA ALA A 199 26.03 -16.96 9.38
C ALA A 199 25.30 -16.83 8.04
N ALA A 200 24.70 -17.92 7.56
CA ALA A 200 23.97 -17.91 6.28
C ALA A 200 22.82 -16.91 6.33
N ALA A 201 21.99 -17.00 7.38
CA ALA A 201 20.88 -16.04 7.54
C ALA A 201 21.44 -14.63 7.52
N LYS A 202 22.58 -14.43 8.16
CA LYS A 202 23.18 -13.08 8.24
C LYS A 202 23.46 -12.54 6.84
N ARG A 203 24.09 -13.36 5.99
CA ARG A 203 24.44 -12.89 4.63
C ARG A 203 23.17 -12.75 3.78
N ALA A 204 22.13 -13.51 4.11
CA ALA A 204 20.83 -13.42 3.40
C ALA A 204 20.22 -12.04 3.66
N LEU A 205 20.29 -11.59 4.91
CA LEU A 205 19.77 -10.25 5.26
C LEU A 205 20.59 -9.21 4.50
N VAL A 206 21.88 -9.50 4.28
CA VAL A 206 22.76 -8.57 3.52
C VAL A 206 22.36 -8.58 2.05
N ALA A 207 21.84 -9.71 1.57
CA ALA A 207 21.42 -9.83 0.16
C ALA A 207 20.17 -8.97 -0.09
N GLY A 208 19.29 -8.87 0.91
CA GLY A 208 18.07 -8.04 0.76
C GLY A 208 16.83 -8.86 1.04
N ALA A 209 17.01 -10.05 1.60
CA ALA A 209 15.85 -10.95 1.85
C ALA A 209 14.80 -10.22 2.66
N ASP A 210 13.52 -10.42 2.33
CA ASP A 210 12.42 -9.82 3.11
C ASP A 210 11.92 -10.87 4.12
N PHE A 211 12.32 -12.12 3.93
CA PHE A 211 11.93 -13.20 4.88
C PHE A 211 12.85 -14.42 4.72
N ILE A 212 12.78 -15.35 5.66
CA ILE A 212 13.61 -16.59 5.59
C ILE A 212 12.73 -17.82 5.87
N GLU A 213 12.84 -18.84 5.02
CA GLU A 213 12.07 -20.09 5.25
C GLU A 213 13.05 -21.20 5.66
N ILE A 214 12.66 -22.01 6.64
CA ILE A 214 13.53 -23.13 7.10
C ILE A 214 13.10 -24.40 6.39
N HIS A 215 14.02 -25.04 5.69
CA HIS A 215 13.71 -26.32 5.00
C HIS A 215 13.77 -27.46 6.02
N ASN A 216 12.61 -27.83 6.57
CA ASN A 216 12.55 -28.95 7.54
C ASN A 216 11.78 -30.10 6.89
N ALA A 217 11.92 -30.26 5.58
CA ALA A 217 11.10 -31.27 4.88
C ALA A 217 11.90 -32.01 3.82
N HIS A 218 11.27 -32.99 3.17
CA HIS A 218 11.91 -33.69 2.02
C HIS A 218 13.10 -34.56 2.45
N GLY A 219 13.08 -35.08 3.68
CA GLY A 219 14.12 -36.04 4.12
C GLY A 219 15.51 -35.43 4.24
N TYR A 220 15.58 -34.11 4.36
CA TYR A 220 16.89 -33.43 4.54
C TYR A 220 17.27 -33.51 6.03
N LEU A 221 18.33 -32.83 6.46
CA LEU A 221 18.81 -33.02 7.86
C LEU A 221 17.70 -32.77 8.90
N LEU A 222 17.13 -31.58 8.95
CA LEU A 222 16.13 -31.26 10.01
C LEU A 222 15.02 -32.30 9.97
N ALA A 223 14.52 -32.62 8.78
CA ALA A 223 13.47 -33.65 8.65
C ALA A 223 14.05 -34.99 9.07
N SER A 224 15.27 -35.30 8.64
CA SER A 224 15.91 -36.59 8.97
C SER A 224 15.97 -36.75 10.49
N PHE A 225 16.06 -35.63 11.21
CA PHE A 225 16.14 -35.68 12.69
C PHE A 225 14.76 -36.01 13.26
N LEU A 226 13.70 -35.47 12.66
CA LEU A 226 12.33 -35.72 13.19
C LEU A 226 11.87 -37.12 12.79
N THR A 227 12.56 -37.76 11.84
CA THR A 227 12.12 -39.09 11.34
C THR A 227 12.86 -40.21 12.07
N PRO A 228 12.19 -40.96 12.97
CA PRO A 228 12.86 -41.99 13.78
C PRO A 228 13.69 -42.97 12.95
N TYR A 229 13.27 -43.26 11.72
CA TYR A 229 13.97 -44.29 10.91
C TYR A 229 15.36 -43.80 10.46
N ALA A 230 15.73 -42.58 10.86
CA ALA A 230 17.04 -42.02 10.40
C ALA A 230 17.71 -41.24 11.54
N ASN A 231 16.99 -41.02 12.65
CA ASN A 231 17.55 -40.23 13.78
C ASN A 231 17.58 -41.09 15.04
N LYS A 232 18.59 -41.96 15.17
CA LYS A 232 18.71 -42.83 16.35
C LYS A 232 20.11 -42.63 16.94
N ARG A 233 20.38 -41.45 17.48
CA ARG A 233 21.75 -41.13 17.97
C ARG A 233 21.88 -41.46 19.46
N THR A 234 20.78 -41.85 20.12
CA THR A 234 20.80 -42.17 21.58
C THR A 234 21.19 -40.93 22.39
N ASP A 235 21.53 -39.83 21.73
CA ASP A 235 21.95 -38.58 22.40
C ASP A 235 20.71 -37.80 22.83
N GLU A 236 20.90 -36.56 23.27
CA GLU A 236 19.73 -35.71 23.60
C GLU A 236 18.97 -35.44 22.30
N TYR A 237 19.62 -35.70 21.17
CA TYR A 237 18.99 -35.49 19.85
C TYR A 237 18.33 -36.78 19.38
N GLY A 238 18.71 -37.91 19.98
CA GLY A 238 18.19 -39.22 19.54
C GLY A 238 17.22 -39.81 20.55
N GLY A 239 16.13 -40.42 20.07
CA GLY A 239 15.20 -41.10 20.96
C GLY A 239 13.83 -40.46 21.02
N SER A 240 13.45 -39.94 22.19
CA SER A 240 12.10 -39.36 22.37
C SER A 240 11.72 -38.45 21.20
N PHE A 241 10.43 -38.39 20.87
CA PHE A 241 9.98 -37.44 19.82
C PHE A 241 10.59 -36.08 20.18
N GLU A 242 10.59 -35.76 21.48
CA GLU A 242 11.14 -34.47 21.95
C GLU A 242 12.63 -34.42 21.65
N ASN A 243 13.31 -35.56 21.79
CA ASN A 243 14.77 -35.63 21.55
C ASN A 243 15.07 -35.31 20.08
N ARG A 244 14.14 -35.67 19.20
CA ARG A 244 14.35 -35.45 17.74
C ARG A 244 13.88 -34.05 17.33
N MET A 245 13.00 -33.42 18.13
CA MET A 245 12.43 -32.10 17.75
C MET A 245 13.37 -30.97 18.17
N ARG A 246 14.45 -31.28 18.89
CA ARG A 246 15.30 -30.20 19.44
C ARG A 246 16.00 -29.43 18.32
N LEU A 247 16.91 -30.08 17.58
CA LEU A 247 17.68 -29.36 16.53
C LEU A 247 16.70 -28.52 15.68
N PRO A 248 15.59 -29.08 15.16
CA PRO A 248 14.62 -28.27 14.42
C PRO A 248 14.19 -27.03 15.22
N LEU A 249 13.61 -27.23 16.40
CA LEU A 249 13.12 -26.10 17.24
C LEU A 249 14.27 -25.14 17.56
N LYS A 250 15.47 -25.66 17.77
CA LYS A 250 16.65 -24.79 18.04
C LYS A 250 16.89 -23.88 16.84
N ILE A 251 16.94 -24.47 15.64
CA ILE A 251 17.23 -23.67 14.39
C ILE A 251 16.12 -22.63 14.24
N ALA A 252 14.90 -22.97 14.62
CA ALA A 252 13.78 -22.03 14.53
C ALA A 252 14.07 -20.80 15.39
N GLN A 253 14.33 -21.02 16.68
CA GLN A 253 14.66 -19.90 17.59
C GLN A 253 15.90 -19.19 17.07
N LEU A 254 16.95 -19.95 16.76
CA LEU A 254 18.22 -19.34 16.31
C LEU A 254 17.96 -18.44 15.10
N THR A 255 17.10 -18.86 14.18
CA THR A 255 16.77 -18.04 12.99
C THR A 255 16.03 -16.80 13.47
N ARG A 256 15.04 -16.97 14.33
CA ARG A 256 14.33 -15.80 14.90
C ARG A 256 15.33 -14.88 15.59
N ASP A 257 16.32 -15.46 16.26
CA ASP A 257 17.33 -14.64 16.98
C ASP A 257 18.15 -13.85 15.97
N THR A 258 18.72 -14.51 14.96
CA THR A 258 19.61 -13.81 14.00
C THR A 258 18.77 -12.76 13.26
N VAL A 259 17.63 -13.16 12.71
CA VAL A 259 16.73 -12.18 12.04
C VAL A 259 16.15 -11.31 13.14
N GLY A 260 15.57 -10.17 12.78
CA GLY A 260 15.04 -9.29 13.83
C GLY A 260 13.66 -9.71 14.27
N GLU A 261 12.78 -8.74 14.55
CA GLU A 261 11.38 -9.05 14.89
C GLU A 261 10.51 -8.48 13.78
N HIS A 262 11.15 -7.79 12.82
CA HIS A 262 10.42 -7.23 11.66
C HIS A 262 10.62 -8.12 10.43
N VAL A 263 11.36 -9.23 10.59
CA VAL A 263 11.64 -10.14 9.44
C VAL A 263 10.84 -11.42 9.63
N PRO A 264 9.81 -11.69 8.79
CA PRO A 264 9.00 -12.89 8.93
C PRO A 264 9.87 -14.13 8.75
N VAL A 265 9.56 -15.21 9.49
CA VAL A 265 10.35 -16.47 9.40
C VAL A 265 9.37 -17.63 9.17
N PHE A 266 9.53 -18.34 8.05
CA PHE A 266 8.62 -19.48 7.73
C PHE A 266 9.35 -20.79 7.97
N LEU A 267 8.62 -21.89 8.10
CA LEU A 267 9.25 -23.22 8.24
C LEU A 267 8.48 -24.22 7.38
N ARG A 268 9.14 -24.81 6.39
CA ARG A 268 8.49 -25.83 5.54
C ARG A 268 8.67 -27.19 6.19
N LEU A 269 7.57 -27.94 6.30
CA LEU A 269 7.64 -29.29 6.89
C LEU A 269 6.95 -30.29 5.97
N SER A 270 7.31 -31.56 6.09
CA SER A 270 6.60 -32.63 5.33
C SER A 270 5.52 -33.18 6.27
N ALA A 271 4.29 -33.32 5.80
CA ALA A 271 3.19 -33.75 6.71
C ALA A 271 2.99 -35.27 6.67
N SER A 272 3.68 -35.96 5.76
CA SER A 272 3.56 -37.44 5.72
C SER A 272 4.71 -38.06 4.93
N ASP A 273 5.00 -39.33 5.17
CA ASP A 273 6.04 -40.04 4.41
C ASP A 273 5.35 -40.99 3.43
N TRP A 274 4.03 -40.94 3.37
CA TRP A 274 3.28 -41.77 2.40
C TRP A 274 3.77 -43.20 2.47
N LEU A 275 4.02 -43.71 3.68
CA LEU A 275 4.45 -45.12 3.85
C LEU A 275 3.29 -45.95 4.40
N GLY A 276 2.21 -45.29 4.83
CA GLY A 276 1.06 -45.99 5.41
C GLY A 276 0.96 -47.42 4.91
N THR A 282 6.44 -43.83 12.27
CA THR A 282 6.52 -43.30 10.88
C THR A 282 5.95 -41.88 10.87
N TRP A 283 6.69 -40.91 10.31
CA TRP A 283 6.23 -39.50 10.36
C TRP A 283 4.85 -39.39 9.69
N ASP A 284 3.89 -38.78 10.39
CA ASP A 284 2.51 -38.73 9.85
C ASP A 284 1.84 -37.42 10.27
N LEU A 285 0.66 -37.13 9.72
CA LEU A 285 -0.02 -35.85 10.01
C LEU A 285 -0.04 -35.66 11.53
N GLN A 286 -0.12 -36.75 12.29
CA GLN A 286 -0.12 -36.67 13.77
C GLN A 286 1.24 -36.15 14.22
N HIS A 287 2.30 -36.91 13.95
CA HIS A 287 3.67 -36.43 14.30
C HIS A 287 3.82 -34.98 13.84
N ALA A 288 3.31 -34.66 12.64
CA ALA A 288 3.47 -33.31 12.08
C ALA A 288 2.69 -32.30 12.92
N VAL A 289 1.38 -32.52 13.11
CA VAL A 289 0.54 -31.58 13.89
C VAL A 289 1.22 -31.36 15.24
N ARG A 290 1.81 -32.43 15.80
CA ARG A 290 2.50 -32.33 17.10
C ARG A 290 3.65 -31.33 16.97
N PHE A 291 4.57 -31.58 16.04
CA PHE A 291 5.74 -30.69 15.85
C PHE A 291 5.24 -29.29 15.48
N ALA A 292 4.14 -29.22 14.73
CA ALA A 292 3.58 -27.92 14.31
C ALA A 292 3.12 -27.14 15.54
N GLU A 293 2.53 -27.84 16.51
CA GLU A 293 2.05 -27.17 17.75
C GLU A 293 3.27 -26.76 18.56
N ALA A 294 4.30 -27.60 18.61
CA ALA A 294 5.55 -27.25 19.30
C ALA A 294 6.09 -25.94 18.73
N LEU A 295 5.76 -25.63 17.47
CA LEU A 295 6.25 -24.39 16.82
C LEU A 295 5.33 -23.24 17.21
N ALA A 296 4.02 -23.49 17.23
CA ALA A 296 3.06 -22.45 17.66
C ALA A 296 3.34 -22.14 19.13
N ASP A 297 3.90 -23.10 19.85
CA ASP A 297 4.29 -22.85 21.27
C ASP A 297 5.50 -21.93 21.27
N GLN A 298 6.64 -22.41 20.79
CA GLN A 298 7.91 -21.61 20.75
C GLN A 298 7.63 -20.20 20.22
N GLY A 299 6.73 -20.05 19.26
CA GLY A 299 6.38 -18.70 18.76
C GLY A 299 7.52 -18.04 18.00
N ALA A 300 8.41 -18.85 17.42
CA ALA A 300 9.55 -18.31 16.65
C ALA A 300 9.18 -18.22 15.17
N ILE A 301 8.39 -19.18 14.68
CA ILE A 301 7.99 -19.22 13.25
C ILE A 301 6.66 -18.48 13.09
N ASP A 302 6.52 -17.72 12.02
CA ASP A 302 5.26 -16.98 11.76
C ASP A 302 4.38 -17.81 10.84
N LEU A 303 4.97 -18.58 9.92
CA LEU A 303 4.15 -19.35 8.94
C LEU A 303 4.72 -20.76 8.75
N VAL A 304 3.84 -21.76 8.72
CA VAL A 304 4.30 -23.16 8.47
C VAL A 304 4.00 -23.52 7.01
N ASP A 305 5.01 -23.93 6.25
CA ASP A 305 4.78 -24.37 4.85
C ASP A 305 4.50 -25.89 4.87
N VAL A 306 3.22 -26.26 4.79
CA VAL A 306 2.86 -27.71 4.90
C VAL A 306 3.05 -28.40 3.54
N SER A 307 3.93 -29.40 3.48
CA SER A 307 4.15 -30.17 2.24
C SER A 307 4.12 -31.67 2.60
N SER A 308 4.92 -32.49 1.91
CA SER A 308 4.98 -33.93 2.23
C SER A 308 6.00 -34.64 1.34
N GLY A 309 6.40 -35.86 1.72
CA GLY A 309 7.30 -36.66 0.87
C GLY A 309 8.77 -36.42 1.12
N GLY A 310 9.62 -37.29 0.57
CA GLY A 310 11.09 -37.12 0.70
C GLY A 310 11.63 -37.68 2.00
N LEU A 311 10.74 -37.98 2.96
CA LEU A 311 11.23 -38.43 4.29
C LEU A 311 11.90 -39.80 4.19
N HIS A 312 11.32 -40.70 3.40
CA HIS A 312 11.88 -42.08 3.35
C HIS A 312 11.64 -42.71 1.99
N SER A 313 12.65 -43.41 1.45
CA SER A 313 12.44 -44.16 0.19
C SER A 313 11.31 -45.16 0.46
N SER A 314 10.81 -45.83 -0.57
CA SER A 314 9.65 -46.74 -0.38
C SER A 314 8.41 -45.90 -0.01
N GLN A 315 8.45 -44.60 -0.25
CA GLN A 315 7.25 -43.75 -0.03
C GLN A 315 6.31 -43.95 -1.20
N GLU A 316 5.01 -43.74 -0.99
CA GLU A 316 4.02 -43.97 -2.08
C GLU A 316 3.11 -42.74 -2.15
N VAL A 317 3.63 -41.64 -2.71
CA VAL A 317 2.84 -40.38 -2.74
C VAL A 317 1.63 -40.54 -3.67
N LYS A 318 0.50 -39.95 -3.29
CA LYS A 318 -0.69 -39.98 -4.17
C LYS A 318 -0.89 -38.56 -4.70
N SER A 319 -0.21 -38.22 -5.80
CA SER A 319 -0.30 -36.87 -6.38
C SER A 319 -1.73 -36.58 -6.83
N GLY A 320 -2.06 -35.30 -6.97
CA GLY A 320 -3.42 -34.91 -7.37
C GLY A 320 -3.65 -33.44 -7.12
N PRO A 321 -4.60 -32.81 -7.82
CA PRO A 321 -4.93 -31.40 -7.58
C PRO A 321 -5.24 -31.15 -6.10
N GLY A 322 -4.35 -30.42 -5.41
CA GLY A 322 -4.55 -30.13 -3.97
C GLY A 322 -4.34 -31.37 -3.13
N PHE A 323 -3.46 -32.28 -3.55
CA PHE A 323 -3.29 -33.56 -2.83
C PHE A 323 -2.78 -33.36 -1.41
N GLN A 324 -2.07 -32.25 -1.13
CA GLN A 324 -1.48 -32.07 0.22
C GLN A 324 -2.14 -30.88 0.92
N ALA A 325 -3.30 -30.45 0.43
CA ALA A 325 -4.03 -29.35 1.08
C ALA A 325 -4.63 -29.82 2.41
N PRO A 326 -5.33 -30.96 2.48
CA PRO A 326 -5.86 -31.49 3.74
C PRO A 326 -4.80 -31.43 4.85
N PHE A 327 -3.58 -31.91 4.56
CA PHE A 327 -2.48 -31.91 5.57
C PHE A 327 -2.41 -30.55 6.26
N GLY A 328 -2.45 -29.47 5.48
CA GLY A 328 -2.30 -28.12 6.06
C GLY A 328 -3.56 -27.65 6.73
N ILE A 329 -4.72 -28.06 6.21
CA ILE A 329 -6.01 -27.70 6.87
C ILE A 329 -5.98 -28.31 8.27
N ALA A 330 -5.44 -29.52 8.40
CA ALA A 330 -5.32 -30.16 9.73
C ALA A 330 -4.36 -29.37 10.60
N VAL A 331 -3.21 -28.98 10.06
CA VAL A 331 -2.22 -28.16 10.83
C VAL A 331 -2.90 -26.85 11.23
N LYS A 332 -3.56 -26.19 10.29
CA LYS A 332 -4.28 -24.93 10.58
C LYS A 332 -5.26 -25.18 11.74
N LYS A 333 -5.90 -26.35 11.74
CA LYS A 333 -6.89 -26.68 12.79
C LYS A 333 -6.21 -26.65 14.14
N ALA A 334 -5.04 -27.28 14.26
CA ALA A 334 -4.36 -27.41 15.57
C ALA A 334 -3.47 -26.19 15.86
N VAL A 335 -3.56 -25.15 15.03
CA VAL A 335 -2.66 -23.98 15.22
C VAL A 335 -3.53 -22.72 15.31
N GLY A 336 -4.63 -22.69 14.57
CA GLY A 336 -5.51 -21.51 14.58
C GLY A 336 -4.77 -20.25 14.21
N GLU A 337 -5.12 -19.15 14.86
CA GLU A 337 -4.50 -17.85 14.50
C GLU A 337 -3.14 -17.72 15.19
N ARG A 338 -2.74 -18.76 15.93
CA ARG A 338 -1.41 -18.74 16.60
C ARG A 338 -0.30 -18.64 15.55
N MET A 339 -0.43 -19.38 14.45
CA MET A 339 0.56 -19.31 13.34
C MET A 339 -0.18 -19.29 11.99
N LEU A 340 0.46 -18.77 10.95
CA LEU A 340 -0.14 -18.80 9.59
C LEU A 340 0.26 -20.11 8.91
N VAL A 341 -0.59 -20.62 8.02
CA VAL A 341 -0.28 -21.89 7.32
C VAL A 341 -0.35 -21.68 5.79
N ALA A 342 0.57 -22.31 5.06
CA ALA A 342 0.59 -22.19 3.59
C ALA A 342 0.49 -23.58 2.95
N THR A 343 -0.34 -23.70 1.92
CA THR A 343 -0.50 -25.00 1.21
C THR A 343 0.21 -24.96 -0.15
N VAL A 344 0.70 -26.12 -0.60
CA VAL A 344 1.36 -26.23 -1.93
C VAL A 344 1.01 -27.61 -2.47
N GLY A 345 0.92 -27.76 -3.80
CA GLY A 345 0.67 -29.10 -4.37
C GLY A 345 -0.38 -29.11 -5.46
N HIS A 346 0.03 -29.07 -6.73
CA HIS A 346 -0.91 -29.16 -7.88
C HIS A 346 -2.12 -28.25 -7.72
N ILE A 347 -1.92 -27.01 -7.28
CA ILE A 347 -3.04 -26.02 -7.25
C ILE A 347 -2.99 -25.33 -8.60
N ARG A 348 -3.73 -25.84 -9.58
CA ARG A 348 -3.58 -25.34 -10.97
C ARG A 348 -4.63 -24.31 -11.37
N ASP A 349 -5.46 -23.86 -10.43
CA ASP A 349 -6.44 -22.80 -10.78
C ASP A 349 -6.77 -21.94 -9.55
N GLY A 350 -7.25 -20.71 -9.77
CA GLY A 350 -7.53 -19.79 -8.67
C GLY A 350 -8.72 -20.22 -7.84
N LYS A 351 -9.73 -20.80 -8.47
CA LYS A 351 -10.95 -21.18 -7.74
C LYS A 351 -10.58 -22.21 -6.67
N LEU A 352 -9.81 -23.24 -7.02
CA LEU A 352 -9.34 -24.21 -6.00
C LEU A 352 -8.54 -23.47 -4.94
N ALA A 353 -7.66 -22.57 -5.37
CA ALA A 353 -6.79 -21.81 -4.44
C ALA A 353 -7.63 -20.93 -3.50
N ASN A 354 -8.48 -20.06 -4.06
CA ASN A 354 -9.32 -19.16 -3.23
C ASN A 354 -10.12 -20.00 -2.24
N ARG A 355 -10.81 -21.02 -2.72
CA ARG A 355 -11.56 -21.94 -1.82
C ARG A 355 -10.65 -22.39 -0.69
N LEU A 356 -9.46 -22.89 -1.03
CA LEU A 356 -8.51 -23.39 -0.01
C LEU A 356 -8.25 -22.30 1.04
N LEU A 357 -8.43 -21.04 0.64
CA LEU A 357 -8.15 -19.90 1.56
C LEU A 357 -9.41 -19.54 2.35
N GLU A 358 -10.55 -19.40 1.67
CA GLU A 358 -11.79 -18.95 2.35
C GLU A 358 -12.50 -20.12 3.02
N GLU A 359 -12.85 -21.16 2.27
CA GLU A 359 -13.61 -22.28 2.81
C GLU A 359 -12.79 -23.13 3.78
N GLU A 360 -11.45 -23.00 3.76
CA GLU A 360 -10.62 -23.80 4.63
C GLU A 360 -9.72 -22.96 5.52
N GLY A 361 -9.83 -21.63 5.47
CA GLY A 361 -9.17 -20.77 6.42
C GLY A 361 -7.69 -20.55 6.21
N LEU A 362 -7.08 -21.19 5.21
CA LEU A 362 -5.63 -21.14 5.08
C LEU A 362 -5.21 -19.75 4.60
N ASP A 363 -3.93 -19.46 4.78
CA ASP A 363 -3.44 -18.08 4.77
C ASP A 363 -2.71 -17.72 3.50
N VAL A 364 -1.97 -18.64 2.91
CA VAL A 364 -1.18 -18.42 1.70
C VAL A 364 -1.33 -19.65 0.81
N VAL A 365 -1.45 -19.43 -0.50
CA VAL A 365 -1.36 -20.53 -1.48
C VAL A 365 -0.03 -20.41 -2.24
N LEU A 366 0.76 -21.47 -2.22
CA LEU A 366 2.06 -21.48 -2.88
C LEU A 366 2.01 -22.37 -4.12
N VAL A 367 2.47 -21.86 -5.26
CA VAL A 367 2.58 -22.64 -6.49
C VAL A 367 4.05 -22.75 -6.89
N GLY A 368 4.49 -23.98 -7.22
CA GLY A 368 5.77 -24.19 -7.88
C GLY A 368 5.71 -24.29 -9.41
N ARG A 369 5.37 -25.47 -9.91
CA ARG A 369 5.46 -25.76 -11.34
C ARG A 369 4.55 -24.89 -12.19
N GLY A 370 3.42 -24.46 -11.63
CA GLY A 370 2.56 -23.57 -12.39
C GLY A 370 3.28 -22.32 -12.84
N PHE A 371 4.25 -21.88 -12.06
CA PHE A 371 4.98 -20.66 -12.38
C PHE A 371 6.09 -20.92 -13.39
N GLN A 372 6.69 -22.10 -13.31
CA GLN A 372 7.64 -22.51 -14.33
C GLN A 372 6.97 -22.59 -15.70
N LYS A 373 5.76 -23.16 -15.78
CA LYS A 373 5.13 -23.24 -17.09
C LYS A 373 4.55 -21.91 -17.52
N ASP A 374 4.18 -21.09 -16.53
CA ASP A 374 3.41 -19.86 -16.72
C ASP A 374 3.90 -18.86 -15.69
N PRO A 375 4.94 -18.09 -16.01
CA PRO A 375 5.32 -16.99 -15.12
C PRO A 375 4.26 -15.89 -15.02
N GLY A 376 3.15 -16.02 -15.75
CA GLY A 376 2.01 -15.11 -15.63
C GLY A 376 0.87 -15.72 -14.85
N LEU A 377 1.13 -16.76 -14.06
CA LEU A 377 0.12 -17.43 -13.26
C LEU A 377 -0.80 -16.45 -12.55
N VAL A 378 -0.27 -15.40 -11.92
CA VAL A 378 -1.14 -14.46 -11.18
C VAL A 378 -2.18 -13.87 -12.13
N TRP A 379 -1.71 -13.40 -13.30
CA TRP A 379 -2.63 -12.92 -14.33
C TRP A 379 -3.66 -14.00 -14.68
N THR A 380 -3.23 -15.25 -14.71
CA THR A 380 -4.15 -16.31 -15.09
C THR A 380 -5.14 -16.58 -13.96
N PHE A 381 -4.64 -16.62 -12.72
CA PHE A 381 -5.55 -16.81 -11.59
C PHE A 381 -6.49 -15.62 -11.47
N ALA A 382 -6.01 -14.43 -11.81
CA ALA A 382 -6.88 -13.25 -11.79
C ALA A 382 -8.08 -13.47 -12.67
N GLN A 383 -7.86 -13.86 -13.93
CA GLN A 383 -8.98 -14.05 -14.85
C GLN A 383 -9.92 -15.15 -14.36
N HIS A 384 -9.35 -16.16 -13.71
CA HIS A 384 -10.17 -17.27 -13.17
C HIS A 384 -11.22 -16.74 -12.19
N LEU A 385 -10.92 -15.65 -11.50
CA LEU A 385 -11.85 -15.13 -10.47
C LEU A 385 -12.29 -13.70 -10.85
N ASP A 386 -12.15 -13.35 -12.12
CA ASP A 386 -12.61 -12.01 -12.59
C ASP A 386 -12.05 -10.94 -11.65
N VAL A 387 -10.74 -10.98 -11.39
CA VAL A 387 -10.10 -9.95 -10.52
C VAL A 387 -9.23 -9.05 -11.39
N GLU A 388 -9.29 -7.74 -11.16
CA GLU A 388 -8.40 -6.81 -11.91
C GLU A 388 -7.11 -6.62 -11.10
N VAL A 389 -5.96 -6.88 -11.73
CA VAL A 389 -4.69 -6.74 -11.02
C VAL A 389 -3.77 -5.80 -11.77
N ALA A 390 -2.87 -5.20 -11.02
CA ALA A 390 -1.88 -4.33 -11.63
C ALA A 390 -0.86 -5.19 -12.35
N MET A 391 -0.38 -4.70 -13.48
CA MET A 391 0.75 -5.30 -14.17
C MET A 391 1.73 -4.17 -14.49
N PRO A 392 3.02 -4.48 -14.60
CA PRO A 392 3.99 -3.41 -14.92
C PRO A 392 3.61 -2.65 -16.17
N GLY A 393 3.82 -1.33 -16.13
CA GLY A 393 3.51 -0.48 -17.28
C GLY A 393 4.06 -1.00 -18.60
N GLN A 394 5.26 -1.58 -18.55
CA GLN A 394 5.84 -2.20 -19.77
C GLN A 394 4.90 -3.32 -20.24
N ILE A 395 4.26 -4.07 -19.37
CA ILE A 395 3.42 -5.18 -19.90
C ILE A 395 1.97 -4.77 -20.25
N ARG A 396 1.29 -3.99 -19.40
CA ARG A 396 -0.16 -3.72 -19.56
C ARG A 396 -0.59 -2.70 -20.63
N TRP A 397 0.28 -1.81 -21.07
CA TRP A 397 -0.19 -0.73 -21.97
C TRP A 397 -0.84 -1.29 -23.24
N GLY A 398 -0.28 -2.32 -23.85
CA GLY A 398 -0.84 -2.84 -25.11
C GLY A 398 -2.16 -3.55 -24.89
N PHE A 399 -2.39 -4.04 -23.68
CA PHE A 399 -3.64 -4.77 -23.35
C PHE A 399 -4.73 -3.79 -22.87
N SER A 400 -4.61 -2.50 -23.19
CA SER A 400 -5.57 -1.49 -22.67
C SER A 400 -6.43 -0.92 -23.79
N LYS A 401 -7.64 -0.47 -23.43
CA LYS A 401 -8.57 0.13 -24.40
C LYS A 401 -8.71 1.63 -24.10
N ARG A 405 -6.61 2.60 -19.25
CA ARG A 405 -5.59 3.26 -20.11
C ARG A 405 -4.60 3.98 -19.21
N GLY A 406 -4.96 4.16 -17.95
CA GLY A 406 -4.08 4.82 -16.97
C GLY A 406 -4.19 4.08 -15.67
N THR A 407 -5.14 3.14 -15.62
CA THR A 407 -5.26 2.30 -14.42
C THR A 407 -4.10 1.33 -14.43
N PRO A 408 -3.52 1.00 -13.27
CA PRO A 408 -2.45 0.03 -13.23
C PRO A 408 -3.05 -1.36 -13.40
N PHE A 409 -4.38 -1.48 -13.40
CA PHE A 409 -5.01 -2.78 -13.41
C PHE A 409 -5.43 -3.20 -14.82
N VAL A 410 -5.41 -4.51 -15.08
CA VAL A 410 -5.79 -5.03 -16.39
C VAL A 410 -7.20 -5.58 -16.32
N ASP A 411 -7.97 -5.31 -17.36
CA ASP A 411 -9.31 -5.87 -17.47
C ASP A 411 -9.25 -7.39 -17.60
N PRO A 412 -9.62 -8.16 -16.57
CA PRO A 412 -9.55 -9.63 -16.68
C PRO A 412 -10.26 -10.20 -17.90
N SER A 413 -10.99 -9.40 -18.67
CA SER A 413 -11.66 -9.93 -19.84
C SER A 413 -10.80 -9.87 -21.09
N VAL A 414 -9.72 -9.09 -21.05
CA VAL A 414 -8.83 -8.91 -22.19
C VAL A 414 -7.86 -10.07 -22.25
N TYR A 415 -7.62 -10.60 -23.46
CA TYR A 415 -6.69 -11.74 -23.68
C TYR A 415 -7.06 -12.91 -22.78
N LYS A 416 -8.33 -13.27 -22.77
CA LYS A 416 -8.76 -14.46 -22.00
C LYS A 416 -8.61 -15.69 -22.88
N PRO A 417 -8.31 -16.87 -22.31
CA PRO A 417 -8.21 -18.07 -23.10
C PRO A 417 -9.50 -18.26 -23.89
N LYS B 2 26.11 -43.24 -15.20
CA LYS B 2 27.22 -43.74 -14.39
C LYS B 2 28.10 -42.59 -13.84
N ASP B 3 29.04 -42.07 -14.63
CA ASP B 3 29.48 -40.71 -14.34
C ASP B 3 29.03 -39.73 -15.41
N ILE B 4 27.72 -39.62 -15.62
CA ILE B 4 27.18 -38.54 -16.46
C ILE B 4 27.36 -37.22 -15.73
N LYS B 5 28.02 -36.28 -16.39
CA LYS B 5 28.36 -34.97 -15.82
C LYS B 5 27.42 -33.90 -16.36
N VAL B 6 27.20 -32.87 -15.55
CA VAL B 6 26.35 -31.74 -15.94
C VAL B 6 27.20 -30.77 -16.77
N GLU B 7 27.01 -30.82 -18.12
CA GLU B 7 27.94 -30.16 -19.04
C GLU B 7 27.57 -28.68 -19.18
N PRO B 8 28.55 -27.79 -19.19
CA PRO B 8 28.25 -26.36 -19.28
C PRO B 8 27.88 -25.94 -20.69
N ALA B 9 27.00 -24.94 -20.73
CA ALA B 9 26.70 -24.32 -22.01
C ALA B 9 27.97 -23.72 -22.55
N LYS B 10 28.20 -23.88 -23.86
CA LYS B 10 29.52 -23.64 -24.39
C LYS B 10 29.57 -22.29 -25.04
N GLY B 11 30.60 -21.54 -24.73
CA GLY B 11 30.81 -20.26 -25.34
C GLY B 11 30.39 -19.08 -24.48
N ILE B 12 30.05 -19.33 -23.22
CA ILE B 12 29.36 -18.34 -22.38
C ILE B 12 30.30 -17.90 -21.25
N SER B 13 30.37 -16.60 -20.96
CA SER B 13 31.31 -16.14 -19.93
C SER B 13 31.04 -16.72 -18.55
N TYR B 14 29.94 -17.44 -18.36
CA TYR B 14 29.56 -17.96 -17.07
C TYR B 14 29.01 -19.36 -17.21
N PHE B 15 28.83 -20.02 -16.09
CA PHE B 15 28.26 -21.35 -16.10
C PHE B 15 26.75 -21.32 -16.18
N THR B 16 26.21 -22.27 -16.92
CA THR B 16 24.80 -22.59 -16.90
C THR B 16 24.72 -23.94 -17.59
N PRO B 17 23.76 -24.80 -17.26
CA PRO B 17 23.73 -26.11 -17.90
C PRO B 17 23.43 -25.96 -19.39
N ALA B 18 24.14 -26.70 -20.21
CA ALA B 18 23.81 -26.76 -21.62
C ALA B 18 22.40 -27.31 -21.81
N GLN B 19 21.72 -26.82 -22.82
CA GLN B 19 20.54 -27.51 -23.37
C GLN B 19 20.83 -28.14 -24.73
N GLU B 20 20.83 -29.47 -24.73
CA GLU B 20 21.37 -30.25 -25.85
C GLU B 20 20.37 -30.23 -27.01
N THR B 21 19.10 -30.43 -26.72
CA THR B 21 18.04 -30.03 -27.63
C THR B 21 17.56 -28.66 -27.18
N PRO B 22 17.62 -27.65 -28.04
CA PRO B 22 17.08 -26.33 -27.65
C PRO B 22 15.59 -26.38 -27.38
N ALA B 23 15.14 -25.61 -26.39
CA ALA B 23 13.71 -25.50 -26.11
C ALA B 23 12.94 -25.02 -27.35
N GLY B 24 11.75 -25.57 -27.53
CA GLY B 24 10.98 -25.20 -28.68
C GLY B 24 11.21 -26.07 -29.88
N THR B 25 12.13 -27.04 -29.77
CA THR B 25 12.40 -28.03 -30.79
C THR B 25 11.40 -29.16 -30.66
N ALA B 26 10.60 -29.40 -31.70
CA ALA B 26 9.56 -30.45 -31.63
C ALA B 26 10.23 -31.83 -31.69
N ALA B 27 9.55 -32.87 -31.22
CA ALA B 27 10.09 -34.24 -31.34
C ALA B 27 9.99 -34.66 -32.81
N ASN B 28 11.12 -34.95 -33.45
CA ASN B 28 11.11 -35.31 -34.90
C ASN B 28 10.40 -36.66 -35.09
N PRO B 29 10.71 -37.71 -34.31
CA PRO B 29 9.95 -38.96 -34.41
C PRO B 29 8.49 -38.75 -33.97
N GLN B 30 8.25 -38.00 -32.89
CA GLN B 30 6.88 -37.74 -32.37
C GLN B 30 6.27 -39.03 -31.84
N THR B 31 6.21 -39.19 -30.52
CA THR B 31 5.70 -40.43 -29.89
C THR B 31 4.28 -40.70 -30.42
N SER B 32 3.48 -39.66 -30.56
CA SER B 32 2.10 -39.80 -31.08
C SER B 32 2.11 -40.50 -32.44
N GLY B 33 3.24 -40.43 -33.14
CA GLY B 33 3.30 -40.99 -34.51
C GLY B 33 2.78 -39.96 -35.48
N LYS B 34 2.04 -38.98 -34.96
CA LYS B 34 1.45 -37.91 -35.82
C LYS B 34 2.58 -37.06 -36.40
N ALA B 35 2.29 -36.38 -37.51
CA ALA B 35 3.31 -35.55 -38.18
C ALA B 35 3.38 -34.19 -37.50
N ILE B 36 4.55 -33.59 -37.49
CA ILE B 36 4.71 -32.27 -36.81
C ILE B 36 4.08 -31.22 -37.71
N PRO B 37 3.17 -30.36 -37.22
CA PRO B 37 2.62 -29.29 -38.04
C PRO B 37 3.67 -28.26 -38.36
N LYS B 38 3.41 -27.54 -39.46
CA LYS B 38 4.31 -26.53 -39.98
C LYS B 38 4.77 -25.53 -38.91
N LEU B 39 3.90 -25.16 -37.96
CA LEU B 39 4.32 -24.22 -36.94
C LEU B 39 5.55 -24.70 -36.18
N PHE B 40 5.73 -25.99 -36.04
CA PHE B 40 6.85 -26.52 -35.29
C PHE B 40 7.86 -27.19 -36.20
N GLN B 41 7.92 -26.72 -37.43
CA GLN B 41 8.87 -27.28 -38.42
C GLN B 41 10.02 -26.29 -38.52
N PRO B 42 11.28 -26.76 -38.52
CA PRO B 42 12.41 -25.85 -38.53
C PRO B 42 12.51 -24.99 -39.80
N ILE B 43 13.23 -23.88 -39.74
CA ILE B 43 13.44 -23.02 -40.94
C ILE B 43 14.92 -22.65 -41.01
N THR B 44 15.57 -22.93 -42.12
CA THR B 44 16.97 -22.48 -42.29
C THR B 44 16.99 -21.31 -43.27
N ILE B 45 17.38 -20.13 -42.80
CA ILE B 45 17.52 -18.95 -43.70
C ILE B 45 19.00 -18.59 -43.69
N ARG B 46 19.62 -18.54 -44.88
CA ARG B 46 21.08 -18.31 -44.95
C ARG B 46 21.75 -19.35 -44.07
N GLY B 47 22.80 -18.98 -43.34
CA GLY B 47 23.42 -19.94 -42.41
C GLY B 47 22.79 -19.86 -41.02
N LEU B 48 21.48 -20.06 -40.92
CA LEU B 48 20.78 -19.96 -39.61
C LEU B 48 19.51 -20.80 -39.65
N THR B 49 19.35 -21.69 -38.67
CA THR B 49 18.13 -22.54 -38.59
C THR B 49 17.32 -22.15 -37.36
N PHE B 50 16.00 -22.18 -37.47
CA PHE B 50 15.11 -21.86 -36.32
C PHE B 50 14.29 -23.11 -35.99
N GLN B 51 14.34 -23.57 -34.74
CA GLN B 51 13.67 -24.82 -34.31
C GLN B 51 12.17 -24.79 -34.60
N ASN B 52 11.59 -23.61 -34.71
CA ASN B 52 10.16 -23.51 -34.99
C ASN B 52 9.93 -22.16 -35.65
N ARG B 53 8.68 -21.87 -35.97
CA ARG B 53 8.37 -20.66 -36.72
C ARG B 53 7.55 -19.67 -35.92
N LEU B 54 7.51 -19.82 -34.61
CA LEU B 54 6.83 -18.89 -33.73
C LEU B 54 7.87 -17.91 -33.20
N GLY B 55 7.88 -16.68 -33.70
CA GLY B 55 8.83 -15.69 -33.23
C GLY B 55 8.23 -14.69 -32.24
N VAL B 56 9.09 -14.13 -31.39
CA VAL B 56 8.75 -12.96 -30.59
C VAL B 56 8.93 -11.73 -31.47
N SER B 57 7.83 -11.07 -31.78
CA SER B 57 7.88 -9.77 -32.46
C SER B 57 8.60 -8.71 -31.60
N PRO B 58 9.22 -7.71 -32.24
CA PRO B 58 10.00 -6.72 -31.46
C PRO B 58 9.05 -5.85 -30.64
N MET B 59 9.45 -5.54 -29.40
CA MET B 59 8.56 -4.84 -28.46
C MET B 59 9.35 -3.86 -27.58
N CYS B 60 9.26 -2.56 -27.89
CA CYS B 60 9.86 -1.52 -27.06
C CYS B 60 9.42 -1.67 -25.62
N GLN B 61 10.38 -1.60 -24.69
CA GLN B 61 10.11 -1.70 -23.26
C GLN B 61 10.29 -0.38 -22.53
N TYR B 62 10.77 0.68 -23.21
CA TYR B 62 10.82 2.03 -22.62
C TYR B 62 11.52 1.99 -21.26
N SER B 63 12.65 1.24 -21.22
CA SER B 63 13.31 0.94 -19.96
C SER B 63 14.84 0.98 -20.04
N ALA B 64 15.40 1.63 -21.05
CA ALA B 64 16.84 1.79 -21.16
C ALA B 64 17.22 3.18 -20.70
N GLU B 65 18.53 3.39 -20.47
CA GLU B 65 19.03 4.69 -20.03
C GLU B 65 20.15 5.07 -20.97
N ASP B 66 20.00 6.23 -21.63
CA ASP B 66 20.84 6.62 -22.75
C ASP B 66 21.01 5.49 -23.77
N GLY B 67 19.94 4.73 -24.04
CA GLY B 67 20.05 3.65 -25.02
C GLY B 67 20.75 2.40 -24.52
N HIS B 68 20.93 2.28 -23.20
CA HIS B 68 21.63 1.16 -22.59
C HIS B 68 20.63 0.22 -21.94
N MET B 69 20.57 -1.02 -22.41
CA MET B 69 19.87 -2.06 -21.67
C MET B 69 20.43 -2.27 -20.27
N THR B 70 19.55 -2.62 -19.34
CA THR B 70 19.86 -2.80 -17.95
C THR B 70 19.60 -4.25 -17.58
N ASP B 71 19.63 -4.54 -16.27
CA ASP B 71 19.20 -5.85 -15.81
C ASP B 71 17.79 -6.13 -16.28
N TYR B 72 16.95 -5.10 -16.31
CA TYR B 72 15.56 -5.29 -16.63
C TYR B 72 15.40 -6.16 -17.86
N HIS B 73 16.11 -5.83 -18.94
CA HIS B 73 15.88 -6.54 -20.19
C HIS B 73 16.34 -7.99 -20.13
N LEU B 74 17.26 -8.32 -19.23
CA LEU B 74 17.60 -9.71 -19.07
C LEU B 74 16.42 -10.46 -18.45
N ALA B 75 15.87 -9.92 -17.35
CA ALA B 75 14.67 -10.51 -16.75
C ALA B 75 13.50 -10.55 -17.75
N HIS B 76 13.29 -9.47 -18.50
CA HIS B 76 12.28 -9.45 -19.54
C HIS B 76 12.45 -10.51 -20.62
N LEU B 77 13.51 -10.38 -21.43
CA LEU B 77 13.72 -11.25 -22.59
C LEU B 77 14.16 -12.62 -22.16
N GLY B 78 14.92 -12.71 -21.08
CA GLY B 78 15.55 -13.97 -20.73
C GLY B 78 14.53 -15.03 -20.34
N GLY B 79 13.45 -14.61 -19.69
CA GLY B 79 12.42 -15.56 -19.33
C GLY B 79 11.70 -16.08 -20.54
N ILE B 80 11.58 -15.25 -21.56
CA ILE B 80 10.91 -15.67 -22.78
C ILE B 80 11.84 -16.56 -23.58
N ALA B 81 13.11 -16.16 -23.71
CA ALA B 81 14.06 -17.00 -24.40
C ALA B 81 14.18 -18.34 -23.72
N GLN B 82 14.09 -18.36 -22.40
CA GLN B 82 14.15 -19.64 -21.73
C GLN B 82 13.13 -20.64 -22.27
N ARG B 83 11.92 -20.19 -22.71
CA ARG B 83 10.86 -21.16 -23.01
C ARG B 83 10.67 -21.41 -24.55
N GLY B 84 11.72 -21.18 -25.37
CA GLY B 84 11.84 -21.83 -26.66
C GLY B 84 11.22 -21.21 -27.91
N PRO B 85 11.17 -19.89 -28.01
CA PRO B 85 10.60 -19.29 -29.22
C PRO B 85 11.56 -19.48 -30.40
N GLY B 86 10.98 -19.77 -31.58
CA GLY B 86 11.79 -19.98 -32.77
C GLY B 86 12.82 -18.88 -33.00
N LEU B 87 12.43 -17.63 -32.75
CA LEU B 87 13.38 -16.54 -32.85
C LEU B 87 12.90 -15.40 -31.96
N ILE B 88 13.84 -14.63 -31.44
CA ILE B 88 13.49 -13.46 -30.60
C ILE B 88 13.97 -12.22 -31.34
N MET B 89 13.12 -11.22 -31.46
CA MET B 89 13.55 -9.95 -32.06
C MET B 89 13.64 -8.92 -30.93
N ILE B 90 14.75 -8.22 -30.85
CA ILE B 90 14.91 -7.15 -29.83
C ILE B 90 14.19 -5.90 -30.33
N GLU B 91 13.66 -5.10 -29.39
CA GLU B 91 12.90 -3.90 -29.66
C GLU B 91 13.67 -2.91 -30.54
N ALA B 92 12.90 -2.00 -31.13
CA ALA B 92 13.41 -0.98 -32.05
C ALA B 92 14.65 -0.31 -31.46
N THR B 93 15.79 -0.45 -32.09
CA THR B 93 17.05 0.02 -31.53
C THR B 93 17.55 1.18 -32.36
N ALA B 94 17.54 2.38 -31.79
CA ALA B 94 17.86 3.59 -32.54
C ALA B 94 19.27 3.57 -33.16
N VAL B 95 19.35 4.05 -34.40
CA VAL B 95 20.63 4.20 -35.08
C VAL B 95 21.28 5.56 -34.81
N GLN B 96 20.50 6.56 -34.42
CA GLN B 96 20.91 7.91 -34.05
C GLN B 96 20.14 8.32 -32.81
N PRO B 97 20.73 9.14 -31.93
CA PRO B 97 20.05 9.46 -30.67
C PRO B 97 18.65 10.04 -30.89
N GLU B 98 18.50 10.95 -31.85
CA GLU B 98 17.24 11.62 -32.15
C GLU B 98 16.28 10.75 -32.98
N GLY B 99 16.67 9.52 -33.29
CA GLY B 99 15.74 8.58 -33.88
C GLY B 99 15.13 7.66 -32.87
N ARG B 100 15.38 7.87 -31.58
CA ARG B 100 14.67 7.15 -30.55
C ARG B 100 13.21 7.57 -30.59
N ILE B 101 12.33 6.65 -30.19
CA ILE B 101 10.92 6.98 -30.10
C ILE B 101 10.79 7.81 -28.81
N SER B 102 11.02 7.14 -27.69
CA SER B 102 11.10 7.74 -26.37
C SER B 102 12.55 8.02 -25.98
N PRO B 103 12.76 8.77 -24.91
CA PRO B 103 14.12 8.90 -24.37
C PRO B 103 14.57 7.62 -23.72
N GLN B 104 13.64 6.71 -23.44
CA GLN B 104 13.97 5.44 -22.82
C GLN B 104 14.28 4.31 -23.81
N ASP B 105 14.35 4.61 -25.10
CA ASP B 105 14.60 3.58 -26.10
C ASP B 105 15.99 2.96 -26.01
N VAL B 106 16.11 1.73 -26.56
CA VAL B 106 17.41 1.14 -26.79
C VAL B 106 18.05 1.87 -27.96
N GLY B 107 19.38 1.96 -27.94
CA GLY B 107 20.07 2.53 -29.08
C GLY B 107 21.36 1.77 -29.26
N LEU B 108 21.97 1.98 -30.42
CA LEU B 108 23.21 1.32 -30.75
C LEU B 108 24.00 2.23 -31.69
N TRP B 109 24.11 3.49 -31.25
CA TRP B 109 24.86 4.52 -32.01
C TRP B 109 26.21 4.73 -31.31
N LYS B 110 26.39 4.14 -30.12
CA LYS B 110 27.70 4.19 -29.43
C LYS B 110 28.07 2.75 -29.07
N ASP B 111 29.33 2.50 -28.71
CA ASP B 111 29.79 1.13 -28.44
C ASP B 111 29.46 0.75 -26.99
N SER B 112 29.11 1.75 -26.17
CA SER B 112 28.77 1.50 -24.76
C SER B 112 27.44 0.75 -24.69
N GLN B 113 26.70 0.74 -25.79
CA GLN B 113 25.34 0.13 -25.79
C GLN B 113 25.42 -1.32 -26.29
N ILE B 114 26.61 -1.79 -26.65
CA ILE B 114 26.80 -3.17 -27.18
C ILE B 114 26.74 -4.18 -26.03
N ALA B 115 27.51 -3.93 -24.99
CA ALA B 115 27.59 -4.88 -23.85
C ALA B 115 26.22 -5.08 -23.21
N PRO B 116 25.48 -4.03 -22.81
CA PRO B 116 24.13 -4.21 -22.28
C PRO B 116 23.31 -5.21 -23.08
N ILE B 117 23.30 -5.07 -24.41
CA ILE B 117 22.52 -5.97 -25.30
C ILE B 117 23.18 -7.35 -25.38
N ALA B 118 24.49 -7.39 -25.60
CA ALA B 118 25.22 -8.67 -25.74
C ALA B 118 24.96 -9.59 -24.56
N ARG B 119 24.84 -9.04 -23.35
CA ARG B 119 24.63 -9.87 -22.14
C ARG B 119 23.35 -10.68 -22.30
N VAL B 120 22.32 -10.06 -22.87
CA VAL B 120 21.01 -10.76 -23.09
C VAL B 120 21.16 -11.72 -24.26
N ILE B 121 21.68 -11.24 -25.38
CA ILE B 121 21.94 -12.13 -26.55
C ILE B 121 22.74 -13.34 -26.06
N GLU B 122 23.62 -13.13 -25.09
CA GLU B 122 24.45 -14.22 -24.55
C GLU B 122 23.58 -15.16 -23.72
N PHE B 123 22.55 -14.64 -23.06
CA PHE B 123 21.70 -15.59 -22.34
C PHE B 123 20.87 -16.41 -23.31
N ALA B 124 20.30 -15.75 -24.32
CA ALA B 124 19.56 -16.48 -25.34
C ALA B 124 20.42 -17.58 -25.93
N HIS B 125 21.67 -17.24 -26.26
CA HIS B 125 22.55 -18.22 -26.87
C HIS B 125 22.86 -19.36 -25.91
N SER B 126 22.92 -19.08 -24.59
CA SER B 126 23.25 -20.17 -23.69
C SER B 126 22.17 -21.25 -23.73
N GLN B 127 20.91 -20.85 -23.91
CA GLN B 127 19.79 -21.76 -24.08
C GLN B 127 19.65 -22.27 -25.51
N GLY B 128 20.62 -21.99 -26.39
CA GLY B 128 20.51 -22.50 -27.74
C GLY B 128 19.52 -21.80 -28.67
N GLN B 129 19.02 -20.61 -28.29
CA GLN B 129 18.04 -19.82 -29.04
C GLN B 129 18.75 -18.89 -30.02
N LYS B 130 17.97 -18.36 -30.97
CA LYS B 130 18.45 -17.37 -31.93
C LYS B 130 17.77 -16.04 -31.63
N ILE B 131 18.55 -14.95 -31.66
CA ILE B 131 18.09 -13.63 -31.24
C ILE B 131 18.65 -12.54 -32.16
N GLY B 132 17.81 -11.53 -32.46
CA GLY B 132 18.18 -10.46 -33.36
C GLY B 132 17.65 -9.10 -32.94
N ILE B 133 17.95 -8.10 -33.77
CA ILE B 133 17.80 -6.71 -33.41
C ILE B 133 17.06 -5.97 -34.52
N GLN B 134 15.97 -5.31 -34.18
CA GLN B 134 15.26 -4.47 -35.15
C GLN B 134 15.90 -3.08 -35.12
N LEU B 135 16.64 -2.74 -36.17
CA LEU B 135 17.24 -1.41 -36.27
C LEU B 135 16.18 -0.40 -36.70
N ALA B 136 16.14 0.76 -36.04
CA ALA B 136 15.03 1.69 -36.24
C ALA B 136 15.48 3.15 -36.33
N HIS B 137 14.56 3.96 -36.83
CA HIS B 137 14.68 5.41 -36.68
C HIS B 137 13.27 6.00 -36.67
N ALA B 138 12.93 6.72 -35.61
CA ALA B 138 11.54 7.12 -35.40
C ALA B 138 11.09 8.28 -36.28
N GLY B 139 11.96 8.82 -37.15
CA GLY B 139 11.58 9.90 -38.03
C GLY B 139 10.79 11.01 -37.36
N ARG B 140 9.59 11.28 -37.86
CA ARG B 140 8.79 12.37 -37.32
C ARG B 140 7.95 11.94 -36.12
N LYS B 141 8.11 10.70 -35.67
CA LYS B 141 7.42 10.20 -34.49
C LYS B 141 8.39 10.07 -33.30
N ALA B 142 9.56 10.69 -33.40
CA ALA B 142 10.58 10.68 -32.37
C ALA B 142 10.27 11.69 -31.24
N SER B 143 10.99 11.52 -30.12
CA SER B 143 10.92 12.42 -28.98
C SER B 143 9.48 12.52 -28.47
N THR B 144 8.86 11.36 -28.30
CA THR B 144 7.54 11.27 -27.71
C THR B 144 7.65 10.74 -26.30
N THR B 145 6.51 10.67 -25.65
CA THR B 145 6.40 10.16 -24.30
C THR B 145 6.24 8.63 -24.28
N VAL B 146 6.80 8.03 -23.23
CA VAL B 146 6.59 6.61 -22.90
C VAL B 146 5.11 6.34 -22.68
N PRO B 147 4.57 5.22 -23.20
CA PRO B 147 3.12 5.11 -23.43
C PRO B 147 2.26 4.55 -22.29
N TRP B 148 2.79 4.27 -21.10
CA TRP B 148 1.96 3.96 -19.93
C TRP B 148 1.80 5.17 -19.02
N MET B 149 2.44 6.26 -19.40
CA MET B 149 2.38 7.53 -18.71
C MET B 149 1.07 8.24 -19.02
N LEU B 150 0.59 9.05 -18.08
CA LEU B 150 -0.63 9.84 -18.34
C LEU B 150 -0.31 10.82 -19.48
N ASN B 151 0.96 11.24 -19.58
CA ASN B 151 1.39 12.15 -20.66
C ASN B 151 1.46 11.39 -21.99
N HIS B 152 1.09 10.11 -21.99
CA HIS B 152 1.20 9.27 -23.21
C HIS B 152 0.59 9.99 -24.42
N GLY B 153 1.19 9.81 -25.59
CA GLY B 153 0.69 10.44 -26.83
C GLY B 153 0.98 11.93 -26.83
N SER B 154 2.14 12.33 -26.33
CA SER B 154 2.51 13.77 -26.27
C SER B 154 3.99 13.95 -26.61
N ILE B 155 4.48 15.19 -26.55
CA ILE B 155 5.90 15.45 -26.93
C ILE B 155 6.78 15.37 -25.69
N ALA B 156 7.96 14.76 -25.82
CA ALA B 156 8.91 14.65 -24.73
C ALA B 156 9.75 15.92 -24.72
N THR B 157 9.57 16.76 -23.71
CA THR B 157 10.31 18.05 -23.70
C THR B 157 11.77 17.82 -23.32
N GLU B 158 12.62 18.81 -23.56
CA GLU B 158 14.07 18.68 -23.26
C GLU B 158 14.26 18.52 -21.75
N ASN B 159 13.19 18.58 -20.97
CA ASN B 159 13.28 18.43 -19.50
C ASN B 159 13.04 16.96 -19.15
N VAL B 160 12.35 16.24 -20.05
CA VAL B 160 12.10 14.78 -19.83
C VAL B 160 13.22 14.02 -20.52
N GLY B 161 14.04 14.72 -21.30
CA GLY B 161 15.13 14.08 -22.05
C GLY B 161 14.79 14.04 -23.53
N GLY B 162 13.85 14.89 -23.95
CA GLY B 162 13.42 14.88 -25.36
C GLY B 162 14.25 15.80 -26.22
N TRP B 163 13.94 15.87 -27.52
CA TRP B 163 14.66 16.75 -28.46
C TRP B 163 13.64 17.40 -29.38
N PRO B 164 12.61 18.09 -28.87
CA PRO B 164 11.54 18.62 -29.73
C PRO B 164 12.07 19.40 -30.93
N ASP B 165 13.30 19.91 -30.84
CA ASP B 165 13.88 20.70 -31.94
C ASP B 165 14.98 19.90 -32.64
N ASN B 166 14.84 18.57 -32.69
CA ASN B 166 15.82 17.72 -33.42
C ASN B 166 15.07 16.55 -34.06
N VAL B 167 13.75 16.68 -34.20
CA VAL B 167 12.95 15.63 -34.86
C VAL B 167 13.15 15.79 -36.36
N LYS B 168 13.57 14.73 -37.04
CA LYS B 168 13.88 14.82 -38.49
C LYS B 168 12.98 13.88 -39.27
N GLY B 169 12.69 14.21 -40.53
CA GLY B 169 11.86 13.37 -41.35
C GLY B 169 12.00 13.75 -42.81
N PRO B 170 11.26 13.12 -43.72
CA PRO B 170 11.43 13.44 -45.14
C PRO B 170 11.04 14.86 -45.44
N SER B 171 9.97 15.34 -44.81
CA SER B 171 9.56 16.72 -44.98
C SER B 171 9.14 17.25 -43.62
N ASP B 172 8.41 18.34 -43.63
CA ASP B 172 8.38 19.23 -42.48
C ASP B 172 6.93 19.28 -42.05
N ILE B 173 6.29 18.13 -42.17
CA ILE B 173 4.88 17.98 -41.91
C ILE B 173 4.78 17.12 -40.66
N PRO B 174 4.06 17.56 -39.60
CA PRO B 174 3.96 16.78 -38.37
C PRO B 174 3.00 15.60 -38.54
N PHE B 175 3.17 14.56 -37.72
CA PHE B 175 2.27 13.38 -37.79
C PHE B 175 0.91 13.80 -37.26
N SER B 176 0.89 14.34 -36.04
CA SER B 176 -0.36 14.81 -35.42
C SER B 176 -0.19 16.26 -34.97
N GLU B 177 -1.02 16.70 -34.03
CA GLU B 177 -0.92 18.07 -33.49
C GLU B 177 -0.23 17.97 -32.13
N THR B 178 -0.26 16.79 -31.52
CA THR B 178 0.47 16.56 -30.25
C THR B 178 1.90 16.15 -30.61
N PHE B 179 2.11 15.65 -31.82
CA PHE B 179 3.44 15.18 -32.26
C PHE B 179 4.30 16.38 -32.65
N PRO B 180 5.64 16.29 -32.61
CA PRO B 180 6.53 17.41 -32.91
C PRO B 180 6.54 17.85 -34.37
N ARG B 181 7.27 18.93 -34.66
CA ARG B 181 7.39 19.41 -36.05
C ARG B 181 8.68 18.83 -36.62
N PRO B 182 8.62 18.05 -37.70
CA PRO B 182 9.81 17.41 -38.24
C PRO B 182 10.64 18.42 -39.03
N ARG B 183 11.93 18.15 -39.17
CA ARG B 183 12.79 19.02 -40.01
C ARG B 183 13.12 18.25 -41.28
N ALA B 184 12.78 18.79 -42.44
CA ALA B 184 13.11 18.12 -43.71
C ALA B 184 14.58 17.69 -43.67
N MET B 185 14.84 16.40 -43.86
CA MET B 185 16.23 15.88 -43.79
C MET B 185 17.01 16.37 -45.01
N THR B 186 18.14 17.01 -44.78
CA THR B 186 19.01 17.45 -45.90
C THR B 186 19.79 16.24 -46.42
N GLN B 187 20.52 16.41 -47.51
CA GLN B 187 21.36 15.30 -48.05
C GLN B 187 22.44 14.97 -47.02
N ASP B 188 22.96 15.98 -46.33
CA ASP B 188 23.96 15.72 -45.26
C ASP B 188 23.30 14.81 -44.23
N ASP B 189 22.03 15.07 -43.91
CA ASP B 189 21.28 14.24 -42.94
C ASP B 189 21.22 12.80 -43.44
N ILE B 190 20.59 12.59 -44.60
CA ILE B 190 20.50 11.22 -45.19
C ILE B 190 21.88 10.58 -45.13
N ARG B 191 22.88 11.21 -45.72
CA ARG B 191 24.26 10.65 -45.77
C ARG B 191 24.66 10.11 -44.39
N GLU B 192 24.51 10.92 -43.35
CA GLU B 192 24.92 10.50 -41.98
C GLU B 192 24.01 9.38 -41.48
N PHE B 193 22.72 9.44 -41.79
CA PHE B 193 21.77 8.38 -41.37
C PHE B 193 22.24 7.05 -41.96
N LYS B 194 22.61 7.08 -43.23
CA LYS B 194 23.10 5.85 -43.91
C LYS B 194 24.41 5.44 -43.25
N GLU B 195 25.32 6.38 -42.99
CA GLU B 195 26.51 6.02 -42.24
C GLU B 195 26.14 5.50 -40.84
N ALA B 196 25.12 6.08 -40.24
CA ALA B 196 24.76 5.65 -38.89
C ALA B 196 24.12 4.28 -38.91
N TRP B 197 23.37 3.97 -39.98
CA TRP B 197 22.79 2.63 -40.07
C TRP B 197 23.89 1.59 -40.20
N VAL B 198 24.87 1.85 -41.07
CA VAL B 198 25.96 0.90 -41.23
C VAL B 198 26.69 0.73 -39.91
N ALA B 199 26.97 1.85 -39.23
CA ALA B 199 27.64 1.80 -37.93
C ALA B 199 26.86 0.94 -36.93
N ALA B 200 25.54 1.14 -36.86
CA ALA B 200 24.73 0.43 -35.84
C ALA B 200 24.68 -1.07 -36.13
N ALA B 201 24.58 -1.44 -37.40
CA ALA B 201 24.49 -2.86 -37.80
C ALA B 201 25.77 -3.60 -37.38
N LYS B 202 26.91 -2.93 -37.48
CA LYS B 202 28.20 -3.57 -37.15
C LYS B 202 28.24 -3.83 -35.65
N ARG B 203 27.81 -2.85 -34.86
CA ARG B 203 27.79 -3.00 -33.38
C ARG B 203 26.83 -4.13 -33.01
N ALA B 204 25.81 -4.36 -33.82
CA ALA B 204 24.80 -5.41 -33.54
C ALA B 204 25.44 -6.78 -33.74
N LEU B 205 26.20 -6.92 -34.81
CA LEU B 205 26.89 -8.20 -35.09
C LEU B 205 27.92 -8.41 -33.97
N VAL B 206 28.54 -7.34 -33.49
CA VAL B 206 29.50 -7.44 -32.36
C VAL B 206 28.75 -7.95 -31.13
N ALA B 207 27.56 -7.38 -30.87
CA ALA B 207 26.76 -7.79 -29.70
C ALA B 207 26.37 -9.28 -29.83
N GLY B 208 26.27 -9.77 -31.06
CA GLY B 208 26.00 -11.20 -31.26
C GLY B 208 24.67 -11.45 -31.92
N ALA B 209 24.05 -10.41 -32.49
CA ALA B 209 22.80 -10.69 -33.22
C ALA B 209 23.04 -11.74 -34.29
N ASP B 210 22.03 -12.60 -34.47
CA ASP B 210 21.99 -13.60 -35.53
C ASP B 210 21.30 -13.08 -36.76
N PHE B 211 20.45 -12.06 -36.63
CA PHE B 211 19.81 -11.49 -37.82
C PHE B 211 19.51 -10.03 -37.54
N ILE B 212 19.24 -9.30 -38.60
CA ILE B 212 18.88 -7.88 -38.52
C ILE B 212 17.52 -7.70 -39.15
N GLU B 213 16.65 -6.94 -38.51
CA GLU B 213 15.43 -6.49 -39.15
C GLU B 213 15.45 -4.97 -39.29
N ILE B 214 15.09 -4.49 -40.48
CA ILE B 214 14.98 -3.07 -40.74
C ILE B 214 13.57 -2.63 -40.39
N HIS B 215 13.45 -1.66 -39.50
CA HIS B 215 12.10 -1.12 -39.19
C HIS B 215 11.72 -0.07 -40.24
N ASN B 216 10.92 -0.47 -41.23
CA ASN B 216 10.42 0.47 -42.26
C ASN B 216 8.90 0.51 -42.10
N ALA B 217 8.41 0.73 -40.89
CA ALA B 217 6.96 0.63 -40.66
C ALA B 217 6.49 1.56 -39.54
N HIS B 218 5.18 1.64 -39.30
CA HIS B 218 4.62 2.44 -38.18
C HIS B 218 4.95 3.93 -38.33
N GLY B 219 4.89 4.45 -39.56
CA GLY B 219 5.13 5.88 -39.83
C GLY B 219 6.38 6.40 -39.16
N TYR B 220 7.39 5.55 -38.97
CA TYR B 220 8.58 5.98 -38.21
C TYR B 220 9.54 6.75 -39.11
N LEU B 221 9.99 6.15 -40.21
CA LEU B 221 10.91 6.81 -41.17
C LEU B 221 11.14 5.74 -42.22
N LEU B 222 11.63 6.09 -43.40
CA LEU B 222 11.71 5.07 -44.48
C LEU B 222 10.26 4.77 -44.83
N ALA B 223 9.45 4.46 -43.83
CA ALA B 223 7.99 4.30 -44.05
C ALA B 223 7.44 5.68 -44.38
N SER B 224 7.81 6.70 -43.60
CA SER B 224 7.33 8.03 -43.97
C SER B 224 7.86 8.48 -45.32
N PHE B 225 9.08 8.10 -45.67
CA PHE B 225 9.55 8.38 -47.01
C PHE B 225 8.61 7.76 -48.05
N LEU B 226 8.03 6.61 -47.73
CA LEU B 226 7.18 5.93 -48.70
C LEU B 226 5.83 6.64 -48.85
N THR B 227 5.19 7.01 -47.72
CA THR B 227 3.81 7.55 -47.77
C THR B 227 3.76 8.95 -48.35
N PRO B 228 2.94 9.20 -49.37
CA PRO B 228 3.10 10.43 -50.16
C PRO B 228 2.80 11.66 -49.35
N TYR B 229 1.90 11.54 -48.37
CA TYR B 229 1.33 12.63 -47.59
C TYR B 229 2.19 13.02 -46.42
N ALA B 230 3.32 12.34 -46.24
CA ALA B 230 4.34 12.73 -45.29
C ALA B 230 5.66 13.13 -45.95
N ASN B 231 5.82 12.94 -47.26
CA ASN B 231 7.05 13.23 -47.99
C ASN B 231 6.67 14.00 -49.24
N LYS B 232 6.70 15.32 -49.14
CA LYS B 232 6.46 16.21 -50.26
C LYS B 232 7.77 16.75 -50.84
N ARG B 233 8.83 15.93 -50.83
CA ARG B 233 10.13 16.38 -51.35
C ARG B 233 10.10 16.48 -52.86
N THR B 234 10.87 17.42 -53.40
CA THR B 234 10.94 17.59 -54.84
C THR B 234 12.27 17.15 -55.42
N ASP B 235 13.03 16.34 -54.68
CA ASP B 235 14.30 15.82 -55.15
C ASP B 235 14.15 14.34 -55.50
N GLU B 236 15.27 13.61 -55.57
CA GLU B 236 15.22 12.21 -55.98
C GLU B 236 14.66 11.32 -54.89
N TYR B 237 14.56 11.80 -53.65
CA TYR B 237 13.99 11.01 -52.57
C TYR B 237 12.49 11.26 -52.41
N GLY B 238 11.88 12.06 -53.28
CA GLY B 238 10.44 12.23 -53.27
C GLY B 238 9.89 12.46 -54.67
N GLY B 239 8.57 12.66 -54.79
CA GLY B 239 7.99 12.85 -56.11
C GLY B 239 7.22 11.64 -56.61
N SER B 240 7.90 10.78 -57.38
CA SER B 240 7.32 9.53 -57.82
C SER B 240 7.33 8.49 -56.71
N PHE B 241 6.65 7.38 -56.95
CA PHE B 241 6.78 6.22 -56.07
C PHE B 241 8.16 5.61 -56.23
N GLU B 242 8.63 5.57 -57.48
CA GLU B 242 10.01 5.29 -57.84
C GLU B 242 11.02 5.99 -56.94
N ASN B 243 10.80 7.27 -56.66
CA ASN B 243 11.75 8.04 -55.86
C ASN B 243 11.59 7.74 -54.37
N ARG B 244 10.35 7.70 -53.90
CA ARG B 244 10.05 7.57 -52.48
C ARG B 244 10.62 6.28 -51.90
N MET B 245 10.94 5.30 -52.75
CA MET B 245 11.58 4.06 -52.31
C MET B 245 13.10 4.13 -52.34
N ARG B 246 13.67 5.11 -53.03
CA ARG B 246 15.12 5.18 -53.15
C ARG B 246 15.85 4.91 -51.84
N LEU B 247 15.52 5.67 -50.76
CA LEU B 247 16.22 5.49 -49.49
C LEU B 247 15.95 4.14 -48.83
N PRO B 248 14.69 3.67 -48.71
CA PRO B 248 14.49 2.32 -48.16
C PRO B 248 15.32 1.28 -48.88
N LEU B 249 15.39 1.38 -50.20
CA LEU B 249 16.08 0.33 -50.98
C LEU B 249 17.59 0.42 -50.76
N LYS B 250 18.09 1.60 -50.40
CA LYS B 250 19.53 1.75 -50.11
C LYS B 250 19.82 1.07 -48.77
N ILE B 251 19.02 1.41 -47.76
CA ILE B 251 19.21 0.79 -46.42
C ILE B 251 19.10 -0.73 -46.58
N ALA B 252 18.14 -1.22 -47.37
CA ALA B 252 18.12 -2.66 -47.57
C ALA B 252 19.44 -3.11 -48.17
N GLN B 253 19.92 -2.41 -49.19
CA GLN B 253 21.18 -2.83 -49.81
C GLN B 253 22.31 -2.73 -48.81
N LEU B 254 22.28 -1.69 -47.98
CA LEU B 254 23.43 -1.37 -47.14
C LEU B 254 23.50 -2.37 -46.01
N THR B 255 22.34 -2.68 -45.43
CA THR B 255 22.31 -3.68 -44.37
C THR B 255 22.84 -5.00 -44.86
N ARG B 256 22.36 -5.46 -46.02
CA ARG B 256 22.87 -6.71 -46.56
C ARG B 256 24.36 -6.63 -46.73
N ASP B 257 24.85 -5.51 -47.27
CA ASP B 257 26.28 -5.33 -47.48
C ASP B 257 27.03 -5.50 -46.17
N THR B 258 26.55 -4.90 -45.08
CA THR B 258 27.47 -4.87 -43.95
C THR B 258 27.40 -6.14 -43.14
N VAL B 259 26.32 -6.92 -43.26
CA VAL B 259 26.23 -8.20 -42.55
C VAL B 259 26.80 -9.35 -43.37
N GLY B 260 26.85 -9.24 -44.70
CA GLY B 260 27.38 -10.28 -45.55
C GLY B 260 26.31 -11.28 -45.99
N GLU B 261 26.77 -12.42 -46.51
CA GLU B 261 25.86 -13.39 -47.10
C GLU B 261 25.33 -14.43 -46.12
N HIS B 262 25.81 -14.42 -44.87
CA HIS B 262 25.48 -15.52 -43.97
C HIS B 262 24.48 -15.12 -42.90
N VAL B 263 23.99 -13.89 -42.95
CA VAL B 263 23.20 -13.34 -41.86
C VAL B 263 21.81 -12.96 -42.37
N PRO B 264 20.75 -13.61 -41.90
CA PRO B 264 19.43 -13.28 -42.40
C PRO B 264 19.17 -11.79 -42.22
N VAL B 265 18.51 -11.16 -43.19
CA VAL B 265 18.08 -9.76 -43.06
C VAL B 265 16.58 -9.71 -43.27
N PHE B 266 15.85 -9.05 -42.33
CA PHE B 266 14.40 -8.92 -42.48
C PHE B 266 14.04 -7.47 -42.73
N LEU B 267 12.80 -7.27 -43.18
CA LEU B 267 12.26 -5.92 -43.30
C LEU B 267 10.78 -5.92 -42.88
N ARG B 268 10.46 -5.13 -41.87
CA ARG B 268 9.10 -4.87 -41.47
C ARG B 268 8.56 -3.64 -42.20
N LEU B 269 7.37 -3.78 -42.77
CA LEU B 269 6.65 -2.70 -43.43
C LEU B 269 5.21 -2.69 -42.96
N SER B 270 4.50 -1.59 -43.23
CA SER B 270 3.07 -1.50 -42.95
C SER B 270 2.30 -1.65 -44.26
N ALA B 271 1.36 -2.58 -44.29
CA ALA B 271 0.64 -2.87 -45.53
C ALA B 271 -0.46 -1.87 -45.84
N SER B 272 -1.09 -1.24 -44.85
CA SER B 272 -2.12 -0.24 -45.14
C SER B 272 -2.02 0.85 -44.08
N ASP B 273 -2.51 2.04 -44.42
CA ASP B 273 -2.62 3.08 -43.40
C ASP B 273 -4.03 3.19 -42.82
N TRP B 274 -4.92 2.29 -43.23
CA TRP B 274 -6.28 2.25 -42.63
C TRP B 274 -6.95 3.61 -42.81
N LEU B 275 -6.70 4.27 -43.94
CA LEU B 275 -7.38 5.55 -44.25
C LEU B 275 -8.61 5.22 -45.10
N GLY B 276 -9.79 5.65 -44.67
CA GLY B 276 -11.03 5.31 -45.39
C GLY B 276 -11.08 5.89 -46.79
N SER B 277 -12.04 5.44 -47.60
CA SER B 277 -12.17 5.91 -49.01
C SER B 277 -11.68 7.34 -49.19
N THR B 278 -10.64 7.54 -50.02
CA THR B 278 -10.12 8.89 -50.31
C THR B 278 -9.63 8.89 -51.76
N SER B 279 -9.72 10.03 -52.44
CA SER B 279 -9.35 10.07 -53.87
C SER B 279 -7.85 10.38 -53.98
N THR B 280 -7.24 10.78 -52.87
CA THR B 280 -5.80 11.15 -52.88
C THR B 280 -4.93 9.91 -52.76
N GLU B 281 -3.62 10.04 -53.00
CA GLU B 281 -2.68 8.90 -52.89
C GLU B 281 -2.59 8.46 -51.42
N THR B 282 -2.83 7.17 -51.16
CA THR B 282 -2.70 6.66 -49.78
C THR B 282 -1.84 5.40 -49.80
N TRP B 283 -1.30 5.01 -48.65
CA TRP B 283 -0.52 3.78 -48.58
C TRP B 283 -1.50 2.64 -48.45
N ASP B 284 -1.90 2.07 -49.59
CA ASP B 284 -2.79 0.92 -49.60
C ASP B 284 -2.03 -0.37 -49.87
N LEU B 285 -2.78 -1.48 -49.88
CA LEU B 285 -2.16 -2.82 -49.98
C LEU B 285 -1.34 -2.88 -51.26
N GLN B 286 -1.92 -2.38 -52.37
CA GLN B 286 -1.26 -2.32 -53.66
C GLN B 286 0.12 -1.68 -53.53
N HIS B 287 0.20 -0.55 -52.84
CA HIS B 287 1.50 0.07 -52.65
C HIS B 287 2.44 -0.88 -51.94
N ALA B 288 2.02 -1.43 -50.79
CA ALA B 288 2.86 -2.37 -50.04
C ALA B 288 3.38 -3.47 -50.95
N VAL B 289 2.48 -4.19 -51.61
CA VAL B 289 2.85 -5.34 -52.48
C VAL B 289 3.88 -4.89 -53.51
N ARG B 290 3.73 -3.67 -54.00
CA ARG B 290 4.66 -3.13 -55.00
C ARG B 290 6.02 -2.97 -54.34
N PHE B 291 6.06 -2.33 -53.18
CA PHE B 291 7.32 -2.23 -52.46
C PHE B 291 7.91 -3.60 -52.19
N ALA B 292 7.10 -4.54 -51.70
CA ALA B 292 7.56 -5.90 -51.49
C ALA B 292 8.11 -6.53 -52.78
N GLU B 293 7.44 -6.26 -53.91
CA GLU B 293 7.94 -6.80 -55.16
C GLU B 293 9.30 -6.19 -55.49
N ALA B 294 9.40 -4.87 -55.40
CA ALA B 294 10.68 -4.20 -55.62
C ALA B 294 11.79 -4.79 -54.76
N LEU B 295 11.46 -5.19 -53.53
CA LEU B 295 12.47 -5.81 -52.67
C LEU B 295 12.90 -7.18 -53.18
N ALA B 296 11.96 -8.01 -53.66
CA ALA B 296 12.35 -9.33 -54.18
C ALA B 296 13.15 -9.23 -55.46
N ASP B 297 12.86 -8.22 -56.29
CA ASP B 297 13.72 -7.91 -57.42
C ASP B 297 15.14 -7.60 -56.97
N GLN B 298 15.28 -7.00 -55.78
CA GLN B 298 16.56 -6.46 -55.33
C GLN B 298 17.46 -7.55 -54.77
N GLY B 299 16.88 -8.58 -54.16
CA GLY B 299 17.65 -9.71 -53.68
C GLY B 299 18.32 -9.54 -52.34
N ALA B 300 18.23 -8.36 -51.72
CA ALA B 300 18.93 -8.11 -50.47
C ALA B 300 18.23 -8.76 -49.29
N ILE B 301 16.96 -8.39 -49.07
CA ILE B 301 16.16 -8.88 -47.94
C ILE B 301 15.87 -10.39 -48.08
N ASP B 302 15.74 -11.07 -46.94
CA ASP B 302 15.34 -12.48 -46.92
C ASP B 302 13.90 -12.71 -46.55
N LEU B 303 13.27 -11.74 -45.89
CA LEU B 303 11.94 -11.92 -45.35
C LEU B 303 11.31 -10.56 -45.17
N VAL B 304 10.02 -10.48 -45.49
CA VAL B 304 9.23 -9.29 -45.23
C VAL B 304 8.31 -9.58 -44.06
N ASP B 305 8.28 -8.66 -43.09
CA ASP B 305 7.48 -8.76 -41.86
C ASP B 305 6.27 -7.81 -42.05
N VAL B 306 5.08 -8.36 -42.28
CA VAL B 306 3.96 -7.58 -42.80
C VAL B 306 3.04 -7.21 -41.64
N SER B 307 3.26 -6.00 -41.10
CA SER B 307 2.47 -5.23 -40.14
C SER B 307 1.60 -4.17 -40.84
N SER B 308 1.00 -3.27 -40.04
CA SER B 308 0.21 -2.16 -40.60
C SER B 308 0.01 -1.12 -39.51
N GLY B 309 -0.48 0.06 -39.95
CA GLY B 309 -0.78 1.15 -39.04
C GLY B 309 0.41 2.03 -38.71
N GLY B 310 0.16 2.97 -37.78
CA GLY B 310 1.11 4.01 -37.45
C GLY B 310 1.44 4.98 -38.55
N LEU B 311 0.80 4.88 -39.72
CA LEU B 311 1.27 5.65 -40.88
C LEU B 311 0.71 7.07 -40.88
N HIS B 312 -0.55 7.23 -40.49
CA HIS B 312 -1.30 8.48 -40.63
C HIS B 312 -2.10 8.71 -39.36
N SER B 313 -2.21 9.97 -38.95
CA SER B 313 -2.85 10.25 -37.66
C SER B 313 -4.34 9.88 -37.65
N SER B 314 -5.00 9.91 -38.81
CA SER B 314 -6.44 9.68 -38.93
C SER B 314 -6.79 8.23 -39.25
N GLN B 315 -5.87 7.29 -39.10
CA GLN B 315 -6.20 5.88 -39.20
C GLN B 315 -7.39 5.43 -38.36
N GLU B 316 -7.89 4.24 -38.77
CA GLU B 316 -9.10 3.58 -38.31
C GLU B 316 -8.86 2.07 -38.50
N VAL B 317 -7.93 1.55 -37.69
CA VAL B 317 -7.50 0.17 -37.80
C VAL B 317 -8.53 -0.75 -37.15
N LYS B 318 -8.95 -1.76 -37.89
CA LYS B 318 -10.05 -2.62 -37.48
C LYS B 318 -9.41 -3.86 -36.86
N SER B 319 -8.99 -3.71 -35.61
CA SER B 319 -8.25 -4.76 -34.93
C SER B 319 -9.12 -5.98 -34.67
N GLY B 320 -8.51 -7.16 -34.70
CA GLY B 320 -9.23 -8.41 -34.56
C GLY B 320 -8.28 -9.58 -34.67
N PRO B 321 -8.78 -10.80 -34.50
CA PRO B 321 -7.90 -11.97 -34.56
C PRO B 321 -7.32 -12.15 -35.96
N GLY B 322 -5.98 -12.23 -36.03
CA GLY B 322 -5.31 -12.32 -37.32
C GLY B 322 -5.70 -11.21 -38.27
N PHE B 323 -6.02 -10.03 -37.73
CA PHE B 323 -6.63 -8.97 -38.54
C PHE B 323 -5.73 -8.52 -39.68
N GLN B 324 -4.40 -8.58 -39.51
CA GLN B 324 -3.51 -8.12 -40.57
C GLN B 324 -2.76 -9.29 -41.21
N ALA B 325 -3.31 -10.51 -41.07
CA ALA B 325 -2.89 -11.70 -41.81
C ALA B 325 -3.23 -11.63 -43.30
N PRO B 326 -4.40 -11.10 -43.71
CA PRO B 326 -4.66 -11.02 -45.16
C PRO B 326 -3.62 -10.17 -45.88
N PHE B 327 -3.06 -9.16 -45.22
CA PHE B 327 -2.02 -8.37 -45.87
C PHE B 327 -0.81 -9.22 -46.24
N GLY B 328 -0.32 -10.02 -45.29
CA GLY B 328 0.87 -10.79 -45.54
C GLY B 328 0.65 -11.86 -46.59
N ILE B 329 -0.54 -12.49 -46.57
CA ILE B 329 -0.91 -13.39 -47.65
C ILE B 329 -0.83 -12.69 -48.99
N ALA B 330 -1.43 -11.50 -49.08
CA ALA B 330 -1.39 -10.74 -50.32
C ALA B 330 0.04 -10.54 -50.78
N VAL B 331 0.96 -10.39 -49.84
CA VAL B 331 2.35 -10.16 -50.22
C VAL B 331 3.01 -11.47 -50.64
N LYS B 332 2.65 -12.59 -50.00
CA LYS B 332 3.34 -13.78 -50.42
C LYS B 332 2.85 -14.26 -51.75
N LYS B 333 1.61 -13.96 -52.12
CA LYS B 333 1.19 -14.36 -53.45
C LYS B 333 1.94 -13.59 -54.51
N ALA B 334 2.42 -12.40 -54.18
CA ALA B 334 3.10 -11.54 -55.11
C ALA B 334 4.58 -11.85 -55.24
N VAL B 335 5.23 -12.31 -54.18
CA VAL B 335 6.64 -12.63 -54.26
C VAL B 335 6.91 -14.13 -54.25
N GLY B 336 5.95 -14.95 -53.83
CA GLY B 336 6.15 -16.40 -53.90
C GLY B 336 7.35 -16.85 -53.09
N GLU B 337 8.17 -17.73 -53.65
CA GLU B 337 9.36 -18.15 -52.96
C GLU B 337 10.59 -17.31 -53.24
N ARG B 338 10.42 -16.08 -53.70
CA ARG B 338 11.60 -15.23 -53.88
C ARG B 338 12.04 -14.66 -52.55
N MET B 339 11.06 -14.52 -51.65
CA MET B 339 11.31 -13.98 -50.31
C MET B 339 10.37 -14.71 -49.36
N LEU B 340 10.68 -14.64 -48.08
CA LEU B 340 9.83 -15.27 -47.07
C LEU B 340 9.01 -14.15 -46.43
N VAL B 341 7.81 -14.45 -45.98
CA VAL B 341 7.07 -13.41 -45.27
C VAL B 341 6.59 -13.98 -43.95
N ALA B 342 6.49 -13.11 -42.95
CA ALA B 342 6.01 -13.45 -41.63
C ALA B 342 4.84 -12.53 -41.34
N THR B 343 3.89 -13.02 -40.56
CA THR B 343 2.75 -12.19 -40.21
C THR B 343 2.72 -12.01 -38.70
N VAL B 344 1.85 -11.08 -38.28
CA VAL B 344 1.80 -10.65 -36.90
C VAL B 344 0.47 -9.93 -36.72
N GLY B 345 -0.06 -9.99 -35.49
CA GLY B 345 -1.28 -9.24 -35.18
C GLY B 345 -2.40 -10.09 -34.59
N HIS B 346 -2.56 -10.00 -33.27
CA HIS B 346 -3.59 -10.73 -32.54
C HIS B 346 -3.71 -12.16 -33.06
N ILE B 347 -2.56 -12.83 -33.14
CA ILE B 347 -2.52 -14.26 -33.42
C ILE B 347 -2.47 -14.95 -32.06
N ARG B 348 -3.55 -15.59 -31.67
CA ARG B 348 -3.75 -15.88 -30.26
C ARG B 348 -3.79 -17.35 -29.95
N ASP B 349 -3.90 -18.22 -30.94
CA ASP B 349 -3.82 -19.63 -30.61
C ASP B 349 -2.99 -20.36 -31.66
N GLY B 350 -2.60 -21.59 -31.37
CA GLY B 350 -1.72 -22.34 -32.30
C GLY B 350 -2.40 -22.71 -33.60
N LYS B 351 -3.68 -23.05 -33.55
CA LYS B 351 -4.44 -23.44 -34.77
C LYS B 351 -4.32 -22.34 -35.81
N LEU B 352 -4.66 -21.11 -35.43
CA LEU B 352 -4.58 -19.97 -36.39
C LEU B 352 -3.15 -19.87 -36.91
N ALA B 353 -2.17 -20.03 -36.03
CA ALA B 353 -0.76 -19.91 -36.41
C ALA B 353 -0.42 -20.93 -37.51
N ASN B 354 -0.63 -22.21 -37.24
CA ASN B 354 -0.27 -23.26 -38.23
C ASN B 354 -1.07 -23.04 -39.50
N ARG B 355 -2.33 -22.62 -39.38
CA ARG B 355 -3.21 -22.46 -40.56
C ARG B 355 -2.62 -21.37 -41.46
N LEU B 356 -2.14 -20.27 -40.87
CA LEU B 356 -1.60 -19.15 -41.68
C LEU B 356 -0.32 -19.59 -42.37
N LEU B 357 0.24 -20.72 -41.94
CA LEU B 357 1.51 -21.22 -42.54
C LEU B 357 1.18 -22.33 -43.53
N GLU B 358 0.19 -23.17 -43.22
CA GLU B 358 -0.19 -24.31 -44.09
C GLU B 358 -1.21 -23.85 -45.15
N GLU B 359 -2.44 -23.58 -44.73
CA GLU B 359 -3.49 -23.22 -45.66
C GLU B 359 -3.15 -21.95 -46.41
N GLU B 360 -2.80 -20.90 -45.68
CA GLU B 360 -2.57 -19.61 -46.28
C GLU B 360 -1.14 -19.43 -46.75
N GLY B 361 -0.26 -20.39 -46.48
CA GLY B 361 1.01 -20.49 -47.16
C GLY B 361 2.10 -19.53 -46.76
N LEU B 362 2.12 -19.06 -45.52
CA LEU B 362 3.14 -18.14 -45.05
C LEU B 362 4.25 -18.92 -44.34
N ASP B 363 5.30 -18.22 -43.90
CA ASP B 363 6.54 -18.86 -43.48
C ASP B 363 6.82 -18.76 -41.97
N VAL B 364 6.46 -17.65 -41.32
CA VAL B 364 6.80 -17.37 -39.93
C VAL B 364 5.66 -16.59 -39.27
N VAL B 365 5.32 -16.97 -38.05
CA VAL B 365 4.32 -16.28 -37.28
C VAL B 365 4.98 -15.54 -36.11
N LEU B 366 4.71 -14.24 -36.02
CA LEU B 366 5.21 -13.45 -34.89
C LEU B 366 4.09 -13.14 -33.91
N VAL B 367 4.42 -13.16 -32.62
CA VAL B 367 3.52 -12.76 -31.55
C VAL B 367 4.21 -11.69 -30.71
N GLY B 368 3.44 -10.72 -30.25
CA GLY B 368 4.00 -9.72 -29.37
C GLY B 368 3.39 -9.76 -27.99
N ARG B 369 2.17 -9.21 -27.87
CA ARG B 369 1.52 -9.13 -26.58
C ARG B 369 1.33 -10.51 -25.98
N GLY B 370 1.18 -11.51 -26.83
CA GLY B 370 0.97 -12.85 -26.32
C GLY B 370 2.14 -13.37 -25.52
N PHE B 371 3.36 -12.94 -25.83
CA PHE B 371 4.52 -13.37 -25.05
C PHE B 371 4.66 -12.58 -23.76
N GLN B 372 4.32 -11.29 -23.80
CA GLN B 372 4.34 -10.46 -22.62
C GLN B 372 3.42 -11.01 -21.54
N LYS B 373 2.23 -11.49 -21.94
CA LYS B 373 1.28 -12.08 -21.02
C LYS B 373 1.58 -13.55 -20.77
N ASP B 374 2.22 -14.21 -21.75
CA ASP B 374 2.58 -15.62 -21.64
C ASP B 374 3.95 -15.90 -22.23
N PRO B 375 5.00 -15.82 -21.40
CA PRO B 375 6.35 -16.18 -21.89
C PRO B 375 6.46 -17.64 -22.28
N GLY B 376 5.45 -18.46 -22.00
CA GLY B 376 5.47 -19.86 -22.44
C GLY B 376 4.48 -20.16 -23.55
N LEU B 377 4.26 -19.22 -24.47
CA LEU B 377 3.29 -19.38 -25.57
C LEU B 377 3.69 -20.54 -26.48
N VAL B 378 4.99 -20.77 -26.66
CA VAL B 378 5.48 -21.91 -27.48
C VAL B 378 4.93 -23.18 -26.88
N TRP B 379 5.05 -23.33 -25.57
CA TRP B 379 4.45 -24.48 -24.93
C TRP B 379 2.93 -24.42 -25.08
N THR B 380 2.34 -23.21 -25.04
CA THR B 380 0.88 -23.14 -25.11
C THR B 380 0.42 -23.50 -26.50
N PHE B 381 1.12 -22.97 -27.51
CA PHE B 381 0.74 -23.29 -28.88
C PHE B 381 0.97 -24.77 -29.17
N ALA B 382 2.14 -25.30 -28.79
CA ALA B 382 2.39 -26.75 -28.90
C ALA B 382 1.25 -27.55 -28.30
N GLN B 383 0.71 -27.06 -27.18
CA GLN B 383 -0.42 -27.75 -26.56
C GLN B 383 -1.68 -27.66 -27.41
N HIS B 384 -1.84 -26.55 -28.13
CA HIS B 384 -3.02 -26.36 -29.00
C HIS B 384 -2.99 -27.35 -30.16
N LEU B 385 -1.80 -27.72 -30.62
CA LEU B 385 -1.66 -28.60 -31.81
C LEU B 385 -1.19 -29.99 -31.39
N ASP B 386 -1.16 -30.27 -30.10
CA ASP B 386 -0.80 -31.63 -29.59
C ASP B 386 0.62 -31.99 -29.99
N VAL B 387 1.55 -31.03 -29.88
CA VAL B 387 2.96 -31.27 -30.31
C VAL B 387 3.86 -31.44 -29.09
N GLU B 388 4.73 -32.46 -29.11
CA GLU B 388 5.70 -32.66 -28.01
C GLU B 388 6.93 -31.81 -28.30
N VAL B 389 7.23 -30.85 -27.43
CA VAL B 389 8.36 -29.91 -27.68
C VAL B 389 9.35 -29.95 -26.52
N ALA B 390 10.61 -29.66 -26.81
CA ALA B 390 11.64 -29.60 -25.78
C ALA B 390 11.39 -28.40 -24.89
N MET B 391 11.73 -28.56 -23.63
CA MET B 391 11.82 -27.48 -22.69
C MET B 391 13.09 -27.71 -21.87
N PRO B 392 13.74 -26.67 -21.36
CA PRO B 392 15.02 -26.88 -20.67
C PRO B 392 14.88 -27.80 -19.48
N GLY B 393 16.02 -28.37 -19.06
CA GLY B 393 16.03 -29.28 -17.92
C GLY B 393 15.54 -28.65 -16.63
N GLN B 394 15.87 -27.37 -16.42
CA GLN B 394 15.40 -26.69 -15.20
C GLN B 394 13.90 -26.73 -15.09
N ILE B 395 13.19 -26.72 -16.23
CA ILE B 395 11.74 -26.55 -16.29
C ILE B 395 11.03 -27.89 -16.52
N ARG B 396 11.57 -28.77 -17.37
CA ARG B 396 10.78 -29.97 -17.69
C ARG B 396 10.70 -31.00 -16.58
N TRP B 397 11.75 -31.25 -15.80
CA TRP B 397 11.78 -32.50 -15.05
C TRP B 397 10.59 -32.69 -14.12
N GLY B 398 10.05 -31.61 -13.54
CA GLY B 398 8.84 -31.71 -12.76
C GLY B 398 7.60 -32.11 -13.51
N PHE B 399 7.53 -31.80 -14.80
CA PHE B 399 6.35 -32.16 -15.62
C PHE B 399 6.65 -33.45 -16.38
N SER B 400 7.11 -34.49 -15.68
CA SER B 400 7.51 -35.75 -16.35
C SER B 400 6.76 -36.94 -15.76
N LYS B 401 7.23 -38.15 -16.04
CA LYS B 401 6.55 -39.38 -15.54
C LYS B 401 7.59 -40.46 -15.24
N ARG B 405 10.27 -39.64 -18.56
CA ARG B 405 11.42 -40.30 -17.88
C ARG B 405 12.66 -39.43 -18.05
N GLY B 406 13.31 -39.48 -19.22
CA GLY B 406 14.54 -38.70 -19.46
C GLY B 406 14.55 -38.06 -20.84
N THR B 407 13.37 -37.93 -21.46
CA THR B 407 13.27 -37.28 -22.79
C THR B 407 13.37 -35.76 -22.61
N PRO B 408 13.96 -35.02 -23.56
CA PRO B 408 13.96 -33.57 -23.49
C PRO B 408 12.60 -33.02 -23.94
N PHE B 409 11.60 -33.88 -24.14
CA PHE B 409 10.32 -33.42 -24.68
C PHE B 409 9.19 -33.57 -23.66
N VAL B 410 8.31 -32.57 -23.61
CA VAL B 410 7.20 -32.58 -22.66
C VAL B 410 5.95 -33.09 -23.36
N ASP B 411 5.19 -33.92 -22.64
CA ASP B 411 3.90 -34.43 -23.17
C ASP B 411 2.89 -33.29 -23.17
N PRO B 412 2.25 -32.96 -24.32
CA PRO B 412 1.28 -31.87 -24.37
C PRO B 412 0.08 -32.14 -23.46
N SER B 413 0.00 -33.34 -22.89
CA SER B 413 -1.17 -33.72 -22.04
C SER B 413 -0.97 -33.24 -20.60
N VAL B 414 0.26 -32.87 -20.24
CA VAL B 414 0.55 -32.48 -18.83
C VAL B 414 0.20 -31.00 -18.64
N TYR B 415 -0.19 -30.61 -17.43
CA TYR B 415 -0.58 -29.21 -17.13
C TYR B 415 -1.30 -28.61 -18.32
N LYS B 416 -2.39 -29.26 -18.76
CA LYS B 416 -3.19 -28.73 -19.87
C LYS B 416 -4.07 -27.60 -19.34
N PRO B 417 -4.03 -26.39 -19.96
CA PRO B 417 -4.84 -25.27 -19.50
C PRO B 417 -6.30 -25.69 -19.27
N ASP C 3 -23.60 -12.89 2.82
CA ASP C 3 -23.44 -11.50 3.29
C ASP C 3 -22.08 -11.28 4.00
N ILE C 4 -21.54 -10.04 4.00
CA ILE C 4 -20.25 -9.72 4.62
C ILE C 4 -20.36 -9.69 6.15
N LYS C 5 -19.20 -9.56 6.79
CA LYS C 5 -19.09 -9.45 8.23
C LYS C 5 -18.25 -8.23 8.57
N VAL C 6 -18.50 -7.66 9.76
CA VAL C 6 -17.75 -6.50 10.22
C VAL C 6 -16.47 -7.06 10.82
N GLU C 7 -15.41 -6.91 10.08
CA GLU C 7 -14.18 -7.55 10.45
C GLU C 7 -13.41 -6.69 11.44
N PRO C 8 -13.00 -7.22 12.58
CA PRO C 8 -12.32 -6.36 13.57
C PRO C 8 -10.89 -6.05 13.17
N ALA C 9 -10.37 -4.96 13.72
CA ALA C 9 -8.98 -4.63 13.45
C ALA C 9 -8.04 -5.55 14.26
N LYS C 10 -6.81 -5.75 13.73
CA LYS C 10 -5.96 -6.86 14.18
C LYS C 10 -4.96 -6.41 15.25
N GLY C 11 -4.99 -7.09 16.40
CA GLY C 11 -4.02 -6.87 17.45
C GLY C 11 -4.44 -5.93 18.56
N ILE C 12 -5.69 -5.47 18.57
CA ILE C 12 -6.24 -4.57 19.59
C ILE C 12 -6.90 -5.32 20.75
N SER C 13 -6.64 -4.80 21.97
CA SER C 13 -7.26 -5.17 23.24
C SER C 13 -8.77 -5.25 23.16
N TYR C 14 -9.37 -4.57 22.18
CA TYR C 14 -10.80 -4.34 22.12
C TYR C 14 -11.23 -4.44 20.66
N PHE C 15 -12.53 -4.39 20.43
CA PHE C 15 -13.05 -4.46 19.07
C PHE C 15 -13.10 -3.08 18.46
N THR C 16 -12.62 -2.92 17.23
CA THR C 16 -13.19 -1.79 16.53
C THR C 16 -13.14 -2.10 15.04
N PRO C 17 -14.09 -1.55 14.24
CA PRO C 17 -14.11 -1.78 12.80
C PRO C 17 -12.73 -1.52 12.19
N ALA C 18 -12.31 -2.41 11.30
CA ALA C 18 -10.99 -2.30 10.67
C ALA C 18 -11.08 -1.33 9.49
N GLN C 19 -10.04 -0.55 9.29
CA GLN C 19 -10.07 0.46 8.20
C GLN C 19 -9.12 0.04 7.09
N GLU C 20 -9.53 -0.94 6.26
CA GLU C 20 -8.69 -1.26 5.08
C GLU C 20 -8.55 0.04 4.30
N THR C 21 -7.63 0.11 3.35
CA THR C 21 -7.38 1.40 2.67
C THR C 21 -7.36 2.48 3.75
N PRO C 22 -6.31 2.57 4.58
CA PRO C 22 -6.24 3.54 5.68
C PRO C 22 -6.49 5.00 5.28
N ALA C 23 -6.82 5.85 6.27
CA ALA C 23 -7.08 7.28 5.99
C ALA C 23 -5.79 7.97 5.54
N GLY C 24 -5.92 9.07 4.80
CA GLY C 24 -4.74 9.77 4.27
C GLY C 24 -4.21 9.07 3.05
N THR C 25 -4.64 7.82 2.84
CA THR C 25 -4.19 7.04 1.66
C THR C 25 -4.89 7.59 0.42
N ALA C 26 -4.12 8.10 -0.53
CA ALA C 26 -4.71 8.61 -1.78
C ALA C 26 -5.00 7.46 -2.74
N ALA C 27 -5.58 7.75 -3.90
CA ALA C 27 -5.95 6.74 -4.88
C ALA C 27 -4.96 6.79 -6.06
N ASN C 28 -4.24 5.66 -6.30
CA ASN C 28 -3.26 5.63 -7.39
C ASN C 28 -3.92 5.58 -8.77
N PRO C 29 -5.03 4.88 -8.98
CA PRO C 29 -5.99 5.31 -10.01
C PRO C 29 -6.85 6.46 -9.51
N GLN C 30 -6.38 7.71 -9.64
CA GLN C 30 -7.24 8.86 -9.40
C GLN C 30 -8.40 8.87 -10.40
N THR C 31 -9.63 8.98 -9.86
CA THR C 31 -10.79 9.13 -10.74
C THR C 31 -10.72 10.47 -11.49
N SER C 32 -10.15 11.47 -10.85
CA SER C 32 -9.98 12.77 -11.48
C SER C 32 -9.02 12.67 -12.65
N GLY C 33 -8.48 11.47 -12.89
CA GLY C 33 -7.56 11.19 -13.96
C GLY C 33 -6.30 12.03 -13.88
N LYS C 34 -6.03 12.57 -12.69
CA LYS C 34 -5.05 13.64 -12.63
C LYS C 34 -3.90 13.17 -11.79
N ALA C 35 -2.73 13.73 -12.07
CA ALA C 35 -1.54 13.20 -11.44
C ALA C 35 -1.58 13.43 -9.92
N ILE C 36 -1.10 12.42 -9.21
CA ILE C 36 -1.27 12.28 -7.77
C ILE C 36 -0.14 12.97 -7.02
N PRO C 37 -0.35 14.19 -6.50
CA PRO C 37 0.77 15.05 -6.06
C PRO C 37 1.61 14.43 -4.94
N LYS C 38 2.78 15.06 -4.75
CA LYS C 38 3.79 14.50 -3.86
C LYS C 38 3.28 14.37 -2.44
N LEU C 39 2.74 15.46 -1.87
CA LEU C 39 2.25 15.43 -0.49
C LEU C 39 1.40 14.20 -0.19
N PHE C 40 0.82 13.57 -1.22
CA PHE C 40 -0.02 12.41 -1.03
C PHE C 40 0.55 11.15 -1.68
N GLN C 41 1.83 11.22 -2.07
CA GLN C 41 2.52 10.01 -2.56
C GLN C 41 3.23 9.43 -1.34
N PRO C 42 3.11 8.13 -1.03
CA PRO C 42 3.70 7.60 0.19
C PRO C 42 5.24 7.60 0.21
N ILE C 43 5.84 7.62 1.41
CA ILE C 43 7.32 7.52 1.52
C ILE C 43 7.62 6.26 2.33
N THR C 44 8.50 5.40 1.82
CA THR C 44 8.90 4.19 2.59
C THR C 44 10.32 4.41 3.14
N ILE C 45 10.43 4.63 4.45
CA ILE C 45 11.76 4.76 5.10
C ILE C 45 12.00 3.44 5.82
N ARG C 46 13.21 2.87 5.68
CA ARG C 46 13.44 1.51 6.24
C ARG C 46 12.33 0.64 5.67
N GLY C 47 11.76 -0.25 6.48
CA GLY C 47 10.62 -0.97 5.94
C GLY C 47 9.30 -0.23 5.94
N LEU C 48 9.26 0.94 6.59
CA LEU C 48 8.04 1.61 7.04
C LEU C 48 7.48 2.51 5.95
N THR C 49 6.21 2.31 5.61
CA THR C 49 5.55 3.14 4.60
C THR C 49 4.52 4.08 5.25
N PHE C 50 4.60 5.36 4.90
CA PHE C 50 3.68 6.39 5.37
C PHE C 50 2.70 6.74 4.27
N GLN C 51 1.40 6.73 4.61
CA GLN C 51 0.38 6.88 3.57
C GLN C 51 0.53 8.20 2.81
N ASN C 52 1.18 9.19 3.40
CA ASN C 52 1.30 10.53 2.80
C ASN C 52 2.35 11.33 3.59
N ARG C 53 2.64 12.52 3.11
CA ARG C 53 3.82 13.28 3.51
C ARG C 53 3.47 14.44 4.43
N LEU C 54 2.26 14.44 4.98
CA LEU C 54 1.78 15.46 5.88
C LEU C 54 1.69 14.86 7.26
N GLY C 55 2.61 15.22 8.15
CA GLY C 55 2.69 14.65 9.48
C GLY C 55 2.34 15.62 10.57
N VAL C 56 1.93 15.07 11.73
CA VAL C 56 1.63 15.86 12.91
C VAL C 56 2.93 16.13 13.68
N SER C 57 3.27 17.40 13.83
CA SER C 57 4.45 17.80 14.57
C SER C 57 4.28 17.52 16.07
N PRO C 58 5.37 17.16 16.77
CA PRO C 58 5.28 16.92 18.22
C PRO C 58 4.82 18.18 18.95
N MET C 59 3.73 18.02 19.71
CA MET C 59 3.17 19.13 20.48
C MET C 59 2.89 18.70 21.93
N CYS C 60 3.65 19.28 22.84
CA CYS C 60 3.43 19.09 24.26
C CYS C 60 2.04 19.59 24.63
N GLN C 61 1.36 18.81 25.46
CA GLN C 61 0.01 19.14 25.88
C GLN C 61 -0.08 19.50 27.35
N TYR C 62 0.99 19.32 28.12
CA TYR C 62 1.06 19.76 29.51
C TYR C 62 -0.10 19.22 30.34
N SER C 63 -0.32 17.90 30.24
CA SER C 63 -1.54 17.30 30.75
C SER C 63 -1.28 15.91 31.30
N ALA C 64 -0.03 15.54 31.54
CA ALA C 64 0.35 14.27 32.14
C ALA C 64 0.49 14.42 33.66
N GLU C 65 0.36 13.30 34.37
CA GLU C 65 0.60 13.27 35.81
C GLU C 65 1.72 12.28 36.08
N ASP C 66 2.82 12.76 36.70
CA ASP C 66 4.06 12.01 36.89
C ASP C 66 4.48 11.26 35.61
N GLY C 67 4.50 11.99 34.49
CA GLY C 67 4.87 11.38 33.23
C GLY C 67 3.86 10.45 32.62
N HIS C 68 2.68 10.29 33.21
CA HIS C 68 1.67 9.38 32.67
C HIS C 68 0.66 10.12 31.81
N MET C 69 0.50 9.66 30.57
CA MET C 69 -0.54 10.21 29.68
C MET C 69 -1.90 9.76 30.22
N THR C 70 -2.98 10.45 29.85
CA THR C 70 -4.33 10.12 30.38
C THR C 70 -5.30 9.94 29.22
N ASP C 71 -6.60 9.97 29.50
CA ASP C 71 -7.62 9.88 28.43
C ASP C 71 -7.60 11.17 27.61
N TYR C 72 -6.93 12.20 28.14
CA TYR C 72 -6.81 13.46 27.38
C TYR C 72 -6.10 13.18 26.07
N HIS C 73 -4.98 12.45 26.14
CA HIS C 73 -4.17 12.22 24.91
C HIS C 73 -4.89 11.28 23.96
N LEU C 74 -5.79 10.44 24.49
CA LEU C 74 -6.57 9.52 23.63
C LEU C 74 -7.60 10.33 22.85
N ALA C 75 -8.11 11.40 23.47
CA ALA C 75 -9.07 12.28 22.78
C ALA C 75 -8.30 13.25 21.88
N HIS C 76 -7.18 13.76 22.39
CA HIS C 76 -6.34 14.71 21.62
C HIS C 76 -5.85 14.08 20.33
N LEU C 77 -4.97 13.09 20.43
CA LEU C 77 -4.36 12.48 19.22
C LEU C 77 -5.36 11.54 18.55
N GLY C 78 -6.31 10.98 19.31
CA GLY C 78 -7.27 10.09 18.68
C GLY C 78 -7.99 10.71 17.49
N GLY C 79 -8.65 11.84 17.79
CA GLY C 79 -9.41 12.54 16.76
C GLY C 79 -8.54 12.99 15.60
N ILE C 80 -7.28 13.30 15.88
CA ILE C 80 -6.36 13.60 14.81
C ILE C 80 -5.96 12.33 14.09
N ALA C 81 -5.49 11.32 14.83
CA ALA C 81 -4.99 10.12 14.15
C ALA C 81 -6.06 9.48 13.28
N GLN C 82 -7.31 9.68 13.65
CA GLN C 82 -8.45 9.08 12.89
C GLN C 82 -8.61 9.80 11.55
N ARG C 83 -8.04 10.98 11.40
CA ARG C 83 -8.27 11.75 10.14
C ARG C 83 -7.13 11.46 9.17
N GLY C 84 -6.30 10.48 9.47
CA GLY C 84 -5.27 10.02 8.51
C GLY C 84 -4.04 10.86 8.35
N PRO C 85 -3.36 11.28 9.43
CA PRO C 85 -2.13 11.99 9.27
C PRO C 85 -1.08 10.96 8.84
N GLY C 86 -0.35 11.21 7.75
CA GLY C 86 0.71 10.29 7.29
C GLY C 86 1.56 9.80 8.45
N LEU C 87 1.98 10.72 9.30
CA LEU C 87 2.71 10.29 10.52
C LEU C 87 2.30 11.19 11.69
N ILE C 88 2.32 10.64 12.90
CA ILE C 88 1.99 11.43 14.12
C ILE C 88 3.16 11.30 15.08
N MET C 89 3.64 12.41 15.63
CA MET C 89 4.78 12.38 16.57
C MET C 89 4.30 12.75 17.98
N ILE C 90 4.38 11.82 18.92
CA ILE C 90 3.95 12.09 20.33
C ILE C 90 4.84 13.19 20.90
N GLU C 91 4.27 14.04 21.77
CA GLU C 91 5.01 15.20 22.33
C GLU C 91 6.33 14.78 22.94
N ALA C 92 7.23 15.74 23.12
CA ALA C 92 8.54 15.47 23.76
C ALA C 92 8.34 14.59 24.98
N THR C 93 8.86 13.36 24.93
CA THR C 93 8.76 12.44 26.09
C THR C 93 10.12 12.45 26.80
N ALA C 94 10.15 12.86 28.07
CA ALA C 94 11.40 12.96 28.80
C ALA C 94 11.99 11.59 29.04
N VAL C 95 13.30 11.47 28.86
CA VAL C 95 13.98 10.24 29.21
C VAL C 95 14.39 10.21 30.68
N GLN C 96 14.43 11.35 31.34
CA GLN C 96 14.75 11.47 32.77
C GLN C 96 13.78 12.44 33.40
N PRO C 97 13.50 12.31 34.71
CA PRO C 97 12.53 13.22 35.33
C PRO C 97 12.95 14.69 35.29
N GLU C 98 14.17 14.99 35.72
CA GLU C 98 14.71 16.34 35.69
C GLU C 98 14.87 16.90 34.27
N GLY C 99 14.73 16.08 33.24
CA GLY C 99 14.74 16.54 31.88
C GLY C 99 13.36 16.85 31.31
N ARG C 100 12.34 16.90 32.14
CA ARG C 100 11.03 17.39 31.70
C ARG C 100 11.08 18.90 31.55
N ILE C 101 10.34 19.42 30.57
CA ILE C 101 10.19 20.87 30.48
C ILE C 101 9.35 21.41 31.65
N SER C 102 8.15 20.88 31.82
CA SER C 102 7.27 21.25 32.92
C SER C 102 6.85 20.00 33.67
N PRO C 103 6.30 20.14 34.88
CA PRO C 103 5.99 18.95 35.67
C PRO C 103 4.78 18.19 35.16
N GLN C 104 4.22 18.60 34.01
CA GLN C 104 3.10 17.89 33.39
C GLN C 104 3.48 17.21 32.07
N ASP C 105 4.79 17.04 31.83
CA ASP C 105 5.30 16.45 30.60
C ASP C 105 5.11 14.95 30.58
N VAL C 106 4.90 14.40 29.38
CA VAL C 106 4.97 12.96 29.27
C VAL C 106 6.43 12.56 29.49
N GLY C 107 6.63 11.42 30.13
CA GLY C 107 7.96 10.92 30.38
C GLY C 107 7.99 9.44 30.12
N LEU C 108 9.20 8.87 30.12
CA LEU C 108 9.28 7.47 29.79
C LEU C 108 10.54 6.86 30.45
N TRP C 109 10.80 7.29 31.69
CA TRP C 109 11.93 6.83 32.47
C TRP C 109 11.61 5.64 33.34
N LYS C 110 10.33 5.37 33.59
CA LYS C 110 9.96 4.16 34.31
C LYS C 110 9.00 3.33 33.46
N ASP C 111 9.03 2.02 33.70
CA ASP C 111 8.18 1.11 32.93
C ASP C 111 6.73 1.55 32.93
N SER C 112 6.22 2.03 34.05
CA SER C 112 4.78 2.25 34.21
C SER C 112 4.24 3.37 33.35
N GLN C 113 5.07 4.05 32.56
CA GLN C 113 4.62 5.11 31.67
C GLN C 113 4.31 4.58 30.25
N ILE C 114 4.46 3.27 30.04
CA ILE C 114 4.35 2.69 28.70
C ILE C 114 2.89 2.50 28.32
N ALA C 115 2.10 1.88 29.21
CA ALA C 115 0.71 1.60 28.89
C ALA C 115 -0.10 2.84 28.54
N PRO C 116 -0.05 3.95 29.30
CA PRO C 116 -0.74 5.16 28.83
C PRO C 116 -0.41 5.48 27.38
N ILE C 117 0.89 5.54 27.05
CA ILE C 117 1.28 5.83 25.68
C ILE C 117 0.79 4.72 24.76
N ALA C 118 0.93 3.47 25.18
CA ALA C 118 0.55 2.36 24.30
C ALA C 118 -0.92 2.42 23.92
N ARG C 119 -1.78 2.81 24.86
CA ARG C 119 -3.25 2.91 24.61
C ARG C 119 -3.54 3.87 23.46
N VAL C 120 -2.79 4.96 23.39
CA VAL C 120 -2.97 5.92 22.28
C VAL C 120 -2.28 5.32 21.06
N ILE C 121 -1.17 4.61 21.27
CA ILE C 121 -0.57 3.99 20.09
C ILE C 121 -1.50 2.90 19.54
N GLU C 122 -2.08 2.12 20.44
CA GLU C 122 -3.00 1.06 20.05
C GLU C 122 -4.08 1.57 19.10
N PHE C 123 -4.77 2.65 19.50
CA PHE C 123 -5.88 3.21 18.72
C PHE C 123 -5.42 3.65 17.34
N ALA C 124 -4.30 4.36 17.27
CA ALA C 124 -3.87 4.83 15.98
C ALA C 124 -3.38 3.65 15.12
N HIS C 125 -3.06 2.54 15.78
CA HIS C 125 -2.78 1.34 15.01
C HIS C 125 -4.05 0.70 14.51
N SER C 126 -5.13 0.80 15.27
CA SER C 126 -6.40 0.24 14.83
C SER C 126 -6.84 0.87 13.51
N GLN C 127 -6.21 2.00 13.16
CA GLN C 127 -6.58 2.78 12.00
C GLN C 127 -5.53 2.75 10.91
N GLY C 128 -4.50 1.93 11.05
CA GLY C 128 -3.44 1.88 10.06
C GLY C 128 -2.53 3.07 10.00
N GLN C 129 -2.45 3.88 11.05
CA GLN C 129 -1.57 5.03 10.96
C GLN C 129 -0.27 4.68 11.66
N LYS C 130 0.77 5.48 11.47
CA LYS C 130 2.07 5.25 12.12
C LYS C 130 2.32 6.34 13.14
N ILE C 131 2.86 5.98 14.30
CA ILE C 131 2.92 6.93 15.40
C ILE C 131 4.29 6.85 16.02
N GLY C 132 4.98 7.98 16.07
CA GLY C 132 6.32 8.05 16.61
C GLY C 132 6.31 8.69 17.97
N ILE C 133 7.47 8.67 18.62
CA ILE C 133 7.66 9.29 19.91
C ILE C 133 8.93 10.12 19.87
N GLN C 134 8.81 11.39 20.23
CA GLN C 134 9.95 12.31 20.28
C GLN C 134 10.53 12.25 21.68
N LEU C 135 11.63 11.52 21.83
CA LEU C 135 12.35 11.45 23.09
C LEU C 135 13.11 12.74 23.32
N ALA C 136 13.25 13.13 24.59
CA ALA C 136 13.68 14.49 24.91
C ALA C 136 14.32 14.57 26.27
N HIS C 137 15.27 15.49 26.39
CA HIS C 137 15.74 16.04 27.65
C HIS C 137 15.73 17.55 27.49
N ALA C 138 15.41 18.26 28.59
CA ALA C 138 15.11 19.69 28.49
C ALA C 138 16.25 20.57 28.98
N GLY C 139 17.40 20.00 29.31
CA GLY C 139 18.59 20.77 29.66
C GLY C 139 18.35 21.79 30.73
N ARG C 140 18.70 23.05 30.43
CA ARG C 140 18.55 24.17 31.34
C ARG C 140 17.21 24.89 31.17
N LYS C 141 16.37 24.43 30.24
CA LYS C 141 14.99 24.92 30.10
C LYS C 141 14.01 24.06 30.89
N ALA C 142 14.50 23.17 31.75
CA ALA C 142 13.68 22.25 32.53
C ALA C 142 13.07 22.92 33.75
N SER C 143 11.98 22.33 34.25
CA SER C 143 11.34 22.78 35.49
C SER C 143 10.86 24.22 35.36
N THR C 144 10.27 24.51 34.20
CA THR C 144 9.57 25.77 33.95
C THR C 144 8.08 25.53 34.02
N THR C 145 7.33 26.64 34.01
CA THR C 145 5.88 26.57 34.11
C THR C 145 5.21 26.42 32.75
N VAL C 146 4.20 25.55 32.73
CA VAL C 146 3.29 25.30 31.62
C VAL C 146 2.84 26.62 30.97
N PRO C 147 2.89 26.72 29.63
CA PRO C 147 2.96 28.04 28.98
C PRO C 147 1.64 28.85 28.86
N TRP C 148 0.51 28.22 29.19
CA TRP C 148 -0.79 28.92 29.07
C TRP C 148 -1.13 29.58 30.41
N MET C 149 -0.19 29.53 31.35
CA MET C 149 -0.39 30.18 32.66
C MET C 149 0.38 31.50 32.62
N LEU C 150 -0.17 32.54 33.26
CA LEU C 150 0.45 33.88 33.19
C LEU C 150 1.91 33.80 33.67
N ASN C 151 2.21 32.84 34.53
CA ASN C 151 3.60 32.64 35.00
C ASN C 151 4.49 32.28 33.81
N HIS C 152 3.91 32.03 32.63
CA HIS C 152 4.69 31.58 31.46
C HIS C 152 6.08 32.20 31.46
N GLY C 153 7.12 31.39 31.23
CA GLY C 153 8.48 31.94 31.16
C GLY C 153 9.12 32.01 32.53
N SER C 154 8.56 31.31 33.51
CA SER C 154 9.07 31.40 34.90
C SER C 154 9.48 30.01 35.41
N ILE C 155 10.28 29.97 36.47
CA ILE C 155 10.73 28.68 37.08
C ILE C 155 9.54 28.03 37.78
N ALA C 156 9.46 26.70 37.73
CA ALA C 156 8.39 25.98 38.44
C ALA C 156 8.88 25.58 39.83
N THR C 157 8.43 26.28 40.87
CA THR C 157 8.91 25.97 42.24
C THR C 157 8.70 24.51 42.59
N GLU C 158 9.43 24.02 43.60
CA GLU C 158 9.26 22.63 44.06
C GLU C 158 7.83 22.46 44.58
N ASN C 159 7.17 23.57 44.90
CA ASN C 159 5.81 23.52 45.46
C ASN C 159 4.83 23.15 44.34
N VAL C 160 4.90 23.87 43.22
CA VAL C 160 4.00 23.60 42.05
C VAL C 160 4.39 22.25 41.44
N GLY C 161 5.39 21.58 42.00
CA GLY C 161 5.80 20.24 41.51
C GLY C 161 7.06 20.32 40.69
N GLY C 162 7.96 21.26 41.02
CA GLY C 162 9.16 21.45 40.17
C GLY C 162 10.42 20.88 40.78
N TRP C 163 11.55 21.03 40.07
CA TRP C 163 12.84 20.54 40.52
C TRP C 163 13.90 21.61 40.29
N PRO C 164 13.71 22.80 40.88
CA PRO C 164 14.47 23.98 40.41
C PRO C 164 15.97 23.86 40.61
N ASP C 165 16.42 23.26 41.69
CA ASP C 165 17.85 23.17 41.88
C ASP C 165 18.45 22.01 41.09
N ASN C 166 17.69 20.94 40.88
CA ASN C 166 18.19 19.76 40.18
C ASN C 166 17.94 19.87 38.69
N VAL C 167 18.28 21.03 38.13
CA VAL C 167 18.25 21.26 36.68
C VAL C 167 19.69 21.18 36.18
N LYS C 168 19.93 20.23 35.29
CA LYS C 168 21.28 19.93 34.82
C LYS C 168 21.39 20.31 33.36
N GLY C 169 22.50 20.96 33.00
CA GLY C 169 22.82 21.23 31.63
C GLY C 169 24.31 21.07 31.37
N PRO C 170 24.76 21.44 30.16
CA PRO C 170 26.20 21.42 29.88
C PRO C 170 27.03 22.28 30.81
N SER C 171 26.60 23.49 31.12
CA SER C 171 27.43 24.39 31.92
C SER C 171 26.55 25.11 32.95
N ASP C 172 27.12 26.17 33.50
CA ASP C 172 26.57 26.90 34.63
C ASP C 172 25.79 28.13 34.20
N ILE C 173 25.57 28.34 32.88
CA ILE C 173 25.00 29.55 32.37
C ILE C 173 23.51 29.36 32.20
N PRO C 174 22.67 30.15 32.89
CA PRO C 174 21.22 30.02 32.74
C PRO C 174 20.74 30.59 31.41
N PHE C 175 19.57 30.07 30.97
CA PHE C 175 18.99 30.51 29.72
C PHE C 175 18.57 31.97 29.80
N SER C 176 18.16 32.44 30.99
CA SER C 176 17.61 33.78 31.17
C SER C 176 17.77 34.25 32.62
N GLU C 177 17.58 35.56 32.82
CA GLU C 177 17.33 36.13 34.14
C GLU C 177 16.34 35.30 34.95
N THR C 178 15.27 34.81 34.32
CA THR C 178 14.18 34.14 35.03
C THR C 178 14.12 32.63 34.75
N PHE C 179 15.24 32.01 34.41
CA PHE C 179 15.25 30.56 34.32
C PHE C 179 16.08 29.98 35.46
N PRO C 180 15.86 28.71 35.85
CA PRO C 180 16.59 28.16 37.01
C PRO C 180 18.10 28.09 36.77
N ARG C 181 18.85 27.93 37.86
CA ARG C 181 20.33 27.91 37.73
C ARG C 181 20.78 26.52 37.25
N PRO C 182 21.42 26.41 36.07
CA PRO C 182 21.83 25.12 35.53
C PRO C 182 23.08 24.61 36.27
N ARG C 183 23.22 23.29 36.38
CA ARG C 183 24.42 22.71 37.03
C ARG C 183 25.17 21.86 36.00
N ALA C 184 26.40 22.24 35.68
CA ALA C 184 27.20 21.48 34.69
C ALA C 184 27.08 19.98 34.96
N MET C 185 26.80 19.19 33.93
CA MET C 185 26.65 17.72 34.09
C MET C 185 28.03 17.09 34.31
N THR C 186 28.18 16.28 35.36
CA THR C 186 29.47 15.63 35.68
C THR C 186 29.82 14.61 34.60
N GLN C 187 31.10 14.23 34.49
CA GLN C 187 31.44 13.17 33.54
C GLN C 187 30.55 11.95 33.77
N ASP C 188 30.08 11.80 35.00
CA ASP C 188 29.36 10.61 35.39
C ASP C 188 27.90 10.78 34.99
N ASP C 189 27.45 12.05 34.99
CA ASP C 189 26.11 12.44 34.57
C ASP C 189 25.84 12.12 33.11
N ILE C 190 26.80 12.41 32.24
CA ILE C 190 26.61 12.19 30.81
C ILE C 190 26.55 10.70 30.49
N ARG C 191 27.24 9.87 31.26
CA ARG C 191 27.05 8.42 31.15
C ARG C 191 25.62 8.05 31.52
N GLU C 192 25.12 8.62 32.62
CA GLU C 192 23.76 8.32 33.05
C GLU C 192 22.74 8.79 32.04
N PHE C 193 22.96 9.97 31.46
CA PHE C 193 22.04 10.50 30.45
C PHE C 193 21.94 9.56 29.26
N LYS C 194 23.08 9.16 28.69
CA LYS C 194 23.03 8.20 27.59
C LYS C 194 22.29 6.94 28.01
N GLU C 195 22.49 6.51 29.25
CA GLU C 195 21.87 5.27 29.72
C GLU C 195 20.35 5.41 29.81
N ALA C 196 19.84 6.57 30.25
CA ALA C 196 18.38 6.72 30.34
C ALA C 196 17.76 6.95 28.98
N TRP C 197 18.54 7.42 28.02
CA TRP C 197 18.06 7.53 26.65
C TRP C 197 17.79 6.15 26.05
N VAL C 198 18.81 5.28 26.06
CA VAL C 198 18.57 3.93 25.56
C VAL C 198 17.37 3.30 26.26
N ALA C 199 17.35 3.37 27.61
CA ALA C 199 16.27 2.78 28.39
C ALA C 199 14.92 3.23 27.90
N ALA C 200 14.76 4.53 27.74
CA ALA C 200 13.48 5.08 27.35
C ALA C 200 13.18 4.69 25.92
N ALA C 201 14.22 4.66 25.08
CA ALA C 201 14.04 4.22 23.71
C ALA C 201 13.54 2.78 23.63
N LYS C 202 14.01 1.90 24.52
CA LYS C 202 13.43 0.57 24.56
C LYS C 202 11.95 0.62 24.90
N ARG C 203 11.59 1.36 25.96
CA ARG C 203 10.19 1.50 26.37
C ARG C 203 9.34 1.94 25.19
N ALA C 204 9.74 3.04 24.55
CA ALA C 204 9.09 3.54 23.33
C ALA C 204 8.76 2.43 22.33
N LEU C 205 9.71 1.54 22.06
CA LEU C 205 9.41 0.43 21.18
C LEU C 205 8.36 -0.46 21.82
N VAL C 206 8.44 -0.66 23.14
CA VAL C 206 7.53 -1.56 23.83
C VAL C 206 6.14 -1.00 23.86
N ALA C 207 6.01 0.30 23.69
CA ALA C 207 4.70 0.91 23.62
C ALA C 207 4.12 0.85 22.23
N GLY C 208 4.96 0.60 21.24
CA GLY C 208 4.49 0.37 19.89
C GLY C 208 4.89 1.46 18.92
N ALA C 209 5.89 2.28 19.27
CA ALA C 209 6.29 3.38 18.40
C ALA C 209 6.76 2.86 17.05
N ASP C 210 6.37 3.54 15.97
CA ASP C 210 6.84 3.03 14.68
C ASP C 210 8.14 3.72 14.29
N PHE C 211 8.44 4.85 14.92
CA PHE C 211 9.69 5.56 14.72
C PHE C 211 10.00 6.39 15.96
N ILE C 212 11.15 7.05 15.94
CA ILE C 212 11.62 7.84 17.07
C ILE C 212 12.35 9.06 16.53
N GLU C 213 11.99 10.24 17.04
CA GLU C 213 12.71 11.47 16.74
C GLU C 213 13.51 11.92 17.96
N ILE C 214 14.74 12.34 17.72
CA ILE C 214 15.58 12.88 18.83
C ILE C 214 15.33 14.39 18.90
N HIS C 215 15.00 14.91 20.08
CA HIS C 215 14.84 16.38 20.22
C HIS C 215 16.20 17.02 20.47
N ASN C 216 16.91 17.37 19.40
CA ASN C 216 18.22 18.06 19.54
C ASN C 216 17.97 19.51 19.15
N ALA C 217 16.94 20.13 19.74
CA ALA C 217 16.59 21.49 19.30
C ALA C 217 15.90 22.29 20.39
N HIS C 218 15.74 23.60 20.14
CA HIS C 218 14.95 24.47 20.99
C HIS C 218 15.60 24.73 22.35
N GLY C 219 16.93 24.67 22.44
CA GLY C 219 17.59 25.10 23.65
C GLY C 219 17.55 24.09 24.78
N TYR C 220 17.06 22.89 24.51
CA TYR C 220 17.10 21.79 25.45
C TYR C 220 18.49 21.16 25.45
N LEU C 221 18.64 20.04 26.17
CA LEU C 221 19.96 19.56 26.57
C LEU C 221 20.88 19.40 25.37
N LEU C 222 20.45 18.61 24.40
CA LEU C 222 21.30 18.33 23.25
C LEU C 222 21.52 19.57 22.38
N ALA C 223 20.48 20.40 22.20
CA ALA C 223 20.67 21.66 21.46
C ALA C 223 21.62 22.59 22.19
N SER C 224 21.58 22.60 23.52
CA SER C 224 22.39 23.50 24.32
C SER C 224 23.84 23.05 24.44
N PHE C 225 24.16 21.82 24.02
CA PHE C 225 25.54 21.35 23.91
C PHE C 225 26.18 21.83 22.64
N LEU C 226 25.37 22.20 21.63
CA LEU C 226 25.83 22.64 20.31
C LEU C 226 26.21 24.12 20.27
N THR C 227 25.67 24.94 21.17
CA THR C 227 25.78 26.38 21.02
C THR C 227 26.76 26.98 22.01
N PRO C 228 27.89 27.58 21.57
CA PRO C 228 28.93 28.04 22.49
C PRO C 228 28.47 28.95 23.64
N TYR C 229 27.26 29.50 23.55
CA TYR C 229 26.84 30.49 24.58
C TYR C 229 26.23 29.76 25.80
N ALA C 230 26.24 28.43 25.78
CA ALA C 230 25.68 27.64 26.90
C ALA C 230 26.63 26.49 27.24
N ASN C 231 27.39 26.03 26.25
CA ASN C 231 28.39 24.95 26.50
C ASN C 231 29.75 25.62 26.78
N LYS C 232 30.08 25.80 28.06
CA LYS C 232 31.40 26.35 28.44
C LYS C 232 32.26 25.19 28.94
N ARG C 233 31.89 23.97 28.56
CA ARG C 233 32.62 22.77 29.04
C ARG C 233 34.07 22.85 28.53
N THR C 234 34.97 22.11 29.18
CA THR C 234 36.39 22.07 28.75
C THR C 234 36.75 20.62 28.46
N ASP C 235 35.75 19.73 28.48
CA ASP C 235 35.99 18.28 28.24
C ASP C 235 35.85 17.97 26.75
N GLU C 236 35.58 16.71 26.44
CA GLU C 236 35.44 16.29 25.01
C GLU C 236 34.11 16.80 24.47
N TYR C 237 33.38 17.56 25.27
CA TYR C 237 32.05 18.07 24.84
C TYR C 237 32.10 19.60 24.80
N GLY C 238 33.11 20.19 25.44
CA GLY C 238 33.19 21.66 25.50
C GLY C 238 34.30 22.22 24.63
N GLY C 239 34.73 21.47 23.61
CA GLY C 239 35.85 21.92 22.78
C GLY C 239 35.36 22.73 21.59
N SER C 240 35.66 22.27 20.38
CA SER C 240 35.21 22.99 19.17
C SER C 240 33.91 22.38 18.66
N PHE C 241 33.50 22.76 17.44
CA PHE C 241 32.27 22.18 16.85
C PHE C 241 32.31 20.67 17.09
N GLU C 242 33.44 20.04 16.79
CA GLU C 242 33.56 18.57 16.93
C GLU C 242 33.18 18.16 18.35
N ASN C 243 33.78 18.80 19.35
CA ASN C 243 33.50 18.45 20.77
C ASN C 243 32.09 18.90 21.15
N ARG C 244 31.57 19.96 20.54
CA ARG C 244 30.18 20.38 20.84
C ARG C 244 29.23 19.33 20.26
N MET C 245 29.46 18.90 19.02
CA MET C 245 28.65 17.82 18.39
C MET C 245 28.96 16.53 19.13
N ARG C 246 29.91 16.56 20.07
CA ARG C 246 30.34 15.29 20.68
C ARG C 246 29.15 14.49 21.17
N LEU C 247 28.36 14.95 22.15
CA LEU C 247 27.25 14.11 22.69
C LEU C 247 26.19 13.87 21.60
N PRO C 248 25.59 14.92 21.01
CA PRO C 248 24.54 14.74 20.01
C PRO C 248 24.78 13.56 19.05
N LEU C 249 25.99 13.42 18.51
CA LEU C 249 26.27 12.37 17.49
C LEU C 249 26.21 10.97 18.12
N LYS C 250 26.60 10.85 19.40
CA LYS C 250 26.52 9.54 20.10
C LYS C 250 25.06 9.13 20.24
N ILE C 251 24.22 10.03 20.78
CA ILE C 251 22.78 9.72 21.02
C ILE C 251 22.17 9.29 19.68
N ALA C 252 22.57 9.96 18.61
CA ALA C 252 22.08 9.56 17.27
C ALA C 252 22.46 8.10 17.02
N GLN C 253 23.74 7.75 17.22
CA GLN C 253 24.17 6.37 17.02
C GLN C 253 23.49 5.44 18.02
N LEU C 254 23.52 5.80 19.30
CA LEU C 254 22.91 4.95 20.32
C LEU C 254 21.46 4.65 19.97
N THR C 255 20.74 5.67 19.51
CA THR C 255 19.32 5.48 19.14
C THR C 255 19.21 4.38 18.08
N ARG C 256 19.93 4.51 16.96
CA ARG C 256 19.86 3.51 15.84
C ARG C 256 20.36 2.15 16.32
N ASP C 257 21.17 2.12 17.36
CA ASP C 257 21.68 0.85 17.91
C ASP C 257 20.58 0.20 18.76
N THR C 258 20.01 0.96 19.70
CA THR C 258 18.87 0.44 20.51
C THR C 258 17.73 0.09 19.56
N VAL C 259 17.39 1.02 18.67
CA VAL C 259 16.35 0.75 17.64
C VAL C 259 16.99 -0.19 16.62
N GLY C 260 16.21 -0.79 15.73
CA GLY C 260 16.85 -1.76 14.82
C GLY C 260 17.20 -1.14 13.49
N GLU C 261 17.26 -1.96 12.44
CA GLU C 261 17.50 -1.44 11.11
C GLU C 261 16.20 -1.26 10.35
N HIS C 262 15.06 -1.56 10.99
CA HIS C 262 13.75 -1.53 10.36
C HIS C 262 12.86 -0.47 10.97
N VAL C 263 13.39 0.28 11.93
CA VAL C 263 12.71 1.36 12.64
C VAL C 263 13.33 2.67 12.19
N PRO C 264 12.60 3.54 11.52
CA PRO C 264 13.16 4.84 11.12
C PRO C 264 13.48 5.71 12.33
N VAL C 265 14.53 6.51 12.21
CA VAL C 265 14.96 7.42 13.27
C VAL C 265 15.09 8.83 12.70
N PHE C 266 14.41 9.79 13.31
CA PHE C 266 14.52 11.20 12.98
C PHE C 266 15.37 11.94 14.01
N LEU C 267 15.81 13.14 13.65
CA LEU C 267 16.54 14.01 14.62
C LEU C 267 16.12 15.46 14.36
N ARG C 268 15.48 16.10 15.33
CA ARG C 268 15.00 17.50 15.16
C ARG C 268 16.11 18.46 15.60
N LEU C 269 16.28 19.56 14.86
CA LEU C 269 17.37 20.52 15.18
C LEU C 269 16.90 21.97 14.92
N SER C 270 17.49 22.93 15.64
CA SER C 270 17.19 24.35 15.38
C SER C 270 18.28 24.89 14.46
N ALA C 271 17.93 25.37 13.27
CA ALA C 271 18.93 25.78 12.29
C ALA C 271 19.55 27.12 12.64
N SER C 272 18.74 28.09 13.05
CA SER C 272 19.19 29.41 13.44
C SER C 272 18.72 29.69 14.86
N ASP C 273 19.35 30.67 15.52
CA ASP C 273 18.84 31.17 16.79
C ASP C 273 18.26 32.59 16.69
N TRP C 274 18.16 33.17 15.49
CA TRP C 274 17.55 34.48 15.30
C TRP C 274 18.18 35.52 16.23
N LEU C 275 19.50 35.49 16.32
CA LEU C 275 20.17 36.41 17.27
C LEU C 275 20.58 37.68 16.53
N GLY C 276 20.77 37.61 15.22
CA GLY C 276 21.24 38.78 14.46
C GLY C 276 22.12 39.68 15.31
N THR C 280 29.78 38.47 16.91
CA THR C 280 29.86 37.60 18.10
C THR C 280 29.66 36.14 17.72
N GLU C 281 30.04 35.23 18.61
CA GLU C 281 29.86 33.78 18.35
C GLU C 281 28.35 33.48 18.34
N THR C 282 27.91 32.67 17.39
CA THR C 282 26.45 32.40 17.27
C THR C 282 26.19 31.10 16.54
N TRP C 283 24.96 30.62 16.63
CA TRP C 283 24.54 29.36 16.01
C TRP C 283 23.63 29.69 14.83
N ASP C 284 24.21 29.70 13.64
CA ASP C 284 23.51 30.17 12.46
C ASP C 284 23.37 29.04 11.45
N LEU C 285 22.76 29.38 10.31
CA LEU C 285 22.22 28.40 9.36
C LEU C 285 23.34 27.48 8.90
N GLN C 286 24.56 28.03 8.83
CA GLN C 286 25.74 27.25 8.45
C GLN C 286 26.17 26.29 9.57
N HIS C 287 26.25 26.81 10.80
CA HIS C 287 26.58 25.99 11.97
C HIS C 287 25.70 24.73 12.01
N ALA C 288 24.42 24.86 11.64
CA ALA C 288 23.51 23.73 11.60
C ALA C 288 23.64 22.94 10.30
N VAL C 289 23.83 23.62 9.17
CA VAL C 289 24.20 22.92 7.93
C VAL C 289 25.38 22.00 8.17
N ARG C 290 26.38 22.48 8.92
CA ARG C 290 27.57 21.69 9.15
C ARG C 290 27.21 20.42 9.92
N PHE C 291 26.44 20.59 10.99
CA PHE C 291 26.02 19.48 11.84
C PHE C 291 25.15 18.49 11.07
N ALA C 292 24.28 19.00 10.19
CA ALA C 292 23.50 18.15 9.30
C ALA C 292 24.41 17.26 8.45
N GLU C 293 25.44 17.86 7.85
CA GLU C 293 26.38 17.11 7.04
C GLU C 293 27.01 15.98 7.84
N ALA C 294 27.32 16.23 9.11
CA ALA C 294 27.93 15.20 9.93
C ALA C 294 27.00 14.01 10.14
N LEU C 295 25.71 14.27 10.36
CA LEU C 295 24.78 13.18 10.55
C LEU C 295 24.64 12.34 9.26
N ALA C 296 24.62 13.02 8.10
CA ALA C 296 24.54 12.30 6.83
C ALA C 296 25.73 11.37 6.66
N ASP C 297 26.92 11.82 7.08
CA ASP C 297 28.12 10.97 7.04
C ASP C 297 28.04 9.83 8.07
N GLN C 298 27.66 10.13 9.31
CA GLN C 298 27.44 9.09 10.32
C GLN C 298 26.49 7.98 9.90
N GLY C 299 25.38 8.32 9.25
CA GLY C 299 24.51 7.28 8.72
C GLY C 299 23.56 6.61 9.69
N ALA C 300 23.42 7.09 10.94
CA ALA C 300 22.39 6.55 11.83
C ALA C 300 21.03 7.19 11.58
N ILE C 301 21.03 8.51 11.41
CA ILE C 301 19.79 9.25 11.25
C ILE C 301 19.20 9.02 9.87
N ASP C 302 17.88 9.06 9.79
CA ASP C 302 17.20 8.87 8.50
C ASP C 302 16.56 10.14 7.98
N LEU C 303 16.53 11.19 8.78
CA LEU C 303 15.73 12.35 8.44
C LEU C 303 16.02 13.47 9.42
N VAL C 304 16.32 14.64 8.92
CA VAL C 304 16.51 15.79 9.76
C VAL C 304 15.19 16.55 9.73
N ASP C 305 14.60 16.73 10.91
CA ASP C 305 13.43 17.59 11.12
C ASP C 305 13.92 19.00 11.42
N VAL C 306 13.86 19.89 10.43
CA VAL C 306 14.50 21.20 10.52
C VAL C 306 13.49 22.21 11.06
N SER C 307 13.77 22.71 12.26
CA SER C 307 13.04 23.73 13.01
C SER C 307 14.00 24.90 13.24
N SER C 308 13.65 25.80 14.15
CA SER C 308 14.58 26.87 14.51
C SER C 308 14.05 27.61 15.73
N GLY C 309 14.96 28.32 16.40
CA GLY C 309 14.67 29.09 17.61
C GLY C 309 14.87 28.28 18.88
N GLY C 310 14.56 28.92 20.00
CA GLY C 310 14.63 28.27 21.29
C GLY C 310 16.00 28.27 21.95
N LEU C 311 17.04 28.73 21.24
CA LEU C 311 18.43 28.56 21.67
C LEU C 311 18.86 29.66 22.64
N HIS C 312 18.67 30.93 22.28
CA HIS C 312 19.10 32.06 23.08
C HIS C 312 17.90 32.84 23.59
N SER C 313 17.96 33.30 24.84
CA SER C 313 16.86 34.09 25.37
C SER C 313 16.70 35.42 24.65
N SER C 314 17.68 35.79 23.81
CA SER C 314 17.71 37.08 23.13
C SER C 314 17.34 36.97 21.63
N GLN C 315 16.45 36.04 21.31
CA GLN C 315 15.95 35.83 19.94
C GLN C 315 14.96 36.82 19.42
N GLU C 316 15.03 37.03 18.09
CA GLU C 316 14.12 37.97 17.48
C GLU C 316 13.50 37.13 16.36
N VAL C 317 12.77 36.07 16.72
CA VAL C 317 12.20 35.17 15.73
C VAL C 317 11.18 35.88 14.87
N LYS C 318 11.41 35.90 13.58
CA LYS C 318 10.46 36.56 12.71
C LYS C 318 9.66 35.44 12.04
N SER C 319 8.47 35.19 12.59
CA SER C 319 7.51 34.23 12.09
C SER C 319 6.75 34.79 10.90
N GLY C 320 6.28 33.85 10.08
CA GLY C 320 5.60 34.11 8.85
C GLY C 320 5.32 32.74 8.27
N PRO C 321 4.42 32.70 7.31
CA PRO C 321 4.10 31.43 6.62
C PRO C 321 5.32 30.75 6.04
N GLY C 322 5.53 29.49 6.44
CA GLY C 322 6.68 28.73 6.00
C GLY C 322 8.01 29.37 6.33
N PHE C 323 8.09 30.07 7.48
CA PHE C 323 9.22 30.97 7.74
C PHE C 323 10.55 30.25 7.95
N GLN C 324 10.52 28.96 8.28
CA GLN C 324 11.76 28.22 8.48
C GLN C 324 11.91 27.10 7.44
N ALA C 325 11.16 27.21 6.34
CA ALA C 325 11.42 26.40 5.16
C ALA C 325 12.78 26.71 4.52
N PRO C 326 13.20 27.98 4.38
CA PRO C 326 14.56 28.21 3.81
C PRO C 326 15.66 27.53 4.59
N PHE C 327 15.51 27.40 5.91
CA PHE C 327 16.46 26.63 6.70
C PHE C 327 16.55 25.18 6.21
N GLY C 328 15.43 24.62 5.76
CA GLY C 328 15.38 23.22 5.40
C GLY C 328 15.76 22.99 3.95
N ILE C 329 15.47 23.99 3.10
CA ILE C 329 15.87 23.85 1.71
C ILE C 329 17.40 23.83 1.62
N ALA C 330 18.08 24.48 2.57
CA ALA C 330 19.53 24.58 2.58
C ALA C 330 20.20 23.42 3.29
N VAL C 331 19.47 22.77 4.20
CA VAL C 331 20.00 21.51 4.73
C VAL C 331 19.84 20.42 3.69
N LYS C 332 18.78 20.50 2.88
CA LYS C 332 18.49 19.44 1.91
C LYS C 332 19.51 19.43 0.79
N LYS C 333 19.72 20.57 0.11
CA LYS C 333 20.66 20.56 -1.00
C LYS C 333 22.01 20.05 -0.53
N ALA C 334 22.38 20.42 0.70
CA ALA C 334 23.66 20.04 1.29
C ALA C 334 23.73 18.55 1.60
N VAL C 335 22.60 17.91 1.86
CA VAL C 335 22.50 16.50 2.25
C VAL C 335 22.18 15.60 1.06
N GLY C 336 21.38 16.08 0.11
CA GLY C 336 21.16 15.28 -1.08
C GLY C 336 20.32 14.06 -0.78
N GLU C 337 20.77 12.91 -1.20
CA GLU C 337 19.89 11.76 -1.15
C GLU C 337 20.17 10.98 0.12
N ARG C 338 21.22 11.40 0.84
CA ARG C 338 21.74 10.64 1.95
C ARG C 338 20.80 10.69 3.14
N MET C 339 20.08 11.82 3.30
CA MET C 339 18.99 11.93 4.26
C MET C 339 17.86 12.78 3.70
N LEU C 340 16.67 12.43 4.15
CA LEU C 340 15.42 13.12 3.94
C LEU C 340 15.39 14.32 4.90
N VAL C 341 14.86 15.45 4.47
CA VAL C 341 14.71 16.51 5.48
C VAL C 341 13.24 16.92 5.52
N ALA C 342 12.74 17.15 6.72
CA ALA C 342 11.36 17.58 6.93
C ALA C 342 11.33 19.01 7.45
N THR C 343 10.31 19.74 7.02
CA THR C 343 10.18 21.15 7.32
C THR C 343 8.88 21.38 8.09
N VAL C 344 8.85 22.47 8.86
CA VAL C 344 7.72 22.75 9.73
C VAL C 344 7.70 24.25 10.02
N GLY C 345 6.50 24.78 10.24
CA GLY C 345 6.38 26.20 10.56
C GLY C 345 5.41 26.96 9.67
N HIS C 346 4.30 27.40 10.26
CA HIS C 346 3.23 28.15 9.61
C HIS C 346 2.99 27.68 8.17
N ILE C 347 3.02 26.36 7.99
CA ILE C 347 2.65 25.80 6.66
C ILE C 347 1.14 25.61 6.74
N ARG C 348 0.37 26.59 6.30
CA ARG C 348 -1.11 26.52 6.49
C ARG C 348 -1.84 26.29 5.16
N ASP C 349 -1.10 25.97 4.09
CA ASP C 349 -1.74 25.80 2.77
C ASP C 349 -1.26 24.52 2.09
N GLY C 350 -2.20 23.69 1.63
CA GLY C 350 -1.86 22.48 0.90
C GLY C 350 -1.06 22.74 -0.38
N LYS C 351 -1.45 23.76 -1.14
CA LYS C 351 -0.65 24.11 -2.31
C LYS C 351 0.76 24.49 -1.88
N LEU C 352 0.91 25.16 -0.71
CA LEU C 352 2.24 25.49 -0.22
C LEU C 352 3.02 24.22 0.03
N ALA C 353 2.47 23.37 0.92
CA ALA C 353 3.15 22.16 1.35
C ALA C 353 3.61 21.35 0.16
N ASN C 354 2.75 21.22 -0.87
CA ASN C 354 3.14 20.41 -2.01
C ASN C 354 4.27 21.09 -2.82
N ARG C 355 4.13 22.40 -3.06
CA ARG C 355 5.19 23.15 -3.78
C ARG C 355 6.49 23.16 -2.96
N LEU C 356 6.42 22.74 -1.70
CA LEU C 356 7.63 22.68 -0.84
C LEU C 356 8.32 21.33 -1.05
N LEU C 357 7.55 20.34 -1.50
CA LEU C 357 8.10 18.99 -1.74
C LEU C 357 8.36 18.82 -3.24
N GLU C 358 7.87 19.74 -4.07
CA GLU C 358 7.99 19.57 -5.54
C GLU C 358 8.91 20.62 -6.14
N GLU C 359 9.15 21.72 -5.42
CA GLU C 359 9.98 22.81 -5.99
C GLU C 359 11.20 23.04 -5.11
N GLU C 360 11.11 22.70 -3.82
CA GLU C 360 12.25 22.83 -2.90
C GLU C 360 12.83 21.44 -2.63
N GLY C 361 12.30 20.43 -3.31
CA GLY C 361 12.83 19.06 -3.17
C GLY C 361 12.88 18.59 -1.73
N LEU C 362 11.90 18.99 -0.90
CA LEU C 362 11.85 18.51 0.50
C LEU C 362 11.10 17.17 0.52
N ASP C 363 11.20 16.40 1.60
CA ASP C 363 10.60 15.04 1.62
C ASP C 363 9.31 15.00 2.43
N VAL C 364 9.33 15.53 3.65
CA VAL C 364 8.13 15.42 4.53
C VAL C 364 7.71 16.82 4.99
N VAL C 365 6.39 17.04 5.14
CA VAL C 365 5.89 18.34 5.67
C VAL C 365 5.22 18.09 7.01
N LEU C 366 5.62 18.84 8.05
CA LEU C 366 5.05 18.71 9.38
C LEU C 366 4.23 19.95 9.77
N VAL C 367 3.07 19.73 10.38
CA VAL C 367 2.20 20.80 10.84
C VAL C 367 1.87 20.56 12.30
N GLY C 368 1.87 21.64 13.09
CA GLY C 368 1.46 21.53 14.48
C GLY C 368 0.12 22.19 14.81
N ARG C 369 0.10 23.53 14.80
CA ARG C 369 -1.06 24.29 15.30
C ARG C 369 -2.26 24.14 14.36
N GLY C 370 -2.02 23.95 13.08
CA GLY C 370 -3.13 23.77 12.16
C GLY C 370 -3.86 22.46 12.37
N PHE C 371 -3.14 21.42 12.82
CA PHE C 371 -3.83 20.21 13.23
C PHE C 371 -4.57 20.45 14.52
N GLN C 372 -4.00 21.29 15.36
CA GLN C 372 -4.54 21.42 16.70
C GLN C 372 -5.80 22.26 16.64
N LYS C 373 -5.95 23.07 15.57
CA LYS C 373 -7.15 23.82 15.21
C LYS C 373 -8.02 23.05 14.23
N ASP C 374 -7.41 22.22 13.38
CA ASP C 374 -8.13 21.41 12.39
C ASP C 374 -7.64 19.99 12.47
N PRO C 375 -8.17 19.15 13.40
CA PRO C 375 -7.79 17.73 13.44
C PRO C 375 -7.93 17.03 12.08
N GLY C 376 -8.52 17.71 11.09
CA GLY C 376 -8.71 17.12 9.75
C GLY C 376 -7.97 17.88 8.67
N LEU C 377 -6.78 18.40 8.99
CA LEU C 377 -6.01 19.22 8.02
C LEU C 377 -5.75 18.42 6.74
N VAL C 378 -5.62 17.11 6.85
CA VAL C 378 -5.38 16.24 5.66
C VAL C 378 -6.56 16.43 4.70
N TRP C 379 -7.77 16.07 5.13
CA TRP C 379 -8.98 16.31 4.30
C TRP C 379 -8.91 17.72 3.71
N THR C 380 -8.49 18.69 4.52
CA THR C 380 -8.43 20.07 4.07
C THR C 380 -7.36 20.23 3.01
N PHE C 381 -6.17 19.68 3.26
CA PHE C 381 -5.11 19.80 2.27
C PHE C 381 -5.42 18.99 1.01
N ALA C 382 -6.09 17.85 1.17
CA ALA C 382 -6.59 17.11 0.02
C ALA C 382 -7.46 18.01 -0.84
N GLN C 383 -8.30 18.81 -0.20
CA GLN C 383 -9.20 19.67 -0.94
C GLN C 383 -8.41 20.75 -1.67
N HIS C 384 -7.33 21.23 -1.06
CA HIS C 384 -6.53 22.32 -1.67
C HIS C 384 -5.88 21.84 -2.96
N LEU C 385 -5.69 20.53 -3.11
CA LEU C 385 -4.97 19.99 -4.29
C LEU C 385 -5.91 19.11 -5.11
N ASP C 386 -7.22 19.21 -4.85
CA ASP C 386 -8.23 18.40 -5.58
C ASP C 386 -7.81 16.93 -5.56
N VAL C 387 -7.39 16.45 -4.39
CA VAL C 387 -6.95 15.03 -4.26
C VAL C 387 -8.06 14.22 -3.58
N GLU C 388 -8.36 13.05 -4.12
CA GLU C 388 -9.35 12.15 -3.50
C GLU C 388 -8.62 11.24 -2.49
N VAL C 389 -8.73 11.55 -1.20
CA VAL C 389 -8.08 10.74 -0.17
C VAL C 389 -9.11 9.92 0.60
N ALA C 390 -8.58 8.94 1.31
CA ALA C 390 -9.40 7.98 2.03
C ALA C 390 -9.79 8.56 3.38
N MET C 391 -10.86 8.03 3.95
CA MET C 391 -11.28 8.39 5.29
C MET C 391 -11.99 7.18 5.88
N PRO C 392 -11.92 6.99 7.20
CA PRO C 392 -12.53 5.80 7.83
C PRO C 392 -14.01 5.60 7.49
N GLY C 393 -14.47 4.37 7.68
CA GLY C 393 -15.86 4.05 7.35
C GLY C 393 -16.86 4.84 8.17
N GLN C 394 -16.56 5.06 9.47
CA GLN C 394 -17.51 5.75 10.34
C GLN C 394 -17.79 7.17 9.85
N ILE C 395 -16.82 7.75 9.12
CA ILE C 395 -16.83 9.14 8.69
C ILE C 395 -17.28 9.29 7.23
N ARG C 396 -16.55 8.71 6.27
CA ARG C 396 -16.92 8.92 4.87
C ARG C 396 -18.34 8.53 4.50
N TRP C 397 -19.07 7.74 5.30
CA TRP C 397 -20.28 7.18 4.71
C TRP C 397 -21.37 8.24 4.51
N GLY C 398 -21.46 9.22 5.39
CA GLY C 398 -22.46 10.26 5.17
C GLY C 398 -22.14 11.26 4.08
N PHE C 399 -20.98 11.16 3.46
CA PHE C 399 -20.60 12.09 2.41
C PHE C 399 -20.67 11.49 1.00
N SER C 400 -21.20 10.27 0.85
CA SER C 400 -21.22 9.57 -0.41
C SER C 400 -22.66 9.22 -0.77
N LYS C 401 -22.77 8.71 -2.00
CA LYS C 401 -24.08 8.37 -2.64
C LYS C 401 -24.46 6.97 -2.17
N ARG C 404 -19.96 5.99 -4.64
CA ARG C 404 -20.93 5.61 -3.59
C ARG C 404 -20.17 5.22 -2.32
N ARG C 405 -20.84 4.53 -1.39
CA ARG C 405 -20.21 4.14 -0.12
C ARG C 405 -19.21 3.00 -0.37
N GLY C 406 -19.16 2.51 -1.61
CA GLY C 406 -18.28 1.36 -1.94
C GLY C 406 -16.81 1.75 -1.93
N THR C 407 -16.51 3.03 -2.13
CA THR C 407 -15.09 3.47 -2.19
C THR C 407 -14.67 4.14 -0.89
N PRO C 408 -13.44 3.91 -0.38
CA PRO C 408 -12.95 4.63 0.80
C PRO C 408 -12.47 6.06 0.53
N PHE C 409 -12.48 6.48 -0.74
CA PHE C 409 -11.95 7.77 -1.15
C PHE C 409 -13.03 8.78 -1.52
N VAL C 410 -14.01 9.01 -0.68
CA VAL C 410 -14.96 10.07 -0.98
C VAL C 410 -14.20 11.35 -1.36
N ASP C 411 -14.72 12.06 -2.36
CA ASP C 411 -13.94 12.92 -3.23
C ASP C 411 -13.82 14.34 -2.68
N PRO C 412 -12.85 15.13 -3.15
CA PRO C 412 -12.67 16.48 -2.60
C PRO C 412 -13.80 17.44 -2.94
N SER C 413 -14.81 17.00 -3.69
CA SER C 413 -15.84 17.91 -4.17
C SER C 413 -16.75 18.29 -3.01
N VAL C 414 -17.00 17.33 -2.14
CA VAL C 414 -18.01 17.40 -1.10
C VAL C 414 -17.55 18.28 0.06
N TYR C 415 -18.54 18.95 0.69
CA TYR C 415 -18.33 19.83 1.84
C TYR C 415 -17.12 20.76 1.63
N LYS C 416 -17.21 21.66 0.66
CA LYS C 416 -16.01 22.48 0.56
C LYS C 416 -16.40 23.93 0.93
N ASP D 3 4.70 30.16 42.80
CA ASP D 3 3.64 31.19 42.56
C ASP D 3 2.31 30.50 42.22
N ILE D 4 1.92 30.48 40.95
CA ILE D 4 0.59 29.91 40.54
C ILE D 4 0.70 28.40 40.33
N LYS D 5 -0.44 27.71 40.39
CA LYS D 5 -0.42 26.23 40.28
C LYS D 5 -1.46 25.77 39.25
N VAL D 6 -1.13 24.74 38.47
CA VAL D 6 -2.10 24.19 37.48
C VAL D 6 -3.31 23.69 38.26
N GLU D 7 -4.50 23.82 37.69
CA GLU D 7 -5.73 23.43 38.44
C GLU D 7 -6.28 22.13 37.89
N PRO D 8 -6.35 21.04 38.69
CA PRO D 8 -6.97 19.79 38.27
C PRO D 8 -8.46 19.95 38.06
N ALA D 9 -8.98 19.39 36.97
CA ALA D 9 -10.42 19.35 36.76
C ALA D 9 -11.07 18.47 37.83
N LYS D 10 -12.16 18.95 38.41
CA LYS D 10 -12.72 18.37 39.62
C LYS D 10 -13.96 17.51 39.31
N GLY D 11 -14.03 16.36 39.99
CA GLY D 11 -15.01 15.34 39.70
C GLY D 11 -14.52 14.18 38.87
N ILE D 12 -13.26 14.15 38.46
CA ILE D 12 -12.83 13.15 37.50
C ILE D 12 -11.80 12.23 38.14
N SER D 13 -11.74 11.00 37.63
CA SER D 13 -10.94 9.96 38.26
C SER D 13 -9.45 10.18 38.07
N TYR D 14 -9.05 10.90 37.02
CA TYR D 14 -7.63 11.10 36.67
C TYR D 14 -7.31 12.60 36.66
N PHE D 15 -6.03 12.92 36.49
CA PHE D 15 -5.61 14.32 36.42
C PHE D 15 -5.80 14.86 35.01
N THR D 16 -6.30 16.10 34.92
CA THR D 16 -6.26 16.81 33.65
C THR D 16 -6.53 18.30 33.94
N PRO D 17 -5.81 19.24 33.32
CA PRO D 17 -5.92 20.63 33.74
C PRO D 17 -7.31 21.18 33.45
N ALA D 18 -7.89 21.79 34.48
CA ALA D 18 -9.17 22.48 34.39
C ALA D 18 -9.08 23.63 33.39
N GLN D 19 -10.18 23.86 32.68
CA GLN D 19 -10.46 25.10 31.97
C GLN D 19 -11.43 25.90 32.79
N GLU D 20 -11.01 27.07 33.27
CA GLU D 20 -11.90 27.78 34.19
C GLU D 20 -13.07 28.24 33.35
N THR D 21 -12.76 28.71 32.15
CA THR D 21 -13.70 29.17 31.15
C THR D 21 -13.87 28.03 30.14
N PRO D 22 -15.01 27.34 30.11
CA PRO D 22 -15.13 26.19 29.22
C PRO D 22 -15.01 26.61 27.76
N ALA D 23 -14.68 25.64 26.92
CA ALA D 23 -14.49 25.93 25.51
C ALA D 23 -15.83 26.13 24.82
N GLY D 24 -15.81 26.97 23.78
CA GLY D 24 -17.02 27.33 23.08
C GLY D 24 -17.78 28.46 23.73
N THR D 25 -17.14 29.12 24.70
CA THR D 25 -17.77 30.24 25.43
C THR D 25 -17.26 31.56 24.85
N ALA D 26 -18.16 32.49 24.55
CA ALA D 26 -17.77 33.79 23.94
C ALA D 26 -17.40 34.80 25.02
N ALA D 27 -16.57 35.78 24.69
CA ALA D 27 -16.14 36.81 25.66
C ALA D 27 -17.28 37.80 25.88
N ASN D 28 -18.01 37.67 26.99
CA ASN D 28 -19.18 38.56 27.25
C ASN D 28 -18.79 39.99 26.85
N PRO D 29 -17.70 40.59 27.38
CA PRO D 29 -17.27 41.89 26.92
C PRO D 29 -16.31 41.70 25.72
N GLN D 30 -16.86 41.33 24.57
CA GLN D 30 -16.02 41.13 23.35
C GLN D 30 -15.12 42.35 23.14
N THR D 31 -13.82 42.12 22.97
CA THR D 31 -12.86 43.23 22.70
C THR D 31 -13.34 44.01 21.48
N SER D 32 -14.18 43.40 20.65
CA SER D 32 -14.69 44.08 19.43
C SER D 32 -15.87 44.98 19.77
N GLY D 33 -16.44 44.80 20.96
CA GLY D 33 -17.56 45.67 21.38
C GLY D 33 -18.80 45.31 20.59
N LYS D 34 -18.63 44.52 19.53
CA LYS D 34 -19.82 44.04 18.77
C LYS D 34 -20.63 43.16 19.71
N ALA D 35 -21.83 42.75 19.30
CA ALA D 35 -22.70 41.99 20.22
C ALA D 35 -22.54 40.49 19.98
N ILE D 36 -22.44 39.72 21.07
CA ILE D 36 -22.32 38.25 20.94
C ILE D 36 -23.57 37.75 20.19
N PRO D 37 -23.42 37.19 18.97
CA PRO D 37 -24.58 36.76 18.20
C PRO D 37 -25.31 35.62 18.92
N LYS D 38 -26.59 35.45 18.60
CA LYS D 38 -27.38 34.41 19.25
C LYS D 38 -26.66 33.06 19.24
N LEU D 39 -25.97 32.71 18.14
CA LEU D 39 -25.25 31.45 18.09
C LEU D 39 -24.35 31.26 19.30
N PHE D 40 -23.82 32.34 19.84
CA PHE D 40 -22.85 32.28 20.92
C PHE D 40 -23.35 32.91 22.21
N GLN D 41 -24.66 33.09 22.34
CA GLN D 41 -25.31 33.37 23.60
C GLN D 41 -25.64 32.08 24.32
N PRO D 42 -25.51 32.02 25.64
CA PRO D 42 -25.85 30.80 26.36
C PRO D 42 -27.34 30.48 26.28
N ILE D 43 -27.69 29.39 26.94
CA ILE D 43 -29.06 28.97 27.22
C ILE D 43 -29.06 28.05 28.40
N THR D 44 -30.00 28.30 29.33
CA THR D 44 -30.10 27.47 30.54
C THR D 44 -31.41 26.68 30.55
N ILE D 45 -31.45 25.54 29.87
CA ILE D 45 -32.65 24.66 29.95
C ILE D 45 -32.68 24.12 31.37
N ARG D 46 -33.83 24.08 32.02
CA ARG D 46 -33.87 23.70 33.45
C ARG D 46 -32.76 24.49 34.15
N GLY D 47 -31.81 23.81 34.79
CA GLY D 47 -30.70 24.52 35.42
C GLY D 47 -29.41 24.39 34.61
N LEU D 48 -29.44 23.63 33.52
CA LEU D 48 -28.20 23.38 32.73
C LEU D 48 -27.97 24.51 31.74
N THR D 49 -26.89 25.27 31.92
CA THR D 49 -26.55 26.31 30.98
C THR D 49 -25.62 25.74 29.91
N PHE D 50 -25.98 25.93 28.65
CA PHE D 50 -25.11 25.62 27.53
C PHE D 50 -24.49 26.92 27.03
N GLN D 51 -23.14 26.97 26.89
CA GLN D 51 -22.43 28.23 26.63
C GLN D 51 -22.64 28.76 25.22
N ASN D 52 -23.34 28.03 24.37
CA ASN D 52 -23.58 28.42 22.99
C ASN D 52 -24.64 27.47 22.46
N ARG D 53 -25.09 27.72 21.23
CA ARG D 53 -26.27 27.03 20.72
C ARG D 53 -25.91 26.07 19.61
N LEU D 54 -24.66 25.64 19.58
CA LEU D 54 -24.19 24.77 18.52
C LEU D 54 -23.90 23.41 19.17
N GLY D 55 -24.73 22.43 18.84
CA GLY D 55 -24.61 21.11 19.41
C GLY D 55 -24.16 20.07 18.38
N VAL D 56 -23.50 19.03 18.88
CA VAL D 56 -23.21 17.83 18.11
C VAL D 56 -24.46 16.96 18.06
N SER D 57 -25.02 16.80 16.86
CA SER D 57 -26.19 15.95 16.67
C SER D 57 -25.80 14.49 16.91
N PRO D 58 -26.72 13.65 17.41
CA PRO D 58 -26.37 12.25 17.70
C PRO D 58 -26.00 11.50 16.42
N MET D 59 -24.93 10.72 16.46
CA MET D 59 -24.42 10.09 15.23
C MET D 59 -23.86 8.70 15.52
N CYS D 60 -24.60 7.67 15.13
CA CYS D 60 -24.13 6.30 15.29
C CYS D 60 -22.78 6.13 14.62
N GLN D 61 -21.84 5.49 15.32
CA GLN D 61 -20.57 5.14 14.72
C GLN D 61 -20.48 3.67 14.35
N TYR D 62 -21.38 2.82 14.86
CA TYR D 62 -21.41 1.39 14.52
C TYR D 62 -20.10 0.73 14.91
N SER D 63 -19.68 0.97 16.13
CA SER D 63 -18.35 0.57 16.58
C SER D 63 -18.44 0.04 17.99
N ALA D 64 -19.51 -0.66 18.31
CA ALA D 64 -19.67 -1.22 19.63
C ALA D 64 -19.52 -2.73 19.59
N GLU D 65 -19.21 -3.30 20.74
CA GLU D 65 -19.15 -4.74 20.94
C GLU D 65 -20.18 -5.07 22.00
N ASP D 66 -21.22 -5.80 21.61
CA ASP D 66 -22.38 -6.01 22.47
C ASP D 66 -22.82 -4.71 23.15
N GLY D 67 -23.02 -3.67 22.34
CA GLY D 67 -23.55 -2.43 22.87
C GLY D 67 -22.62 -1.68 23.80
N HIS D 68 -21.40 -2.15 24.00
CA HIS D 68 -20.45 -1.46 24.86
C HIS D 68 -19.61 -0.48 24.05
N MET D 69 -19.26 0.66 24.66
CA MET D 69 -18.39 1.64 24.00
C MET D 69 -16.93 1.31 24.31
N THR D 70 -16.09 1.36 23.29
CA THR D 70 -14.68 1.00 23.39
C THR D 70 -13.86 2.29 23.44
N ASP D 71 -12.51 2.15 23.40
CA ASP D 71 -11.67 3.35 23.26
C ASP D 71 -12.06 4.18 22.06
N TYR D 72 -12.54 3.54 20.97
CA TYR D 72 -12.82 4.29 19.75
C TYR D 72 -13.63 5.54 20.08
N HIS D 73 -14.59 5.43 20.98
CA HIS D 73 -15.55 6.50 21.20
C HIS D 73 -14.93 7.67 21.96
N LEU D 74 -13.94 7.39 22.82
CA LEU D 74 -13.25 8.48 23.48
C LEU D 74 -12.47 9.31 22.45
N ALA D 75 -11.88 8.65 21.44
CA ALA D 75 -11.21 9.36 20.35
C ALA D 75 -12.17 10.13 19.48
N HIS D 76 -13.38 9.59 19.28
CA HIS D 76 -14.37 10.22 18.41
C HIS D 76 -14.98 11.47 19.04
N LEU D 77 -15.67 11.31 20.17
CA LEU D 77 -16.36 12.45 20.77
C LEU D 77 -15.43 13.28 21.65
N GLY D 78 -14.37 12.67 22.17
CA GLY D 78 -13.46 13.42 23.03
C GLY D 78 -12.75 14.53 22.30
N GLY D 79 -12.30 14.26 21.06
CA GLY D 79 -11.67 15.29 20.27
C GLY D 79 -12.64 16.36 19.82
N ILE D 80 -13.93 16.03 19.72
CA ILE D 80 -14.94 17.04 19.41
C ILE D 80 -15.26 17.87 20.65
N ALA D 81 -15.55 17.20 21.78
CA ALA D 81 -15.90 17.93 22.99
C ALA D 81 -14.80 18.90 23.41
N GLN D 82 -13.55 18.56 23.12
CA GLN D 82 -12.44 19.44 23.57
C GLN D 82 -12.55 20.78 22.84
N ARG D 83 -13.37 20.86 21.80
CA ARG D 83 -13.38 22.10 20.96
C ARG D 83 -14.54 23.05 21.34
N GLY D 84 -15.45 22.63 22.22
CA GLY D 84 -16.46 23.58 22.75
C GLY D 84 -17.83 23.58 22.12
N PRO D 85 -18.45 22.43 21.81
CA PRO D 85 -19.83 22.44 21.33
C PRO D 85 -20.76 22.76 22.51
N GLY D 86 -21.78 23.61 22.29
CA GLY D 86 -22.72 23.89 23.36
C GLY D 86 -23.27 22.63 24.00
N LEU D 87 -23.27 21.51 23.29
CA LEU D 87 -23.78 20.24 23.83
C LEU D 87 -23.34 19.14 22.87
N ILE D 88 -23.12 17.95 23.40
CA ILE D 88 -22.75 16.79 22.59
C ILE D 88 -23.85 15.79 22.86
N MET D 89 -24.38 15.17 21.82
CA MET D 89 -25.44 14.23 22.05
C MET D 89 -24.97 12.87 21.54
N ILE D 90 -24.81 11.92 22.48
CA ILE D 90 -24.45 10.55 22.13
C ILE D 90 -25.48 9.92 21.21
N GLU D 91 -24.98 9.09 20.29
CA GLU D 91 -25.73 8.45 19.23
C GLU D 91 -26.86 7.59 19.79
N ALA D 92 -27.77 7.21 18.88
CA ALA D 92 -28.93 6.40 19.20
C ALA D 92 -28.53 5.18 20.03
N THR D 93 -29.02 5.11 21.25
CA THR D 93 -28.62 4.09 22.21
C THR D 93 -29.77 3.14 22.42
N ALA D 94 -29.49 1.85 22.25
CA ALA D 94 -30.53 0.84 22.34
C ALA D 94 -30.95 0.65 23.79
N VAL D 95 -32.28 0.61 24.01
CA VAL D 95 -32.82 0.36 25.37
C VAL D 95 -33.10 -1.14 25.48
N GLN D 96 -33.09 -1.85 24.36
CA GLN D 96 -33.26 -3.31 24.40
C GLN D 96 -32.41 -3.92 23.29
N PRO D 97 -31.82 -5.12 23.49
CA PRO D 97 -30.94 -5.73 22.50
C PRO D 97 -31.55 -5.80 21.11
N GLU D 98 -32.84 -6.11 21.04
CA GLU D 98 -33.54 -6.17 19.73
C GLU D 98 -33.67 -4.76 19.17
N GLY D 99 -33.50 -3.75 20.05
CA GLY D 99 -33.64 -2.35 19.62
C GLY D 99 -32.33 -1.76 19.17
N ARG D 100 -31.51 -2.53 18.46
CA ARG D 100 -30.22 -2.02 17.94
C ARG D 100 -30.33 -1.84 16.43
N ILE D 101 -29.94 -0.67 15.93
CA ILE D 101 -29.96 -0.44 14.48
C ILE D 101 -28.99 -1.42 13.79
N SER D 102 -28.17 -2.12 14.58
CA SER D 102 -26.98 -2.89 14.19
C SER D 102 -26.49 -3.65 15.41
N PRO D 103 -25.80 -4.80 15.25
CA PRO D 103 -25.11 -5.39 16.42
C PRO D 103 -24.03 -4.44 16.90
N GLN D 104 -23.42 -3.76 15.90
CA GLN D 104 -22.45 -2.71 16.18
C GLN D 104 -22.99 -1.47 16.92
N ASP D 105 -24.24 -1.40 17.25
CA ASP D 105 -24.70 -0.24 18.00
C ASP D 105 -24.40 -0.33 19.47
N VAL D 106 -24.43 0.87 20.12
CA VAL D 106 -24.29 1.10 21.56
C VAL D 106 -25.65 0.89 22.24
N GLY D 107 -25.62 0.37 23.46
CA GLY D 107 -26.83 0.29 24.24
C GLY D 107 -26.58 0.60 25.70
N LEU D 108 -27.68 0.76 26.42
CA LEU D 108 -27.76 0.77 27.87
C LEU D 108 -28.90 -0.12 28.35
N TRP D 109 -28.89 -1.37 27.92
CA TRP D 109 -29.90 -2.28 28.43
C TRP D 109 -29.43 -3.04 29.67
N LYS D 110 -28.16 -3.42 29.78
CA LYS D 110 -27.61 -4.06 30.98
C LYS D 110 -26.68 -3.03 31.65
N ASP D 111 -26.31 -3.28 32.91
CA ASP D 111 -25.56 -2.22 33.64
C ASP D 111 -24.07 -2.24 33.27
N SER D 112 -23.61 -3.29 32.58
CA SER D 112 -22.20 -3.36 32.14
C SER D 112 -22.00 -2.41 30.96
N GLN D 113 -23.06 -1.71 30.54
CA GLN D 113 -22.96 -0.84 29.35
C GLN D 113 -22.83 0.62 29.79
N ILE D 114 -22.52 0.87 31.06
CA ILE D 114 -22.51 2.27 31.58
C ILE D 114 -21.08 2.83 31.61
N ALA D 115 -20.12 2.12 32.23
CA ALA D 115 -18.79 2.71 32.37
C ALA D 115 -18.19 3.09 31.04
N PRO D 116 -18.27 2.27 29.97
CA PRO D 116 -17.83 2.70 28.63
C PRO D 116 -18.32 4.09 28.26
N ILE D 117 -19.53 4.42 28.71
CA ILE D 117 -20.14 5.72 28.45
C ILE D 117 -19.77 6.74 29.52
N ALA D 118 -19.71 6.31 30.78
CA ALA D 118 -19.30 7.19 31.87
C ALA D 118 -17.91 7.76 31.63
N ARG D 119 -17.07 6.95 30.96
CA ARG D 119 -15.68 7.41 30.64
C ARG D 119 -15.75 8.54 29.63
N VAL D 120 -16.54 8.36 28.57
CA VAL D 120 -16.65 9.42 27.58
C VAL D 120 -17.29 10.66 28.19
N ILE D 121 -18.40 10.48 28.90
CA ILE D 121 -19.03 11.58 29.65
C ILE D 121 -18.02 12.22 30.61
N GLU D 122 -17.14 11.41 31.18
CA GLU D 122 -16.18 11.93 32.14
C GLU D 122 -15.20 12.88 31.49
N PHE D 123 -14.79 12.59 30.24
CA PHE D 123 -13.86 13.50 29.60
C PHE D 123 -14.58 14.79 29.25
N ALA D 124 -15.75 14.68 28.64
CA ALA D 124 -16.56 15.86 28.35
C ALA D 124 -16.68 16.75 29.59
N HIS D 125 -17.07 16.16 30.72
CA HIS D 125 -17.18 16.96 31.94
C HIS D 125 -15.84 17.60 32.32
N SER D 126 -14.74 16.88 32.10
CA SER D 126 -13.42 17.45 32.39
C SER D 126 -13.16 18.74 31.62
N GLN D 127 -13.81 18.91 30.46
CA GLN D 127 -13.58 20.04 29.58
C GLN D 127 -14.63 21.08 29.71
N GLY D 128 -15.47 20.97 30.76
CA GLY D 128 -16.54 21.91 31.04
C GLY D 128 -17.76 21.71 30.21
N GLN D 129 -17.76 20.65 29.38
CA GLN D 129 -18.87 20.49 28.40
C GLN D 129 -20.04 19.71 28.99
N LYS D 130 -21.20 19.79 28.33
CA LYS D 130 -22.41 19.07 28.79
C LYS D 130 -22.70 17.95 27.78
N ILE D 131 -23.07 16.77 28.27
CA ILE D 131 -23.24 15.61 27.34
C ILE D 131 -24.48 14.81 27.71
N GLY D 132 -25.26 14.40 26.72
CA GLY D 132 -26.40 13.54 26.94
C GLY D 132 -26.45 12.44 25.91
N ILE D 133 -27.49 11.61 26.01
CA ILE D 133 -27.60 10.40 25.22
C ILE D 133 -28.97 10.38 24.56
N GLN D 134 -28.98 10.08 23.27
CA GLN D 134 -30.24 9.89 22.55
C GLN D 134 -30.68 8.45 22.74
N LEU D 135 -31.76 8.22 23.49
CA LEU D 135 -32.21 6.84 23.65
C LEU D 135 -33.02 6.44 22.42
N ALA D 136 -33.00 5.15 22.09
CA ALA D 136 -33.55 4.75 20.80
C ALA D 136 -34.06 3.32 20.87
N HIS D 137 -35.00 3.03 19.96
CA HIS D 137 -35.37 1.69 19.55
C HIS D 137 -35.40 1.70 18.02
N ALA D 138 -34.86 0.65 17.41
CA ALA D 138 -34.77 0.62 15.95
C ALA D 138 -36.08 0.23 15.29
N GLY D 139 -37.04 -0.28 16.07
CA GLY D 139 -38.35 -0.57 15.51
C GLY D 139 -38.26 -1.67 14.47
N ARG D 140 -38.88 -1.43 13.31
CA ARG D 140 -38.84 -2.36 12.18
C ARG D 140 -37.57 -2.23 11.34
N LYS D 141 -36.71 -1.25 11.65
CA LYS D 141 -35.46 -1.01 10.94
C LYS D 141 -34.25 -1.57 11.69
N ALA D 142 -34.48 -2.49 12.64
CA ALA D 142 -33.43 -3.13 13.42
C ALA D 142 -32.74 -4.24 12.60
N SER D 143 -31.60 -4.72 13.12
CA SER D 143 -30.82 -5.80 12.51
C SER D 143 -30.47 -5.48 11.06
N THR D 144 -29.82 -4.34 10.85
CA THR D 144 -29.42 -3.98 9.49
C THR D 144 -27.91 -3.91 9.40
N THR D 145 -27.43 -3.86 8.17
CA THR D 145 -26.01 -3.86 7.90
C THR D 145 -25.41 -2.51 8.28
N VAL D 146 -24.08 -2.46 8.39
CA VAL D 146 -23.47 -1.17 8.75
C VAL D 146 -23.45 -0.33 7.48
N PRO D 147 -23.50 0.99 7.60
CA PRO D 147 -23.71 1.82 6.41
C PRO D 147 -22.50 1.92 5.47
N TRP D 148 -21.29 1.77 6.01
CA TRP D 148 -20.08 1.94 5.16
C TRP D 148 -19.76 0.63 4.44
N MET D 149 -20.49 -0.44 4.74
CA MET D 149 -20.20 -1.77 4.16
C MET D 149 -20.92 -1.92 2.81
N LEU D 150 -20.41 -2.77 1.93
CA LEU D 150 -21.06 -3.01 0.60
C LEU D 150 -22.43 -3.64 0.82
N ASN D 151 -22.60 -4.37 1.93
CA ASN D 151 -23.91 -4.99 2.26
C ASN D 151 -24.86 -3.89 2.75
N HIS D 152 -24.46 -2.63 2.61
CA HIS D 152 -25.30 -1.50 3.09
C HIS D 152 -26.76 -1.73 2.72
N GLY D 153 -27.68 -1.48 3.66
CA GLY D 153 -29.11 -1.66 3.39
C GLY D 153 -29.46 -3.13 3.24
N SER D 154 -29.20 -3.92 4.28
CA SER D 154 -29.46 -5.36 4.20
C SER D 154 -29.66 -5.95 5.59
N ILE D 155 -30.28 -7.13 5.66
CA ILE D 155 -30.55 -7.79 6.94
C ILE D 155 -29.23 -8.35 7.48
N ALA D 156 -29.19 -8.49 8.79
CA ALA D 156 -28.07 -9.10 9.49
C ALA D 156 -28.48 -10.48 10.01
N THR D 157 -27.73 -11.50 9.59
CA THR D 157 -28.06 -12.86 9.97
C THR D 157 -27.67 -13.10 11.44
N GLU D 158 -28.34 -14.05 12.09
CA GLU D 158 -27.89 -14.43 13.42
C GLU D 158 -26.43 -14.85 13.43
N ASN D 159 -25.89 -15.31 12.29
CA ASN D 159 -24.46 -15.66 12.23
C ASN D 159 -23.57 -14.41 12.25
N VAL D 160 -24.07 -13.27 11.77
CA VAL D 160 -23.23 -12.06 11.74
C VAL D 160 -23.62 -11.18 12.94
N GLY D 161 -24.24 -11.78 13.94
CA GLY D 161 -24.74 -11.05 15.09
C GLY D 161 -26.14 -10.49 14.96
N GLY D 162 -26.88 -10.80 13.90
CA GLY D 162 -28.20 -10.26 13.73
C GLY D 162 -29.26 -11.02 14.49
N TRP D 163 -30.50 -10.56 14.35
CA TRP D 163 -31.62 -11.23 15.02
C TRP D 163 -32.90 -11.11 14.19
N PRO D 164 -32.89 -11.49 12.91
CA PRO D 164 -33.99 -11.08 12.01
C PRO D 164 -35.33 -11.69 12.37
N ASP D 165 -35.37 -12.69 13.25
CA ASP D 165 -36.59 -13.34 13.66
C ASP D 165 -37.12 -12.74 14.95
N ASN D 166 -36.35 -11.86 15.61
CA ASN D 166 -36.91 -11.18 16.81
C ASN D 166 -37.02 -9.68 16.57
N VAL D 167 -37.27 -9.27 15.33
CA VAL D 167 -37.45 -7.82 15.03
C VAL D 167 -38.87 -7.41 15.42
N LYS D 168 -39.00 -6.47 16.35
CA LYS D 168 -40.34 -6.00 16.80
C LYS D 168 -40.76 -4.77 15.99
N GLY D 169 -41.77 -4.05 16.46
CA GLY D 169 -42.26 -2.85 15.74
C GLY D 169 -43.77 -2.80 15.70
N PRO D 170 -44.41 -1.64 15.39
CA PRO D 170 -45.87 -1.58 15.25
C PRO D 170 -46.31 -2.56 14.16
N SER D 171 -47.08 -3.58 14.54
CA SER D 171 -47.59 -4.56 13.55
C SER D 171 -46.43 -5.29 12.88
N ASP D 172 -46.72 -6.03 11.80
CA ASP D 172 -45.66 -6.77 11.06
C ASP D 172 -45.46 -6.09 9.70
N ILE D 173 -45.92 -4.85 9.56
CA ILE D 173 -45.72 -4.10 8.29
C ILE D 173 -44.22 -3.80 8.15
N PRO D 174 -43.51 -4.39 7.18
CA PRO D 174 -42.08 -4.17 7.02
C PRO D 174 -41.80 -2.80 6.41
N PHE D 175 -40.55 -2.33 6.52
CA PHE D 175 -40.19 -1.03 5.97
C PHE D 175 -39.97 -1.15 4.47
N SER D 176 -39.21 -2.16 4.06
CA SER D 176 -39.00 -2.47 2.66
C SER D 176 -38.77 -3.97 2.56
N GLU D 177 -38.58 -4.44 1.32
CA GLU D 177 -38.25 -5.81 0.99
C GLU D 177 -36.83 -6.18 1.39
N THR D 178 -35.88 -5.24 1.36
CA THR D 178 -34.52 -5.60 1.76
C THR D 178 -34.33 -5.56 3.28
N PHE D 179 -35.42 -5.61 4.04
CA PHE D 179 -35.44 -5.37 5.47
C PHE D 179 -36.06 -6.56 6.18
N PRO D 180 -35.87 -6.69 7.50
CA PRO D 180 -36.44 -7.83 8.22
C PRO D 180 -37.96 -7.78 8.23
N ARG D 181 -38.55 -8.86 8.68
CA ARG D 181 -39.98 -8.86 8.83
C ARG D 181 -40.35 -8.66 10.30
N PRO D 182 -41.00 -7.55 10.62
CA PRO D 182 -41.21 -7.17 12.02
C PRO D 182 -42.27 -8.04 12.66
N ARG D 183 -42.44 -7.89 13.98
CA ARG D 183 -43.40 -8.72 14.70
C ARG D 183 -44.23 -7.77 15.55
N ALA D 184 -45.53 -7.70 15.28
CA ALA D 184 -46.42 -6.82 16.03
C ALA D 184 -46.21 -6.98 17.52
N MET D 185 -46.19 -5.85 18.24
CA MET D 185 -45.78 -5.89 19.64
C MET D 185 -47.01 -6.19 20.47
N THR D 186 -47.10 -7.42 20.99
CA THR D 186 -48.21 -7.81 21.85
C THR D 186 -48.24 -6.87 23.04
N GLN D 187 -49.35 -6.80 23.77
CA GLN D 187 -49.34 -5.98 24.97
C GLN D 187 -48.21 -6.37 25.90
N ASP D 188 -47.65 -7.57 25.70
CA ASP D 188 -46.58 -8.04 26.62
C ASP D 188 -45.25 -7.45 26.17
N ASP D 189 -45.19 -6.98 24.92
CA ASP D 189 -43.95 -6.36 24.40
C ASP D 189 -43.88 -4.92 24.90
N ILE D 190 -44.80 -4.06 24.44
CA ILE D 190 -44.80 -2.62 24.86
C ILE D 190 -44.64 -2.53 26.37
N ARG D 191 -45.12 -3.54 27.10
CA ARG D 191 -45.05 -3.52 28.59
C ARG D 191 -43.60 -3.34 29.02
N GLU D 192 -42.76 -4.33 28.76
CA GLU D 192 -41.34 -4.25 29.20
C GLU D 192 -40.65 -3.13 28.42
N PHE D 193 -41.02 -2.95 27.16
CA PHE D 193 -40.43 -1.84 26.36
C PHE D 193 -40.38 -0.58 27.22
N LYS D 194 -41.47 -0.25 27.89
CA LYS D 194 -41.53 0.98 28.72
C LYS D 194 -40.66 0.79 29.96
N GLU D 195 -40.84 -0.31 30.67
CA GLU D 195 -39.99 -0.60 31.87
C GLU D 195 -38.52 -0.48 31.47
N ALA D 196 -38.10 -1.21 30.43
CA ALA D 196 -36.72 -1.16 29.94
C ALA D 196 -36.29 0.25 29.60
N TRP D 197 -37.21 1.06 29.07
CA TRP D 197 -36.89 2.44 28.78
C TRP D 197 -36.68 3.21 30.07
N VAL D 198 -37.48 2.91 31.09
CA VAL D 198 -37.28 3.55 32.39
C VAL D 198 -36.03 2.99 33.06
N ALA D 199 -35.60 1.78 32.69
CA ALA D 199 -34.35 1.26 33.22
C ALA D 199 -33.17 1.86 32.48
N ALA D 200 -33.25 1.87 31.15
CA ALA D 200 -32.20 2.44 30.33
C ALA D 200 -31.90 3.89 30.74
N ALA D 201 -32.94 4.72 30.75
CA ALA D 201 -32.78 6.14 31.10
C ALA D 201 -32.31 6.26 32.55
N LYS D 202 -32.50 5.20 33.34
CA LYS D 202 -32.09 5.23 34.75
C LYS D 202 -30.58 5.04 34.82
N ARG D 203 -30.04 4.16 33.97
CA ARG D 203 -28.58 3.87 33.99
C ARG D 203 -27.86 4.93 33.15
N ALA D 204 -28.55 5.56 32.21
CA ALA D 204 -27.94 6.66 31.43
C ALA D 204 -27.63 7.82 32.37
N LEU D 205 -28.54 8.08 33.32
CA LEU D 205 -28.33 9.16 34.31
C LEU D 205 -27.13 8.79 35.18
N VAL D 206 -26.86 7.50 35.34
CA VAL D 206 -25.71 7.03 36.17
C VAL D 206 -24.42 7.30 35.39
N ALA D 207 -24.45 7.11 34.06
CA ALA D 207 -23.26 7.35 33.21
C ALA D 207 -22.77 8.79 33.40
N GLY D 208 -23.66 9.67 33.86
CA GLY D 208 -23.29 11.09 34.05
C GLY D 208 -23.93 11.98 33.01
N ALA D 209 -24.95 11.47 32.32
CA ALA D 209 -25.65 12.26 31.32
C ALA D 209 -26.17 13.55 31.95
N ASP D 210 -26.14 14.62 31.17
CA ASP D 210 -26.72 15.88 31.59
C ASP D 210 -28.14 16.05 31.08
N PHE D 211 -28.58 15.19 30.16
CA PHE D 211 -29.90 15.28 29.57
C PHE D 211 -30.10 14.04 28.71
N ILE D 212 -31.35 13.66 28.53
CA ILE D 212 -31.74 12.60 27.62
C ILE D 212 -32.50 13.21 26.45
N GLU D 213 -32.39 12.58 25.28
CA GLU D 213 -33.30 12.83 24.16
C GLU D 213 -33.94 11.53 23.68
N ILE D 214 -35.26 11.55 23.48
CA ILE D 214 -35.96 10.41 22.91
C ILE D 214 -35.69 10.40 21.40
N HIS D 215 -35.24 9.25 20.87
CA HIS D 215 -35.16 9.17 19.41
C HIS D 215 -36.57 8.77 18.99
N ASN D 216 -37.28 9.66 18.32
CA ASN D 216 -38.67 9.39 18.01
C ASN D 216 -38.93 9.77 16.57
N ALA D 217 -37.95 9.44 15.72
CA ALA D 217 -37.81 9.86 14.33
C ALA D 217 -37.31 8.69 13.48
N HIS D 218 -37.12 8.96 12.17
CA HIS D 218 -36.33 8.13 11.24
C HIS D 218 -36.86 6.70 11.16
N GLY D 219 -38.18 6.57 11.01
CA GLY D 219 -38.81 5.27 10.87
C GLY D 219 -38.64 4.34 12.04
N TYR D 220 -38.08 4.81 13.14
CA TYR D 220 -37.82 3.94 14.28
C TYR D 220 -39.12 3.69 15.03
N LEU D 221 -39.03 2.89 16.11
CA LEU D 221 -40.20 2.35 16.77
C LEU D 221 -41.27 3.39 17.01
N LEU D 222 -40.88 4.50 17.66
CA LEU D 222 -41.85 5.51 18.02
C LEU D 222 -42.35 6.27 16.79
N ALA D 223 -41.44 6.65 15.88
CA ALA D 223 -41.84 7.31 14.65
C ALA D 223 -42.62 6.39 13.71
N SER D 224 -42.52 5.08 13.88
CA SER D 224 -43.32 4.16 13.09
C SER D 224 -44.72 3.98 13.64
N PHE D 225 -44.92 4.25 14.94
CA PHE D 225 -46.27 4.27 15.48
C PHE D 225 -47.06 5.44 14.90
N LEU D 226 -46.45 6.63 14.93
CA LEU D 226 -47.14 7.84 14.45
C LEU D 226 -47.44 7.68 12.96
N THR D 227 -46.74 6.76 12.30
CA THR D 227 -46.94 6.58 10.84
C THR D 227 -48.02 5.53 10.60
N PRO D 228 -49.14 5.88 9.95
CA PRO D 228 -50.23 4.95 9.72
C PRO D 228 -49.78 3.82 8.77
N TYR D 229 -48.94 4.15 7.80
CA TYR D 229 -48.46 3.16 6.81
C TYR D 229 -47.92 1.91 7.52
N ALA D 230 -47.56 2.04 8.79
CA ALA D 230 -46.99 0.90 9.53
C ALA D 230 -47.84 0.59 10.76
N ASN D 231 -48.52 1.60 11.31
CA ASN D 231 -49.30 1.40 12.56
C ASN D 231 -50.73 0.96 12.20
N LYS D 232 -50.86 -0.01 11.30
CA LYS D 232 -52.21 -0.55 10.99
C LYS D 232 -52.61 -1.51 12.13
N THR D 234 -54.86 -2.34 16.02
CA THR D 234 -56.24 -2.15 16.53
C THR D 234 -56.23 -2.11 18.07
N ASP D 235 -55.79 -0.99 18.65
CA ASP D 235 -55.69 -0.87 20.13
C ASP D 235 -55.51 0.60 20.49
N GLU D 236 -55.43 0.94 21.78
CA GLU D 236 -55.18 2.33 22.20
C GLU D 236 -53.93 2.87 21.49
N TYR D 237 -53.12 1.97 20.91
CA TYR D 237 -51.86 2.40 20.25
C TYR D 237 -52.02 2.32 18.73
N GLY D 238 -53.27 2.41 18.25
CA GLY D 238 -53.53 2.37 16.80
C GLY D 238 -54.95 2.81 16.47
N GLY D 239 -55.20 3.13 15.20
CA GLY D 239 -56.57 3.51 14.78
C GLY D 239 -56.74 5.01 14.69
N SER D 240 -56.32 5.74 15.73
CA SER D 240 -56.45 7.21 15.74
C SER D 240 -55.05 7.83 15.85
N PHE D 241 -54.89 9.09 15.43
CA PHE D 241 -53.60 9.73 15.61
C PHE D 241 -53.33 9.91 17.13
N GLU D 242 -54.39 10.13 17.94
CA GLU D 242 -54.22 10.15 19.40
C GLU D 242 -53.78 8.78 19.88
N ASN D 243 -54.39 7.73 19.31
CA ASN D 243 -53.93 6.38 19.56
C ASN D 243 -52.48 6.22 19.11
N ARG D 244 -52.20 6.58 17.85
CA ARG D 244 -50.87 6.40 17.25
C ARG D 244 -49.78 7.06 18.06
N MET D 245 -50.08 8.22 18.60
CA MET D 245 -49.24 8.96 19.55
C MET D 245 -49.06 8.29 20.90
N ARG D 246 -50.06 7.58 21.41
CA ARG D 246 -50.15 7.29 22.84
C ARG D 246 -48.81 6.87 23.43
N LEU D 247 -48.22 5.79 22.88
CA LEU D 247 -46.94 5.29 23.39
C LEU D 247 -45.84 6.37 23.39
N PRO D 248 -45.55 7.07 22.27
CA PRO D 248 -44.68 8.24 22.37
C PRO D 248 -45.02 9.24 23.46
N LEU D 249 -46.29 9.43 23.77
CA LEU D 249 -46.66 10.28 24.90
C LEU D 249 -46.34 9.62 26.25
N LYS D 250 -46.66 8.33 26.38
CA LYS D 250 -46.35 7.62 27.60
C LYS D 250 -44.85 7.37 27.71
N ILE D 251 -44.15 7.28 26.56
CA ILE D 251 -42.69 7.44 26.56
C ILE D 251 -42.26 8.79 27.13
N ALA D 252 -42.71 9.89 26.51
CA ALA D 252 -42.16 11.17 26.92
C ALA D 252 -42.43 11.46 28.40
N GLN D 253 -43.58 11.03 28.92
CA GLN D 253 -43.90 11.31 30.32
C GLN D 253 -42.99 10.51 31.25
N LEU D 254 -42.94 9.19 31.05
CA LEU D 254 -42.10 8.34 31.90
C LEU D 254 -40.65 8.83 31.87
N THR D 255 -40.17 9.23 30.69
CA THR D 255 -38.82 9.75 30.56
C THR D 255 -38.63 11.03 31.38
N ARG D 256 -39.68 11.83 31.52
CA ARG D 256 -39.65 12.96 32.43
C ARG D 256 -39.82 12.51 33.88
N ASP D 257 -40.65 11.48 34.10
CA ASP D 257 -40.84 10.92 35.44
C ASP D 257 -39.56 10.27 35.96
N THR D 258 -38.90 9.45 35.12
CA THR D 258 -37.74 8.71 35.61
C THR D 258 -36.57 9.64 35.91
N VAL D 259 -36.29 10.60 35.00
CA VAL D 259 -35.18 11.53 35.24
C VAL D 259 -35.65 12.50 36.31
N GLY D 260 -34.74 13.34 36.80
CA GLY D 260 -35.09 14.31 37.81
C GLY D 260 -36.08 15.33 37.31
N GLU D 261 -36.30 16.36 38.13
CA GLU D 261 -37.02 17.55 37.71
C GLU D 261 -36.07 18.65 37.21
N HIS D 262 -34.74 18.43 37.31
CA HIS D 262 -33.74 19.40 36.88
C HIS D 262 -32.80 18.78 35.86
N VAL D 263 -33.38 18.12 34.88
CA VAL D 263 -32.69 17.44 33.80
C VAL D 263 -33.42 17.76 32.49
N PRO D 264 -32.77 18.41 31.54
CA PRO D 264 -33.38 18.65 30.24
C PRO D 264 -33.70 17.35 29.52
N VAL D 265 -34.83 17.35 28.82
CA VAL D 265 -35.26 16.22 28.00
C VAL D 265 -35.63 16.75 26.62
N PHE D 266 -35.13 16.08 25.59
CA PHE D 266 -35.35 16.52 24.22
C PHE D 266 -36.17 15.45 23.51
N LEU D 267 -36.90 15.83 22.45
CA LEU D 267 -37.53 14.83 21.57
C LEU D 267 -37.22 15.16 20.12
N ARG D 268 -36.80 14.14 19.38
CA ARG D 268 -36.45 14.26 17.96
C ARG D 268 -37.48 13.52 17.12
N LEU D 269 -37.99 14.19 16.10
CA LEU D 269 -39.03 13.60 15.26
C LEU D 269 -38.69 13.90 13.80
N SER D 270 -39.32 13.18 12.91
CA SER D 270 -39.18 13.50 11.49
C SER D 270 -40.33 14.39 11.09
N ALA D 271 -40.00 15.56 10.53
CA ALA D 271 -41.02 16.53 10.14
C ALA D 271 -41.71 16.20 8.84
N SER D 272 -41.19 15.22 8.09
CA SER D 272 -41.75 14.86 6.80
C SER D 272 -41.27 13.46 6.45
N ASP D 273 -41.94 12.86 5.48
CA ASP D 273 -41.46 11.62 4.89
C ASP D 273 -41.07 11.79 3.43
N TRP D 274 -41.19 13.01 2.88
CA TRP D 274 -40.85 13.32 1.49
C TRP D 274 -41.52 12.34 0.53
N LEU D 275 -42.83 12.14 0.72
CA LEU D 275 -43.66 11.49 -0.29
C LEU D 275 -44.59 12.51 -0.92
N SER D 279 -50.87 11.06 -1.98
CA SER D 279 -52.28 10.90 -1.49
C SER D 279 -52.29 10.14 -0.17
N THR D 280 -53.32 9.31 0.05
CA THR D 280 -53.44 8.51 1.29
C THR D 280 -53.18 9.40 2.50
N GLU D 281 -52.67 8.83 3.60
CA GLU D 281 -52.31 9.65 4.78
C GLU D 281 -50.78 9.77 4.85
N THR D 282 -50.19 10.68 4.09
CA THR D 282 -48.72 10.90 4.08
C THR D 282 -48.28 11.61 5.35
N TRP D 283 -47.18 11.18 5.97
CA TRP D 283 -46.72 11.97 7.14
C TRP D 283 -46.33 13.36 6.66
N ASP D 284 -47.13 14.37 7.01
CA ASP D 284 -46.86 15.75 6.55
C ASP D 284 -46.46 16.62 7.74
N LEU D 285 -45.82 17.76 7.48
CA LEU D 285 -45.46 18.70 8.57
C LEU D 285 -46.66 18.84 9.50
N GLN D 286 -47.86 18.95 8.92
CA GLN D 286 -49.10 19.07 9.73
C GLN D 286 -49.11 17.94 10.76
N HIS D 287 -49.21 16.70 10.30
CA HIS D 287 -49.17 15.53 11.22
C HIS D 287 -48.15 15.83 12.32
N ALA D 288 -46.96 16.29 11.93
CA ALA D 288 -45.88 16.55 12.92
C ALA D 288 -46.26 17.72 13.84
N VAL D 289 -46.58 18.88 13.26
CA VAL D 289 -46.89 20.08 14.10
C VAL D 289 -48.03 19.71 15.05
N ARG D 290 -48.93 18.83 14.60
CA ARG D 290 -50.01 18.35 15.50
C ARG D 290 -49.38 17.49 16.59
N PHE D 291 -48.39 16.66 16.22
CA PHE D 291 -47.70 15.86 17.23
C PHE D 291 -46.94 16.76 18.17
N ALA D 292 -46.38 17.87 17.67
CA ALA D 292 -45.60 18.76 18.52
C ALA D 292 -46.49 19.50 19.49
N GLU D 293 -47.62 20.00 18.99
CA GLU D 293 -48.55 20.78 19.84
C GLU D 293 -48.84 19.99 21.11
N ALA D 294 -49.19 18.71 20.96
CA ALA D 294 -49.52 17.88 22.14
C ALA D 294 -48.36 17.92 23.13
N LEU D 295 -47.15 17.63 22.66
CA LEU D 295 -45.97 17.60 23.55
C LEU D 295 -45.94 18.88 24.38
N ALA D 296 -46.18 20.03 23.73
CA ALA D 296 -46.18 21.32 24.44
C ALA D 296 -47.18 21.25 25.59
N ASP D 297 -48.40 20.79 25.30
CA ASP D 297 -49.45 20.66 26.35
C ASP D 297 -48.91 19.72 27.44
N GLN D 298 -48.58 18.49 27.07
CA GLN D 298 -48.02 17.51 28.05
C GLN D 298 -47.03 18.25 28.96
N GLY D 299 -46.12 19.04 28.39
CA GLY D 299 -45.19 19.84 29.20
C GLY D 299 -44.00 19.03 29.71
N ALA D 300 -43.85 17.80 29.21
CA ALA D 300 -42.73 16.94 29.64
C ALA D 300 -41.48 17.28 28.83
N ILE D 301 -41.65 17.56 27.53
CA ILE D 301 -40.51 17.88 26.68
C ILE D 301 -40.08 19.33 26.90
N ASP D 302 -38.77 19.58 26.70
CA ASP D 302 -38.29 20.94 26.88
C ASP D 302 -37.87 21.53 25.54
N LEU D 303 -37.50 20.67 24.59
CA LEU D 303 -36.84 21.02 23.34
C LEU D 303 -37.19 19.98 22.30
N VAL D 304 -37.42 20.44 21.07
CA VAL D 304 -37.80 19.57 19.97
C VAL D 304 -36.74 19.63 18.90
N ASP D 305 -36.27 18.46 18.50
CA ASP D 305 -35.23 18.26 17.48
C ASP D 305 -35.92 17.93 16.17
N VAL D 306 -35.98 18.89 15.24
CA VAL D 306 -36.83 18.79 14.07
C VAL D 306 -35.93 18.36 12.89
N SER D 307 -35.80 17.03 12.72
CA SER D 307 -35.22 16.39 11.55
C SER D 307 -36.32 15.90 10.60
N SER D 308 -35.97 15.07 9.63
CA SER D 308 -36.96 14.56 8.68
C SER D 308 -36.47 13.24 8.10
N GLY D 309 -37.37 12.55 7.39
CA GLY D 309 -37.00 11.41 6.58
C GLY D 309 -36.91 10.09 7.34
N GLY D 310 -36.76 9.02 6.56
CA GLY D 310 -36.66 7.68 7.10
C GLY D 310 -37.95 6.99 7.47
N LEU D 311 -39.10 7.64 7.24
CA LEU D 311 -40.37 7.09 7.69
C LEU D 311 -40.90 6.01 6.75
N HIS D 312 -40.67 6.17 5.44
CA HIS D 312 -41.14 5.24 4.42
C HIS D 312 -40.03 5.08 3.39
N SER D 313 -39.89 3.85 2.87
CA SER D 313 -38.84 3.50 1.93
C SER D 313 -38.95 4.27 0.62
N SER D 314 -40.14 4.75 0.28
CA SER D 314 -40.39 5.38 -1.01
C SER D 314 -39.91 6.80 -1.05
N GLN D 315 -39.29 7.21 0.06
CA GLN D 315 -39.04 8.65 0.26
C GLN D 315 -38.23 9.25 -0.87
N GLU D 316 -38.19 10.58 -0.89
CA GLU D 316 -37.90 11.31 -2.04
C GLU D 316 -37.39 12.62 -1.50
N VAL D 317 -36.40 12.55 -0.60
CA VAL D 317 -35.88 13.70 0.16
C VAL D 317 -35.00 14.58 -0.72
N LYS D 318 -35.12 15.95 -0.69
CA LYS D 318 -34.21 16.82 -1.44
C LYS D 318 -33.25 17.44 -0.42
N SER D 319 -31.99 17.05 -0.53
CA SER D 319 -30.87 17.65 0.15
C SER D 319 -30.55 19.05 -0.37
N GLY D 320 -30.17 19.91 0.55
CA GLY D 320 -29.76 21.27 0.27
C GLY D 320 -29.18 21.89 1.52
N PRO D 321 -28.63 23.08 1.41
CA PRO D 321 -28.07 23.77 2.55
C PRO D 321 -29.25 24.34 3.37
N GLY D 322 -29.42 23.86 4.60
CA GLY D 322 -30.55 24.27 5.41
C GLY D 322 -31.85 23.65 4.96
N PHE D 323 -31.80 22.47 4.32
CA PHE D 323 -32.96 21.95 3.62
C PHE D 323 -34.11 21.57 4.56
N GLN D 324 -33.90 21.47 5.87
CA GLN D 324 -34.97 21.10 6.79
C GLN D 324 -35.10 22.09 7.95
N ALA D 325 -34.75 23.34 7.67
CA ALA D 325 -35.01 24.53 8.47
C ALA D 325 -36.43 25.08 8.26
N PRO D 326 -37.04 25.01 7.02
CA PRO D 326 -38.46 25.38 6.96
C PRO D 326 -39.23 24.67 8.04
N PHE D 327 -38.85 23.42 8.28
CA PHE D 327 -39.65 22.55 9.12
C PHE D 327 -39.46 22.93 10.58
N GLY D 328 -38.33 23.55 10.91
CA GLY D 328 -38.11 24.01 12.27
C GLY D 328 -38.84 25.31 12.56
N ILE D 329 -38.74 26.26 11.63
CA ILE D 329 -39.50 27.52 11.69
C ILE D 329 -40.98 27.25 11.91
N ALA D 330 -41.54 26.35 11.10
CA ALA D 330 -42.95 26.01 11.17
C ALA D 330 -43.34 25.49 12.56
N VAL D 331 -42.58 24.54 13.08
CA VAL D 331 -42.91 23.93 14.37
C VAL D 331 -42.83 24.98 15.48
N LYS D 332 -41.99 26.01 15.32
CA LYS D 332 -41.78 26.93 16.42
C LYS D 332 -42.86 28.00 16.44
N LYS D 333 -43.35 28.36 15.25
CA LYS D 333 -44.45 29.34 15.16
C LYS D 333 -45.68 28.74 15.82
N ALA D 334 -45.63 27.43 16.11
CA ALA D 334 -46.81 26.75 16.68
C ALA D 334 -46.52 26.32 18.11
N VAL D 335 -45.37 26.73 18.66
CA VAL D 335 -44.99 26.31 20.04
C VAL D 335 -44.45 27.52 20.79
N GLY D 336 -43.91 28.50 20.07
CA GLY D 336 -43.32 29.68 20.73
C GLY D 336 -42.61 29.30 22.02
N GLU D 337 -42.79 30.07 23.08
CA GLU D 337 -42.04 29.81 24.34
C GLU D 337 -42.46 28.48 24.99
N ARG D 338 -43.55 27.86 24.53
CA ARG D 338 -44.03 26.62 25.19
C ARG D 338 -42.88 25.61 25.24
N MET D 339 -42.38 25.20 24.08
CA MET D 339 -41.20 24.30 24.04
C MET D 339 -40.06 25.04 23.34
N LEU D 340 -38.96 24.36 23.01
CA LEU D 340 -37.85 24.99 22.26
C LEU D 340 -37.58 24.12 21.02
N VAL D 341 -37.13 24.70 19.92
CA VAL D 341 -36.93 23.82 18.77
C VAL D 341 -35.49 23.95 18.29
N ALA D 342 -34.91 22.79 17.94
CA ALA D 342 -33.60 22.69 17.32
C ALA D 342 -33.74 22.22 15.87
N THR D 343 -32.86 22.72 15.03
CA THR D 343 -32.88 22.30 13.64
C THR D 343 -31.55 21.64 13.28
N VAL D 344 -31.59 20.85 12.21
CA VAL D 344 -30.36 20.16 11.72
C VAL D 344 -30.49 20.06 10.21
N GLY D 345 -29.40 19.87 9.47
CA GLY D 345 -29.53 19.67 8.01
C GLY D 345 -28.62 20.55 7.19
N HIS D 346 -27.45 20.04 6.81
CA HIS D 346 -26.49 20.79 5.96
C HIS D 346 -26.36 22.24 6.43
N ILE D 347 -26.44 22.49 7.74
CA ILE D 347 -26.18 23.86 8.26
C ILE D 347 -24.66 23.98 8.27
N ARG D 348 -24.07 24.42 7.16
CA ARG D 348 -22.59 24.39 7.07
C ARG D 348 -21.97 25.79 7.14
N ASP D 349 -22.52 26.69 7.94
CA ASP D 349 -21.99 28.08 7.97
C ASP D 349 -22.50 28.82 9.20
N GLY D 350 -21.63 29.63 9.79
CA GLY D 350 -22.01 30.43 10.95
C GLY D 350 -23.17 31.38 10.60
N LYS D 351 -23.00 32.13 9.50
CA LYS D 351 -24.02 33.10 9.04
C LYS D 351 -25.42 32.42 9.04
N LEU D 352 -25.55 31.40 8.18
CA LEU D 352 -26.72 30.56 8.11
C LEU D 352 -27.18 30.14 9.48
N ALA D 353 -26.29 29.55 10.28
CA ALA D 353 -26.72 28.99 11.55
C ALA D 353 -27.22 30.10 12.46
N ASN D 354 -26.55 31.26 12.44
CA ASN D 354 -27.03 32.34 13.28
C ASN D 354 -28.31 33.01 12.77
N ARG D 355 -28.59 33.02 11.46
CA ARG D 355 -29.80 33.75 11.08
C ARG D 355 -31.00 32.86 11.33
N LEU D 356 -30.81 31.55 11.24
CA LEU D 356 -31.79 30.67 11.84
C LEU D 356 -32.03 30.97 13.32
N LEU D 357 -31.14 31.72 13.95
CA LEU D 357 -31.30 31.95 15.40
C LEU D 357 -31.76 33.39 15.64
N GLU D 358 -31.32 34.34 14.81
CA GLU D 358 -31.64 35.77 15.03
C GLU D 358 -32.62 36.28 13.96
N GLU D 359 -33.25 35.39 13.19
CA GLU D 359 -34.25 35.87 12.21
C GLU D 359 -35.43 34.90 12.19
N GLU D 360 -35.16 33.63 11.92
CA GLU D 360 -36.24 32.62 11.91
C GLU D 360 -36.62 32.32 13.35
N GLY D 361 -35.99 33.03 14.29
CA GLY D 361 -36.33 32.87 15.71
C GLY D 361 -36.31 31.42 16.14
N LEU D 362 -35.16 30.76 16.00
CA LEU D 362 -35.03 29.37 16.50
C LEU D 362 -34.18 29.40 17.76
N ASP D 363 -33.96 28.25 18.40
CA ASP D 363 -33.24 28.22 19.67
C ASP D 363 -31.90 27.53 19.58
N VAL D 364 -31.81 26.37 18.92
CA VAL D 364 -30.61 25.55 18.95
C VAL D 364 -30.30 25.06 17.53
N VAL D 365 -29.01 25.04 17.21
CA VAL D 365 -28.51 24.56 15.92
C VAL D 365 -27.69 23.32 16.18
N LEU D 366 -28.06 22.23 15.54
CA LEU D 366 -27.31 20.99 15.59
C LEU D 366 -26.64 20.72 14.24
N VAL D 367 -25.40 20.23 14.28
CA VAL D 367 -24.65 19.83 13.08
C VAL D 367 -24.11 18.43 13.31
N GLY D 368 -24.12 17.63 12.24
CA GLY D 368 -23.63 16.26 12.23
C GLY D 368 -22.36 16.12 11.44
N ARG D 369 -22.50 15.94 10.12
CA ARG D 369 -21.34 15.67 9.28
C ARG D 369 -20.25 16.73 9.43
N GLY D 370 -20.63 18.01 9.53
CA GLY D 370 -19.65 19.07 9.65
C GLY D 370 -18.71 18.92 10.84
N PHE D 371 -19.21 18.36 11.94
CA PHE D 371 -18.33 18.02 13.06
C PHE D 371 -17.42 16.84 12.73
N GLN D 372 -17.91 15.85 11.98
CA GLN D 372 -17.08 14.71 11.61
C GLN D 372 -15.90 15.12 10.75
N LYS D 373 -16.07 16.16 9.93
CA LYS D 373 -15.00 16.71 9.12
C LYS D 373 -14.29 17.87 9.82
N ASP D 374 -14.94 18.50 10.79
CA ASP D 374 -14.38 19.66 11.50
C ASP D 374 -14.75 19.55 12.98
N PRO D 375 -13.95 18.76 13.75
CA PRO D 375 -14.11 18.74 15.22
C PRO D 375 -13.97 20.13 15.82
N GLY D 376 -13.42 21.06 15.05
CA GLY D 376 -13.24 22.43 15.48
C GLY D 376 -14.29 23.36 14.92
N LEU D 377 -15.46 22.79 14.59
CA LEU D 377 -16.56 23.54 13.98
C LEU D 377 -16.94 24.79 14.80
N VAL D 378 -16.89 24.69 16.13
CA VAL D 378 -17.23 25.84 16.96
C VAL D 378 -16.23 26.97 16.70
N TRP D 379 -14.96 26.60 16.59
CA TRP D 379 -13.91 27.56 16.28
C TRP D 379 -14.13 28.15 14.90
N THR D 380 -14.75 27.39 14.00
CA THR D 380 -14.86 27.83 12.61
C THR D 380 -16.05 28.76 12.44
N PHE D 381 -17.22 28.32 12.90
CA PHE D 381 -18.36 29.23 12.94
C PHE D 381 -18.02 30.51 13.66
N ALA D 382 -17.14 30.47 14.67
CA ALA D 382 -16.81 31.70 15.39
C ALA D 382 -16.05 32.67 14.49
N GLN D 383 -15.11 32.14 13.71
CA GLN D 383 -14.49 32.97 12.69
C GLN D 383 -15.51 33.49 11.67
N HIS D 384 -16.60 32.74 11.44
CA HIS D 384 -17.59 33.22 10.48
C HIS D 384 -18.22 34.50 10.95
N LEU D 385 -18.62 34.53 12.23
CA LEU D 385 -19.33 35.62 12.86
C LEU D 385 -18.39 36.64 13.51
N ASP D 386 -17.08 36.43 13.42
CA ASP D 386 -16.08 37.31 14.01
C ASP D 386 -16.17 37.40 15.55
N VAL D 387 -16.66 36.32 16.19
CA VAL D 387 -16.71 36.20 17.65
C VAL D 387 -15.34 35.82 18.20
N GLU D 388 -15.14 36.04 19.50
CA GLU D 388 -13.97 35.59 20.24
C GLU D 388 -14.41 34.49 21.20
N VAL D 389 -13.81 33.31 21.08
CA VAL D 389 -14.24 32.19 21.91
C VAL D 389 -13.13 31.59 22.74
N ALA D 390 -13.54 30.97 23.83
CA ALA D 390 -12.64 30.21 24.67
C ALA D 390 -12.23 28.93 23.96
N MET D 391 -10.96 28.57 24.09
CA MET D 391 -10.36 27.34 23.64
C MET D 391 -9.49 26.82 24.79
N PRO D 392 -9.30 25.50 24.91
CA PRO D 392 -8.57 24.97 26.07
C PRO D 392 -7.15 25.54 26.17
N GLY D 393 -6.59 25.44 27.38
CA GLY D 393 -5.24 25.92 27.58
C GLY D 393 -4.23 25.24 26.69
N GLN D 394 -4.45 23.96 26.39
CA GLN D 394 -3.54 23.18 25.54
C GLN D 394 -3.62 23.55 24.06
N ILE D 395 -4.76 24.09 23.59
CA ILE D 395 -4.94 24.46 22.19
C ILE D 395 -4.63 25.94 21.93
N ARG D 396 -4.78 26.78 22.93
CA ARG D 396 -4.85 28.20 22.59
C ARG D 396 -3.52 28.93 22.67
N TRP D 397 -2.52 28.43 23.41
CA TRP D 397 -1.40 29.31 23.74
C TRP D 397 -0.50 29.58 22.53
N GLY D 398 -0.40 28.65 21.57
CA GLY D 398 0.35 28.94 20.35
C GLY D 398 -0.37 29.84 19.36
N PHE D 399 -1.69 29.98 19.52
CA PHE D 399 -2.48 30.87 18.63
C PHE D 399 -2.55 32.26 19.26
N SER D 400 -1.91 32.43 20.41
CA SER D 400 -1.99 33.72 21.13
C SER D 400 -0.77 34.58 20.84
N LYS D 401 -0.97 35.87 20.65
CA LYS D 401 0.16 36.81 20.52
C LYS D 401 0.31 37.49 21.88
N GLN D 402 0.99 38.63 21.94
CA GLN D 402 1.36 39.23 23.25
C GLN D 402 0.12 39.78 23.95
N GLY D 406 -2.92 36.78 29.69
CA GLY D 406 -3.28 35.83 28.65
C GLY D 406 -4.73 35.38 28.73
N THR D 407 -5.53 35.84 27.76
CA THR D 407 -6.95 35.54 27.79
C THR D 407 -7.21 34.09 27.35
N PRO D 408 -8.29 33.47 27.87
CA PRO D 408 -8.69 32.16 27.35
C PRO D 408 -9.43 32.30 26.03
N PHE D 409 -9.43 33.48 25.44
CA PHE D 409 -10.18 33.78 24.22
C PHE D 409 -9.22 34.06 23.07
N VAL D 410 -9.52 33.52 21.89
CA VAL D 410 -8.67 33.64 20.70
C VAL D 410 -9.34 34.50 19.64
N ASP D 411 -8.53 35.41 19.08
CA ASP D 411 -9.02 36.33 18.03
C ASP D 411 -9.57 35.52 16.86
N PRO D 412 -10.81 35.74 16.39
CA PRO D 412 -11.32 35.03 15.21
C PRO D 412 -10.43 35.35 14.01
N SER D 413 -9.44 36.24 14.19
CA SER D 413 -8.58 36.66 13.06
C SER D 413 -7.26 35.87 13.09
N VAL D 414 -7.09 34.98 14.07
CA VAL D 414 -5.80 34.25 14.21
C VAL D 414 -5.52 33.45 12.94
N TYR D 415 -6.36 32.48 12.58
CA TYR D 415 -5.99 31.67 11.39
C TYR D 415 -6.85 32.08 10.19
N LYS D 416 -7.53 31.11 9.55
CA LYS D 416 -8.33 31.42 8.34
C LYS D 416 -9.52 30.45 8.27
#